data_5WED
#
_entry.id   5WED
#
_cell.length_a   72.804
_cell.length_b   113.570
_cell.length_c   129.781
_cell.angle_alpha   90.00
_cell.angle_beta   91.02
_cell.angle_gamma   90.00
#
_symmetry.space_group_name_H-M   'P 1 21 1'
#
loop_
_entity.id
_entity.type
_entity.pdbx_description
1 polymer 'FAD-dependent pyridine nucleotide-disulfide oxidoreductase'
2 non-polymer 'FLAVIN-ADENINE DINUCLEOTIDE'
3 water water
#
_entity_poly.entity_id   1
_entity_poly.type   'polypeptide(L)'
_entity_poly.pdbx_seq_one_letter_code
;MSKPSIVILGAGYGGIVAALGLQKRLNYNEADITLVNKNDYHYITTELHQPAAGTMHHDQARVGIKELIDEKKIKFVKDT
VVAIDREQQKVTLQNGELHYDYLVVGLGSEPETFGIEGLREHAFSINSINSVRIIRQHIEYQFAKFAAEPERTDYLTIVV
GGAGFTGIEFVGELADRMPELCAEYDVDPKLVRIINVEAAPTVLPGFDPALVNYAMDVLGGKGVEFKIGTPIKRCTPEGV
VIEVDGEEEEIKAATVVWTGGVRGNSIVEKSGFETMRGRIKVDPYLRAPGHENIFIVGDCALIINEENNRPYPPTAQIAI
QHGENVAANLAALIRGGSMTPFKPHIRGTVASLGRNDAIGIVGGRKVYGHAASWLKKLIDMRYLYLIGGLSLVLKKGRFH
HHHHH
;
_entity_poly.pdbx_strand_id   B,A,C,D
#
loop_
_chem_comp.id
_chem_comp.type
_chem_comp.name
_chem_comp.formula
FAD non-polymer 'FLAVIN-ADENINE DINUCLEOTIDE' 'C27 H33 N9 O15 P2'
#
# COMPACT_ATOMS: atom_id res chain seq x y z
N LYS A 3 50.91 -15.44 -9.58
CA LYS A 3 49.47 -15.61 -9.45
C LYS A 3 48.88 -16.33 -10.66
N PRO A 4 48.36 -17.55 -10.45
CA PRO A 4 47.77 -18.38 -11.51
C PRO A 4 46.42 -17.86 -11.94
N SER A 5 46.06 -18.06 -13.21
CA SER A 5 44.78 -17.59 -13.73
C SER A 5 43.74 -18.70 -13.85
N ILE A 6 42.69 -18.57 -13.04
CA ILE A 6 41.56 -19.49 -13.10
C ILE A 6 40.40 -18.85 -13.85
N VAL A 7 39.95 -19.49 -14.92
CA VAL A 7 38.84 -18.99 -15.71
C VAL A 7 37.65 -19.93 -15.63
N ILE A 8 36.51 -19.39 -15.21
CA ILE A 8 35.29 -20.18 -15.09
C ILE A 8 34.30 -19.77 -16.17
N LEU A 9 33.90 -20.73 -17.01
CA LEU A 9 33.01 -20.47 -18.13
C LEU A 9 31.58 -20.87 -17.82
N GLY A 10 30.72 -19.88 -17.60
CA GLY A 10 29.32 -20.13 -17.31
C GLY A 10 29.04 -19.96 -15.84
N ALA A 11 28.13 -19.04 -15.52
CA ALA A 11 27.76 -18.81 -14.12
C ALA A 11 26.44 -19.47 -13.78
N GLY A 12 26.35 -20.77 -14.05
CA GLY A 12 25.17 -21.55 -13.69
C GLY A 12 25.39 -22.19 -12.33
N TYR A 13 24.69 -23.28 -12.06
CA TYR A 13 24.84 -23.99 -10.80
C TYR A 13 26.28 -24.43 -10.55
N GLY A 14 26.90 -25.04 -11.55
CA GLY A 14 28.26 -25.51 -11.42
C GLY A 14 29.27 -24.38 -11.24
N GLY A 15 29.16 -23.36 -12.10
CA GLY A 15 30.11 -22.26 -12.10
C GLY A 15 30.00 -21.32 -10.92
N ILE A 16 28.78 -20.97 -10.53
CA ILE A 16 28.57 -20.05 -9.41
C ILE A 16 29.08 -20.68 -8.12
N VAL A 17 28.74 -21.95 -7.91
CA VAL A 17 29.16 -22.67 -6.73
C VAL A 17 30.68 -22.81 -6.70
N ALA A 18 31.27 -23.11 -7.86
CA ALA A 18 32.72 -23.20 -7.97
C ALA A 18 33.39 -21.86 -7.67
N ALA A 19 32.82 -20.79 -8.23
CA ALA A 19 33.36 -19.45 -8.04
C ALA A 19 33.27 -19.01 -6.58
N LEU A 20 32.11 -19.23 -5.96
CA LEU A 20 31.91 -18.85 -4.57
C LEU A 20 32.75 -19.71 -3.63
N GLY A 21 32.98 -20.96 -4.02
CA GLY A 21 33.83 -21.86 -3.25
C GLY A 21 35.27 -21.39 -3.21
N LEU A 22 35.80 -21.02 -4.37
CA LEU A 22 37.16 -20.49 -4.47
C LEU A 22 37.28 -19.20 -3.70
N GLN A 23 36.23 -18.39 -3.77
CA GLN A 23 36.14 -17.15 -3.03
C GLN A 23 36.29 -17.37 -1.52
N LYS A 24 35.64 -18.42 -1.02
CA LYS A 24 35.64 -18.72 0.41
C LYS A 24 36.92 -19.42 0.87
N ARG A 25 37.57 -20.12 -0.04
CA ARG A 25 38.73 -20.93 0.33
C ARG A 25 40.06 -20.21 0.14
N LEU A 26 40.13 -19.30 -0.83
CA LEU A 26 41.41 -18.68 -1.14
C LEU A 26 41.53 -17.28 -0.56
N ASN A 27 42.73 -16.93 -0.13
CA ASN A 27 43.07 -15.58 0.30
C ASN A 27 43.25 -14.68 -0.90
N TYR A 28 43.36 -13.38 -0.66
CA TYR A 28 43.54 -12.42 -1.74
C TYR A 28 44.90 -12.66 -2.39
N ASN A 29 44.99 -12.38 -3.70
CA ASN A 29 46.21 -12.53 -4.48
C ASN A 29 46.81 -13.94 -4.58
N GLU A 30 46.03 -14.97 -4.25
CA GLU A 30 46.52 -16.34 -4.38
C GLU A 30 46.35 -16.81 -5.81
N ALA A 31 45.36 -16.23 -6.49
CA ALA A 31 45.06 -16.59 -7.88
C ALA A 31 44.15 -15.55 -8.50
N ASP A 32 44.25 -15.40 -9.83
CA ASP A 32 43.29 -14.59 -10.57
C ASP A 32 42.08 -15.42 -10.92
N ILE A 33 40.90 -14.91 -10.57
CA ILE A 33 39.66 -15.63 -10.87
C ILE A 33 38.77 -14.81 -11.77
N THR A 34 38.53 -15.32 -12.98
CA THR A 34 37.66 -14.65 -13.92
C THR A 34 36.44 -15.50 -14.18
N LEU A 35 35.26 -14.89 -14.00
CA LEU A 35 34.00 -15.59 -14.22
C LEU A 35 33.32 -15.02 -15.45
N VAL A 36 33.07 -15.88 -16.43
CA VAL A 36 32.45 -15.46 -17.68
C VAL A 36 31.02 -15.96 -17.78
N ASN A 37 30.11 -15.04 -18.13
CA ASN A 37 28.71 -15.38 -18.32
C ASN A 37 28.08 -14.43 -19.33
N LYS A 38 27.20 -14.96 -20.19
CA LYS A 38 26.62 -14.13 -21.24
C LYS A 38 25.64 -13.11 -20.67
N ASN A 39 25.14 -13.36 -19.46
CA ASN A 39 24.28 -12.41 -18.78
C ASN A 39 24.92 -11.95 -17.48
N ASP A 40 24.49 -10.78 -16.97
CA ASP A 40 25.01 -10.30 -15.69
C ASP A 40 24.22 -10.91 -14.54
N TYR A 41 23.30 -11.80 -14.87
CA TYR A 41 22.49 -12.46 -13.86
C TYR A 41 22.63 -13.99 -13.92
N HIS A 42 22.46 -14.61 -12.77
CA HIS A 42 22.41 -16.06 -12.64
C HIS A 42 20.96 -16.48 -12.49
N TYR A 43 20.47 -17.37 -13.34
CA TYR A 43 19.07 -17.78 -13.20
C TYR A 43 18.91 -19.14 -12.55
N ILE A 44 17.84 -19.27 -11.78
CA ILE A 44 17.51 -20.51 -11.09
C ILE A 44 16.82 -21.44 -12.08
N THR A 45 17.64 -22.20 -12.81
CA THR A 45 17.16 -23.00 -13.93
C THR A 45 16.03 -23.96 -13.55
N THR A 46 16.05 -24.47 -12.33
CA THR A 46 15.05 -25.44 -11.89
C THR A 46 13.66 -24.84 -11.67
N GLU A 47 13.58 -23.52 -11.70
CA GLU A 47 12.31 -22.83 -11.49
C GLU A 47 11.71 -22.26 -12.79
N LEU A 48 12.43 -22.43 -13.89
CA LEU A 48 12.08 -21.76 -15.15
C LEU A 48 10.73 -22.17 -15.74
N HIS A 49 10.21 -23.33 -15.35
CA HIS A 49 8.91 -23.78 -15.85
C HIS A 49 7.77 -22.88 -15.37
N GLN A 50 7.97 -22.21 -14.23
CA GLN A 50 6.94 -21.33 -13.69
C GLN A 50 6.77 -20.02 -14.50
N PRO A 51 7.86 -19.26 -14.73
CA PRO A 51 7.63 -18.07 -15.57
C PRO A 51 7.26 -18.41 -17.00
N ALA A 52 7.69 -19.57 -17.49
CA ALA A 52 7.31 -20.03 -18.82
C ALA A 52 5.81 -20.19 -18.92
N ALA A 53 5.17 -20.59 -17.82
CA ALA A 53 3.73 -20.75 -17.78
C ALA A 53 3.06 -19.49 -17.22
N GLY A 54 3.87 -18.55 -16.76
CA GLY A 54 3.35 -17.29 -16.23
C GLY A 54 2.77 -17.41 -14.84
N THR A 55 3.16 -18.44 -14.10
CA THR A 55 2.67 -18.65 -12.74
C THR A 55 3.58 -18.00 -11.71
N MET A 56 4.75 -17.55 -12.15
CA MET A 56 5.68 -16.80 -11.32
C MET A 56 6.46 -15.81 -12.16
N HIS A 57 6.66 -14.59 -11.65
CA HIS A 57 7.43 -13.59 -12.39
C HIS A 57 8.89 -14.05 -12.52
N HIS A 58 9.47 -13.78 -13.68
CA HIS A 58 10.82 -14.28 -14.00
C HIS A 58 11.91 -13.71 -13.09
N ASP A 59 11.70 -12.52 -12.54
CA ASP A 59 12.67 -11.92 -11.62
C ASP A 59 12.82 -12.73 -10.35
N GLN A 60 11.83 -13.56 -10.05
CA GLN A 60 11.87 -14.45 -8.89
C GLN A 60 12.85 -15.60 -9.15
N ALA A 61 13.23 -15.76 -10.42
CA ALA A 61 14.06 -16.88 -10.83
C ALA A 61 15.45 -16.46 -11.31
N ARG A 62 15.91 -15.30 -10.87
CA ARG A 62 17.26 -14.86 -11.22
C ARG A 62 17.83 -13.89 -10.19
N VAL A 63 19.15 -13.76 -10.18
CA VAL A 63 19.83 -12.89 -9.24
C VAL A 63 21.08 -12.31 -9.89
N GLY A 64 21.37 -11.04 -9.60
CA GLY A 64 22.56 -10.39 -10.12
C GLY A 64 23.83 -11.06 -9.64
N ILE A 65 24.75 -11.33 -10.56
CA ILE A 65 25.99 -12.00 -10.23
C ILE A 65 26.89 -11.12 -9.35
N LYS A 66 26.93 -9.83 -9.66
CA LYS A 66 27.75 -8.89 -8.89
C LYS A 66 27.34 -8.84 -7.42
N GLU A 67 26.06 -9.12 -7.15
CA GLU A 67 25.55 -9.11 -5.78
C GLU A 67 26.01 -10.32 -5.00
N LEU A 68 26.44 -11.37 -5.70
CA LEU A 68 26.85 -12.62 -5.06
C LEU A 68 28.34 -12.69 -4.79
N ILE A 69 29.14 -12.10 -5.68
CA ILE A 69 30.58 -12.27 -5.62
C ILE A 69 31.34 -11.08 -5.01
N ASP A 70 32.59 -11.32 -4.66
CA ASP A 70 33.49 -10.29 -4.17
C ASP A 70 34.34 -9.79 -5.33
N GLU A 71 34.09 -8.56 -5.77
CA GLU A 71 34.77 -7.98 -6.91
C GLU A 71 36.28 -7.93 -6.73
N LYS A 72 36.73 -7.91 -5.48
CA LYS A 72 38.16 -7.87 -5.17
C LYS A 72 38.79 -9.25 -5.34
N LYS A 73 37.98 -10.29 -5.38
CA LYS A 73 38.47 -11.66 -5.51
C LYS A 73 38.15 -12.25 -6.88
N ILE A 74 36.99 -11.91 -7.41
CA ILE A 74 36.55 -12.44 -8.69
C ILE A 74 36.23 -11.33 -9.68
N LYS A 75 36.89 -11.37 -10.85
CA LYS A 75 36.61 -10.43 -11.92
C LYS A 75 35.54 -11.00 -12.82
N PHE A 76 34.36 -10.38 -12.82
CA PHE A 76 33.26 -10.86 -13.65
C PHE A 76 33.33 -10.30 -15.06
N VAL A 77 33.21 -11.16 -16.05
CA VAL A 77 33.21 -10.74 -17.44
C VAL A 77 31.91 -11.15 -18.13
N LYS A 78 31.14 -10.16 -18.55
CA LYS A 78 29.91 -10.40 -19.28
C LYS A 78 30.18 -10.52 -20.76
N ASP A 79 30.24 -11.75 -21.27
CA ASP A 79 30.51 -11.98 -22.68
C ASP A 79 30.09 -13.40 -23.06
N THR A 80 30.04 -13.67 -24.36
CA THR A 80 29.63 -14.96 -24.86
C THR A 80 30.82 -15.78 -25.34
N VAL A 81 31.01 -16.95 -24.73
CA VAL A 81 32.08 -17.86 -25.14
C VAL A 81 31.80 -18.39 -26.55
N VAL A 82 32.81 -18.38 -27.40
CA VAL A 82 32.67 -18.85 -28.78
C VAL A 82 33.42 -20.16 -28.99
N ALA A 83 34.64 -20.25 -28.48
CA ALA A 83 35.46 -21.43 -28.66
C ALA A 83 36.53 -21.56 -27.58
N ILE A 84 37.02 -22.78 -27.40
CA ILE A 84 38.13 -23.04 -26.47
C ILE A 84 39.31 -23.63 -27.22
N ASP A 85 40.47 -22.99 -27.10
CA ASP A 85 41.69 -23.51 -27.72
C ASP A 85 42.53 -24.20 -26.64
N ARG A 86 42.48 -25.52 -26.64
CA ARG A 86 43.16 -26.32 -25.62
C ARG A 86 44.68 -26.20 -25.68
N GLU A 87 45.22 -26.18 -26.89
CA GLU A 87 46.66 -26.11 -27.09
C GLU A 87 47.26 -24.80 -26.57
N GLN A 88 46.63 -23.70 -26.93
CA GLN A 88 47.09 -22.38 -26.50
C GLN A 88 46.56 -22.01 -25.12
N GLN A 89 45.65 -22.83 -24.59
CA GLN A 89 44.96 -22.54 -23.33
C GLN A 89 44.34 -21.15 -23.36
N LYS A 90 43.58 -20.89 -24.42
CA LYS A 90 42.94 -19.61 -24.62
C LYS A 90 41.45 -19.78 -24.92
N VAL A 91 40.62 -18.97 -24.29
CA VAL A 91 39.19 -18.98 -24.54
C VAL A 91 38.80 -17.80 -25.42
N THR A 92 38.11 -18.08 -26.53
CA THR A 92 37.69 -17.04 -27.45
C THR A 92 36.26 -16.57 -27.15
N LEU A 93 36.10 -15.27 -26.96
CA LEU A 93 34.80 -14.68 -26.70
C LEU A 93 34.35 -13.85 -27.89
N GLN A 94 33.10 -13.40 -27.89
CA GLN A 94 32.58 -12.57 -28.97
C GLN A 94 33.25 -11.21 -29.01
N ASN A 95 33.69 -10.73 -27.86
CA ASN A 95 34.28 -9.39 -27.76
C ASN A 95 35.64 -9.38 -27.09
N GLY A 96 36.38 -10.48 -27.21
CA GLY A 96 37.74 -10.55 -26.69
C GLY A 96 38.27 -11.96 -26.53
N GLU A 97 39.35 -12.08 -25.78
CA GLU A 97 39.99 -13.37 -25.55
C GLU A 97 40.55 -13.46 -24.14
N LEU A 98 40.64 -14.68 -23.61
CA LEU A 98 41.16 -14.91 -22.27
C LEU A 98 42.13 -16.08 -22.25
N HIS A 99 43.19 -15.94 -21.46
CA HIS A 99 44.13 -17.04 -21.25
C HIS A 99 43.98 -17.57 -19.84
N TYR A 100 44.27 -18.85 -19.65
CA TYR A 100 44.10 -19.47 -18.35
C TYR A 100 45.23 -20.43 -18.00
N ASP A 101 45.44 -20.62 -16.71
CA ASP A 101 46.29 -21.70 -16.21
C ASP A 101 45.39 -22.85 -15.80
N TYR A 102 44.20 -22.51 -15.31
CA TYR A 102 43.18 -23.50 -14.97
C TYR A 102 41.84 -23.10 -15.56
N LEU A 103 41.12 -24.07 -16.12
CA LEU A 103 39.83 -23.79 -16.74
C LEU A 103 38.71 -24.61 -16.11
N VAL A 104 37.59 -23.95 -15.83
CA VAL A 104 36.40 -24.63 -15.35
C VAL A 104 35.26 -24.40 -16.33
N VAL A 105 34.79 -25.47 -16.95
CA VAL A 105 33.74 -25.37 -17.97
C VAL A 105 32.38 -25.72 -17.39
N GLY A 106 31.51 -24.72 -17.30
CA GLY A 106 30.17 -24.93 -16.81
C GLY A 106 29.14 -24.24 -17.69
N LEU A 107 29.23 -24.50 -18.99
CA LEU A 107 28.40 -23.82 -19.96
C LEU A 107 26.99 -24.40 -20.05
N GLY A 108 26.73 -25.45 -19.30
CA GLY A 108 25.40 -26.02 -19.23
C GLY A 108 24.99 -26.81 -20.45
N SER A 109 23.69 -27.05 -20.58
CA SER A 109 23.15 -27.82 -21.70
C SER A 109 22.66 -26.94 -22.84
N GLU A 110 22.46 -27.57 -24.00
CA GLU A 110 21.70 -26.99 -25.08
C GLU A 110 20.68 -28.04 -25.50
N PRO A 111 19.58 -27.62 -26.14
CA PRO A 111 18.55 -28.59 -26.55
C PRO A 111 19.06 -29.62 -27.56
N GLU A 112 18.60 -30.86 -27.42
CA GLU A 112 18.88 -31.90 -28.40
C GLU A 112 17.58 -32.30 -29.09
N THR A 113 17.47 -32.01 -30.38
CA THR A 113 16.25 -32.26 -31.13
C THR A 113 16.36 -33.47 -32.04
N PHE A 114 17.52 -34.13 -32.02
CA PHE A 114 17.75 -35.39 -32.73
C PHE A 114 17.51 -35.27 -34.24
N GLY A 115 17.70 -34.08 -34.78
CA GLY A 115 17.54 -33.86 -36.21
C GLY A 115 16.10 -33.93 -36.68
N ILE A 116 15.15 -33.88 -35.74
CA ILE A 116 13.74 -33.89 -36.10
C ILE A 116 13.38 -32.60 -36.82
N GLU A 117 12.84 -32.74 -38.02
CA GLU A 117 12.55 -31.62 -38.91
C GLU A 117 11.67 -30.54 -38.28
N GLY A 118 12.15 -29.30 -38.32
CA GLY A 118 11.38 -28.14 -37.90
C GLY A 118 11.39 -27.91 -36.40
N LEU A 119 11.92 -28.86 -35.65
CA LEU A 119 11.88 -28.79 -34.20
C LEU A 119 12.76 -27.66 -33.67
N ARG A 120 14.00 -27.57 -34.15
CA ARG A 120 14.92 -26.52 -33.70
C ARG A 120 14.40 -25.12 -34.02
N GLU A 121 13.75 -24.98 -35.17
CA GLU A 121 13.34 -23.65 -35.63
C GLU A 121 11.92 -23.22 -35.19
N HIS A 122 11.02 -24.17 -34.98
CA HIS A 122 9.63 -23.81 -34.73
C HIS A 122 9.13 -24.18 -33.31
N ALA A 123 9.96 -24.86 -32.54
CA ALA A 123 9.60 -25.18 -31.15
C ALA A 123 10.40 -24.34 -30.17
N PHE A 124 9.87 -24.22 -28.95
CA PHE A 124 10.48 -23.42 -27.90
C PHE A 124 11.15 -24.29 -26.84
N SER A 125 12.15 -23.74 -26.16
CA SER A 125 12.82 -24.45 -25.08
C SER A 125 12.75 -23.68 -23.77
N ILE A 126 12.71 -24.41 -22.66
CA ILE A 126 12.74 -23.82 -21.33
C ILE A 126 14.15 -23.95 -20.76
N ASN A 127 15.00 -22.96 -21.01
CA ASN A 127 16.39 -23.07 -20.56
C ASN A 127 17.08 -21.75 -20.25
N SER A 128 16.32 -20.66 -20.23
CA SER A 128 16.88 -19.36 -19.85
C SER A 128 15.74 -18.39 -19.49
N ILE A 129 16.11 -17.24 -18.95
CA ILE A 129 15.12 -16.20 -18.64
C ILE A 129 14.51 -15.66 -19.93
N ASN A 130 15.37 -15.44 -20.93
CA ASN A 130 14.90 -14.96 -22.22
C ASN A 130 13.91 -15.92 -22.87
N SER A 131 14.23 -17.21 -22.83
CA SER A 131 13.42 -18.21 -23.51
C SER A 131 12.05 -18.39 -22.87
N VAL A 132 11.98 -18.29 -21.55
CA VAL A 132 10.70 -18.50 -20.86
C VAL A 132 9.80 -17.27 -20.97
N ARG A 133 10.38 -16.09 -21.07
CA ARG A 133 9.58 -14.89 -21.32
C ARG A 133 8.99 -14.95 -22.72
N ILE A 134 9.78 -15.49 -23.65
CA ILE A 134 9.32 -15.68 -25.03
C ILE A 134 8.16 -16.67 -25.09
N ILE A 135 8.30 -17.80 -24.40
CA ILE A 135 7.22 -18.80 -24.33
C ILE A 135 5.96 -18.21 -23.71
N ARG A 136 6.13 -17.55 -22.57
CA ARG A 136 5.02 -16.94 -21.83
C ARG A 136 4.22 -15.98 -22.69
N GLN A 137 4.92 -15.07 -23.36
CA GLN A 137 4.26 -14.04 -24.16
C GLN A 137 3.73 -14.60 -25.48
N HIS A 138 4.38 -15.66 -25.98
CA HIS A 138 3.89 -16.33 -27.18
C HIS A 138 2.51 -16.92 -26.91
N ILE A 139 2.40 -17.64 -25.80
CA ILE A 139 1.14 -18.29 -25.42
C ILE A 139 0.03 -17.26 -25.19
N GLU A 140 0.35 -16.18 -24.48
CA GLU A 140 -0.64 -15.13 -24.21
C GLU A 140 -1.10 -14.48 -25.51
N TYR A 141 -0.19 -14.38 -26.47
CA TYR A 141 -0.48 -13.81 -27.77
C TYR A 141 -1.49 -14.67 -28.53
N GLN A 142 -1.31 -15.99 -28.46
CA GLN A 142 -2.21 -16.92 -29.13
C GLN A 142 -3.63 -16.81 -28.56
N PHE A 143 -3.72 -16.77 -27.23
CA PHE A 143 -5.01 -16.67 -26.55
C PHE A 143 -5.73 -15.37 -26.87
N ALA A 144 -4.96 -14.29 -26.99
CA ALA A 144 -5.52 -12.98 -27.34
C ALA A 144 -6.13 -12.99 -28.74
N LYS A 145 -5.52 -13.77 -29.63
CA LYS A 145 -6.00 -13.85 -31.01
C LYS A 145 -7.28 -14.68 -31.15
N PHE A 146 -7.53 -15.58 -30.19
CA PHE A 146 -8.62 -16.54 -30.35
C PHE A 146 -10.03 -15.96 -30.40
N ALA A 147 -10.33 -15.00 -29.53
CA ALA A 147 -11.70 -14.47 -29.44
C ALA A 147 -12.17 -13.89 -30.77
N ALA A 148 -11.26 -13.31 -31.53
CA ALA A 148 -11.59 -12.75 -32.84
C ALA A 148 -11.74 -13.84 -33.89
N GLU A 149 -11.12 -14.99 -33.65
CA GLU A 149 -11.18 -16.13 -34.57
C GLU A 149 -11.52 -17.40 -33.81
N PRO A 150 -12.78 -17.53 -33.36
CA PRO A 150 -13.17 -18.62 -32.45
C PRO A 150 -13.11 -20.01 -33.07
N GLU A 151 -12.88 -20.09 -34.37
CA GLU A 151 -12.72 -21.38 -35.02
C GLU A 151 -11.28 -21.90 -34.91
N ARG A 152 -10.36 -21.00 -34.58
CA ARG A 152 -8.94 -21.35 -34.51
C ARG A 152 -8.55 -21.90 -33.14
N THR A 153 -9.04 -23.09 -32.81
CA THR A 153 -8.75 -23.70 -31.52
C THR A 153 -7.28 -24.12 -31.40
N ASP A 154 -6.57 -24.15 -32.52
CA ASP A 154 -5.14 -24.44 -32.49
C ASP A 154 -4.38 -23.37 -31.71
N TYR A 155 -4.96 -22.17 -31.60
CA TYR A 155 -4.42 -21.12 -30.74
C TYR A 155 -4.38 -21.59 -29.29
N LEU A 156 -5.35 -22.41 -28.93
CA LEU A 156 -5.56 -22.86 -27.56
C LEU A 156 -4.93 -24.24 -27.33
N THR A 157 -4.18 -24.72 -28.31
CA THR A 157 -3.53 -26.02 -28.20
C THR A 157 -2.03 -25.86 -27.96
N ILE A 158 -1.55 -26.45 -26.88
CA ILE A 158 -0.14 -26.41 -26.56
C ILE A 158 0.43 -27.82 -26.52
N VAL A 159 1.41 -28.08 -27.38
CA VAL A 159 2.04 -29.38 -27.41
C VAL A 159 3.38 -29.35 -26.67
N VAL A 160 3.51 -30.23 -25.68
CA VAL A 160 4.76 -30.34 -24.95
C VAL A 160 5.41 -31.67 -25.29
N GLY A 161 6.52 -31.61 -26.01
CA GLY A 161 7.22 -32.81 -26.46
C GLY A 161 8.14 -33.36 -25.39
N GLY A 162 7.89 -34.59 -24.97
CA GLY A 162 8.69 -35.23 -23.95
C GLY A 162 8.03 -35.20 -22.59
N ALA A 163 7.73 -36.40 -22.07
CA ALA A 163 7.07 -36.50 -20.78
C ALA A 163 8.07 -36.85 -19.69
N GLY A 164 9.19 -36.14 -19.69
CA GLY A 164 10.19 -36.31 -18.65
C GLY A 164 9.93 -35.35 -17.50
N PHE A 165 10.94 -35.16 -16.65
CA PHE A 165 10.81 -34.33 -15.47
C PHE A 165 10.37 -32.90 -15.79
N THR A 166 11.03 -32.28 -16.77
CA THR A 166 10.76 -30.90 -17.14
C THR A 166 9.37 -30.75 -17.78
N GLY A 167 9.04 -31.65 -18.70
CA GLY A 167 7.75 -31.62 -19.36
C GLY A 167 6.58 -31.75 -18.40
N ILE A 168 6.71 -32.66 -17.44
CA ILE A 168 5.66 -32.91 -16.46
C ILE A 168 5.43 -31.70 -15.56
N GLU A 169 6.51 -31.09 -15.08
CA GLU A 169 6.39 -29.90 -14.23
C GLU A 169 5.77 -28.73 -15.01
N PHE A 170 6.14 -28.61 -16.28
CA PHE A 170 5.65 -27.51 -17.11
C PHE A 170 4.14 -27.61 -17.38
N VAL A 171 3.67 -28.80 -17.76
CA VAL A 171 2.25 -28.98 -18.05
C VAL A 171 1.44 -28.81 -16.77
N GLY A 172 2.05 -29.08 -15.63
CA GLY A 172 1.42 -28.85 -14.34
C GLY A 172 1.18 -27.38 -14.13
N GLU A 173 2.19 -26.58 -14.43
CA GLU A 173 2.08 -25.13 -14.31
C GLU A 173 1.05 -24.57 -15.31
N LEU A 174 1.09 -25.08 -16.54
CA LEU A 174 0.13 -24.67 -17.57
C LEU A 174 -1.30 -24.94 -17.14
N ALA A 175 -1.53 -26.09 -16.52
CA ALA A 175 -2.86 -26.48 -16.08
C ALA A 175 -3.41 -25.52 -15.03
N ASP A 176 -2.56 -25.11 -14.09
CA ASP A 176 -2.97 -24.15 -13.07
C ASP A 176 -3.21 -22.76 -13.65
N ARG A 177 -2.47 -22.42 -14.70
CA ARG A 177 -2.54 -21.10 -15.30
C ARG A 177 -3.84 -20.86 -16.09
N MET A 178 -4.36 -21.93 -16.69
CA MET A 178 -5.47 -21.82 -17.64
C MET A 178 -6.75 -21.08 -17.18
N PRO A 179 -7.21 -21.29 -15.93
CA PRO A 179 -8.41 -20.55 -15.52
C PRO A 179 -8.27 -19.03 -15.62
N GLU A 180 -7.17 -18.49 -15.10
CA GLU A 180 -6.92 -17.05 -15.16
C GLU A 180 -6.68 -16.59 -16.60
N LEU A 181 -5.92 -17.40 -17.35
CA LEU A 181 -5.59 -17.07 -18.73
C LEU A 181 -6.85 -17.00 -19.61
N CYS A 182 -7.75 -17.94 -19.41
CA CYS A 182 -9.00 -17.99 -20.17
C CYS A 182 -9.91 -16.82 -19.81
N ALA A 183 -9.89 -16.43 -18.53
CA ALA A 183 -10.72 -15.32 -18.07
C ALA A 183 -10.22 -14.01 -18.66
N GLU A 184 -8.90 -13.89 -18.79
CA GLU A 184 -8.28 -12.69 -19.35
C GLU A 184 -8.67 -12.47 -20.81
N TYR A 185 -8.88 -13.56 -21.55
CA TYR A 185 -9.09 -13.45 -22.99
C TYR A 185 -10.44 -14.02 -23.47
N ASP A 186 -11.41 -14.11 -22.56
CA ASP A 186 -12.76 -14.56 -22.90
C ASP A 186 -12.77 -15.91 -23.60
N VAL A 187 -11.94 -16.84 -23.12
CA VAL A 187 -11.80 -18.15 -23.76
C VAL A 187 -12.57 -19.24 -23.00
N ASP A 188 -13.33 -20.04 -23.76
CA ASP A 188 -13.96 -21.25 -23.22
C ASP A 188 -12.88 -22.24 -22.79
N PRO A 189 -12.75 -22.48 -21.48
CA PRO A 189 -11.69 -23.33 -20.93
C PRO A 189 -11.74 -24.76 -21.48
N LYS A 190 -12.92 -25.22 -21.87
CA LYS A 190 -13.10 -26.57 -22.37
C LYS A 190 -12.46 -26.76 -23.75
N LEU A 191 -12.15 -25.64 -24.42
CA LEU A 191 -11.53 -25.69 -25.74
C LEU A 191 -10.01 -25.76 -25.66
N VAL A 192 -9.46 -25.56 -24.47
CA VAL A 192 -8.01 -25.56 -24.29
C VAL A 192 -7.49 -26.99 -24.31
N ARG A 193 -6.38 -27.20 -25.02
CA ARG A 193 -5.74 -28.52 -25.03
C ARG A 193 -4.27 -28.43 -24.64
N ILE A 194 -3.90 -29.13 -23.59
CA ILE A 194 -2.50 -29.30 -23.22
C ILE A 194 -2.13 -30.75 -23.48
N ILE A 195 -1.25 -30.97 -24.45
CA ILE A 195 -0.93 -32.32 -24.88
C ILE A 195 0.53 -32.67 -24.64
N ASN A 196 0.77 -33.65 -23.79
CA ASN A 196 2.11 -34.13 -23.51
C ASN A 196 2.41 -35.33 -24.40
N VAL A 197 3.36 -35.15 -25.31
CA VAL A 197 3.67 -36.19 -26.30
C VAL A 197 5.03 -36.82 -26.02
N GLU A 198 5.05 -38.15 -25.88
CA GLU A 198 6.27 -38.85 -25.52
C GLU A 198 6.55 -40.05 -26.42
N ALA A 199 7.78 -40.14 -26.93
CA ALA A 199 8.19 -41.25 -27.80
C ALA A 199 8.30 -42.56 -27.02
N ALA A 200 8.86 -42.48 -25.81
CA ALA A 200 9.01 -43.66 -24.95
C ALA A 200 7.64 -44.26 -24.61
N PRO A 201 7.61 -45.55 -24.25
CA PRO A 201 6.31 -46.19 -23.99
C PRO A 201 5.74 -45.94 -22.59
N THR A 202 6.41 -45.12 -21.77
CA THR A 202 5.90 -44.80 -20.44
C THR A 202 6.13 -43.34 -20.06
N VAL A 203 5.15 -42.73 -19.40
CA VAL A 203 5.30 -41.38 -18.84
C VAL A 203 6.36 -41.42 -17.75
N LEU A 204 7.24 -40.41 -17.75
CA LEU A 204 8.35 -40.35 -16.81
C LEU A 204 9.13 -41.66 -16.78
N PRO A 205 9.72 -42.04 -17.92
CA PRO A 205 10.37 -43.35 -18.01
C PRO A 205 11.58 -43.46 -17.10
N GLY A 206 11.57 -44.44 -16.20
CA GLY A 206 12.68 -44.65 -15.28
C GLY A 206 12.35 -44.35 -13.84
N PHE A 207 11.21 -43.69 -13.62
CA PHE A 207 10.77 -43.35 -12.27
C PHE A 207 9.87 -44.44 -11.68
N ASP A 208 9.63 -44.36 -10.38
CA ASP A 208 8.78 -45.33 -9.70
C ASP A 208 7.34 -45.23 -10.19
N PRO A 209 6.78 -46.34 -10.67
CA PRO A 209 5.43 -46.43 -11.26
C PRO A 209 4.33 -45.81 -10.41
N ALA A 210 4.42 -45.95 -9.09
CA ALA A 210 3.41 -45.40 -8.19
C ALA A 210 3.37 -43.89 -8.26
N LEU A 211 4.55 -43.27 -8.31
CA LEU A 211 4.68 -41.83 -8.42
C LEU A 211 4.20 -41.32 -9.78
N VAL A 212 4.53 -42.07 -10.83
CA VAL A 212 4.13 -41.70 -12.19
C VAL A 212 2.62 -41.68 -12.38
N ASN A 213 1.96 -42.75 -11.96
CA ASN A 213 0.51 -42.87 -12.09
C ASN A 213 -0.22 -41.79 -11.31
N TYR A 214 0.30 -41.43 -10.14
CA TYR A 214 -0.26 -40.34 -9.36
C TYR A 214 -0.13 -39.03 -10.14
N ALA A 215 1.03 -38.83 -10.75
CA ALA A 215 1.28 -37.62 -11.53
C ALA A 215 0.32 -37.52 -12.71
N MET A 216 0.14 -38.65 -13.40
CA MET A 216 -0.76 -38.70 -14.55
C MET A 216 -2.22 -38.49 -14.15
N ASP A 217 -2.60 -39.06 -13.01
CA ASP A 217 -3.97 -38.93 -12.52
C ASP A 217 -4.29 -37.47 -12.17
N VAL A 218 -3.38 -36.83 -11.45
CA VAL A 218 -3.55 -35.43 -11.07
C VAL A 218 -3.62 -34.52 -12.30
N LEU A 219 -2.63 -34.66 -13.20
CA LEU A 219 -2.57 -33.82 -14.38
C LEU A 219 -3.70 -34.16 -15.35
N GLY A 220 -4.04 -35.44 -15.45
CA GLY A 220 -5.16 -35.89 -16.25
C GLY A 220 -6.46 -35.28 -15.75
N GLY A 221 -6.61 -35.22 -14.43
CA GLY A 221 -7.76 -34.59 -13.81
C GLY A 221 -7.86 -33.12 -14.15
N LYS A 222 -6.71 -32.49 -14.33
CA LYS A 222 -6.66 -31.06 -14.68
C LYS A 222 -6.76 -30.83 -16.18
N GLY A 223 -7.03 -31.89 -16.94
CA GLY A 223 -7.29 -31.76 -18.37
C GLY A 223 -6.10 -31.99 -19.28
N VAL A 224 -4.95 -32.36 -18.71
CA VAL A 224 -3.77 -32.63 -19.52
C VAL A 224 -3.90 -33.96 -20.25
N GLU A 225 -3.66 -33.94 -21.55
CA GLU A 225 -3.69 -35.17 -22.35
C GLU A 225 -2.29 -35.76 -22.51
N PHE A 226 -2.20 -37.08 -22.49
CA PHE A 226 -0.92 -37.75 -22.69
C PHE A 226 -0.96 -38.63 -23.93
N LYS A 227 -0.01 -38.39 -24.84
CA LYS A 227 0.17 -39.28 -25.99
C LYS A 227 1.51 -39.97 -25.86
N ILE A 228 1.46 -41.24 -25.48
CA ILE A 228 2.66 -41.99 -25.15
C ILE A 228 2.93 -43.05 -26.23
N GLY A 229 4.20 -43.40 -26.42
CA GLY A 229 4.60 -44.28 -27.50
C GLY A 229 4.36 -43.57 -28.81
N THR A 230 4.44 -42.24 -28.77
CA THR A 230 4.10 -41.40 -29.91
C THR A 230 5.22 -40.39 -30.20
N PRO A 231 6.03 -40.66 -31.22
CA PRO A 231 7.13 -39.75 -31.56
C PRO A 231 6.69 -38.59 -32.45
N ILE A 232 7.27 -37.41 -32.22
CA ILE A 232 7.09 -36.29 -33.12
C ILE A 232 7.96 -36.46 -34.36
N LYS A 233 7.34 -36.43 -35.54
CA LYS A 233 8.07 -36.65 -36.79
C LYS A 233 8.58 -35.34 -37.38
N ARG A 234 7.79 -34.29 -37.26
CA ARG A 234 8.22 -32.97 -37.70
C ARG A 234 7.42 -31.86 -37.03
N CYS A 235 7.96 -30.64 -37.08
CA CYS A 235 7.34 -29.50 -36.42
C CYS A 235 7.23 -28.30 -37.37
N THR A 236 6.08 -27.63 -37.32
CA THR A 236 5.82 -26.45 -38.15
C THR A 236 5.23 -25.37 -37.26
N PRO A 237 5.13 -24.12 -37.78
CA PRO A 237 4.45 -23.11 -36.95
C PRO A 237 2.96 -23.39 -36.79
N GLU A 238 2.44 -24.36 -37.53
CA GLU A 238 1.04 -24.75 -37.43
C GLU A 238 0.83 -25.90 -36.46
N GLY A 239 1.91 -26.60 -36.11
CA GLY A 239 1.81 -27.70 -35.17
C GLY A 239 2.85 -28.78 -35.38
N VAL A 240 2.46 -30.02 -35.06
CA VAL A 240 3.37 -31.15 -35.20
C VAL A 240 2.70 -32.29 -35.96
N VAL A 241 3.52 -33.11 -36.59
CA VAL A 241 3.06 -34.37 -37.13
C VAL A 241 3.56 -35.47 -36.20
N ILE A 242 2.65 -36.35 -35.79
CA ILE A 242 3.02 -37.43 -34.88
C ILE A 242 2.72 -38.76 -35.54
N GLU A 243 3.31 -39.82 -35.02
CA GLU A 243 3.15 -41.14 -35.60
C GLU A 243 2.23 -41.98 -34.71
N VAL A 244 1.05 -42.33 -35.23
CA VAL A 244 0.06 -43.10 -34.50
C VAL A 244 -0.37 -44.35 -35.26
N ASP A 245 -0.10 -45.52 -34.70
CA ASP A 245 -0.43 -46.80 -35.33
C ASP A 245 0.13 -46.90 -36.76
N GLY A 246 1.40 -46.53 -36.91
CA GLY A 246 2.07 -46.63 -38.20
C GLY A 246 1.55 -45.66 -39.24
N GLU A 247 0.81 -44.66 -38.80
CA GLU A 247 0.27 -43.65 -39.69
C GLU A 247 0.57 -42.24 -39.18
N GLU A 248 0.72 -41.29 -40.10
CA GLU A 248 0.97 -39.91 -39.70
C GLU A 248 -0.32 -39.23 -39.30
N GLU A 249 -0.28 -38.52 -38.18
CA GLU A 249 -1.41 -37.72 -37.71
C GLU A 249 -0.92 -36.33 -37.36
N GLU A 250 -1.68 -35.32 -37.76
CA GLU A 250 -1.29 -33.94 -37.54
C GLU A 250 -2.01 -33.37 -36.34
N ILE A 251 -1.27 -32.65 -35.50
CA ILE A 251 -1.86 -31.89 -34.42
C ILE A 251 -1.69 -30.41 -34.71
N LYS A 252 -2.80 -29.71 -34.94
CA LYS A 252 -2.74 -28.29 -35.17
C LYS A 252 -2.56 -27.61 -33.82
N ALA A 253 -1.45 -26.90 -33.68
CA ALA A 253 -1.09 -26.28 -32.41
C ALA A 253 -0.19 -25.08 -32.65
N ALA A 254 -0.57 -23.94 -32.08
CA ALA A 254 0.19 -22.72 -32.30
C ALA A 254 1.42 -22.65 -31.40
N THR A 255 1.49 -23.54 -30.41
CA THR A 255 2.60 -23.55 -29.47
C THR A 255 3.15 -24.95 -29.27
N VAL A 256 4.43 -25.12 -29.60
CA VAL A 256 5.12 -26.39 -29.37
C VAL A 256 6.35 -26.16 -28.50
N VAL A 257 6.39 -26.82 -27.35
CA VAL A 257 7.52 -26.69 -26.43
C VAL A 257 8.27 -28.00 -26.34
N TRP A 258 9.57 -27.98 -26.62
CA TRP A 258 10.37 -29.18 -26.62
C TRP A 258 11.06 -29.42 -25.27
N THR A 259 10.69 -30.51 -24.62
CA THR A 259 11.35 -30.93 -23.38
C THR A 259 11.78 -32.39 -23.49
N GLY A 260 12.15 -32.80 -24.70
CA GLY A 260 12.41 -34.19 -24.99
C GLY A 260 13.87 -34.61 -25.06
N GLY A 261 14.78 -33.71 -24.72
CA GLY A 261 16.18 -34.06 -24.69
C GLY A 261 17.15 -32.89 -24.67
N VAL A 262 18.28 -33.10 -23.99
CA VAL A 262 19.33 -32.09 -23.90
C VAL A 262 20.69 -32.74 -24.17
N ARG A 263 21.68 -31.91 -24.46
CA ARG A 263 23.05 -32.38 -24.64
C ARG A 263 23.99 -31.35 -24.05
N GLY A 264 25.24 -31.74 -23.81
CA GLY A 264 26.25 -30.79 -23.37
C GLY A 264 26.42 -29.70 -24.40
N ASN A 265 26.68 -28.48 -23.94
CA ASN A 265 26.89 -27.34 -24.82
C ASN A 265 27.89 -27.66 -25.93
N SER A 266 27.49 -27.41 -27.17
CA SER A 266 28.25 -27.84 -28.34
C SER A 266 29.66 -27.26 -28.43
N ILE A 267 29.88 -26.13 -27.76
CA ILE A 267 31.21 -25.50 -27.75
C ILE A 267 32.26 -26.47 -27.23
N VAL A 268 31.88 -27.28 -26.24
CA VAL A 268 32.78 -28.27 -25.66
C VAL A 268 33.25 -29.29 -26.70
N GLU A 269 32.30 -29.90 -27.40
CA GLU A 269 32.63 -30.90 -28.42
C GLU A 269 33.35 -30.27 -29.61
N LYS A 270 32.90 -29.08 -30.03
CA LYS A 270 33.53 -28.38 -31.15
C LYS A 270 34.97 -27.97 -30.86
N SER A 271 35.31 -27.83 -29.58
CA SER A 271 36.65 -27.43 -29.19
C SER A 271 37.63 -28.60 -29.20
N GLY A 272 37.12 -29.79 -29.53
CA GLY A 272 37.97 -30.95 -29.71
C GLY A 272 37.96 -31.94 -28.56
N PHE A 273 37.15 -31.68 -27.54
CA PHE A 273 37.00 -32.62 -26.44
C PHE A 273 36.23 -33.86 -26.89
N GLU A 274 36.66 -35.03 -26.42
CA GLU A 274 35.92 -36.26 -26.67
C GLU A 274 34.68 -36.31 -25.80
N THR A 275 33.51 -36.37 -26.43
CA THR A 275 32.24 -36.27 -25.70
C THR A 275 31.25 -37.38 -26.03
N MET A 276 30.31 -37.59 -25.12
CA MET A 276 29.19 -38.47 -25.34
C MET A 276 27.92 -37.69 -25.05
N ARG A 277 27.17 -37.41 -26.11
CA ARG A 277 26.02 -36.51 -26.06
C ARG A 277 26.44 -35.14 -25.54
N GLY A 278 27.61 -34.67 -25.99
CA GLY A 278 28.09 -33.35 -25.64
C GLY A 278 28.73 -33.28 -24.26
N ARG A 279 28.70 -34.40 -23.54
CA ARG A 279 29.20 -34.43 -22.17
C ARG A 279 30.55 -35.11 -22.10
N ILE A 280 31.38 -34.68 -21.16
CA ILE A 280 32.71 -35.26 -20.99
C ILE A 280 32.73 -36.25 -19.84
N LYS A 281 33.15 -37.48 -20.12
CA LYS A 281 33.33 -38.48 -19.08
C LYS A 281 34.61 -38.15 -18.31
N VAL A 282 34.46 -37.34 -17.26
CA VAL A 282 35.61 -36.81 -16.52
C VAL A 282 36.28 -37.86 -15.65
N ASP A 283 37.50 -37.55 -15.22
CA ASP A 283 38.27 -38.41 -14.32
C ASP A 283 37.70 -38.32 -12.89
N PRO A 284 38.22 -39.12 -11.94
CA PRO A 284 37.72 -39.03 -10.57
C PRO A 284 37.81 -37.64 -9.91
N TYR A 285 38.60 -36.74 -10.50
CA TYR A 285 38.72 -35.38 -9.95
C TYR A 285 37.99 -34.35 -10.81
N LEU A 286 37.04 -34.84 -11.62
CA LEU A 286 36.21 -33.99 -12.48
C LEU A 286 37.01 -33.22 -13.52
N ARG A 287 38.17 -33.75 -13.89
CA ARG A 287 38.99 -33.15 -14.91
C ARG A 287 38.70 -33.81 -16.26
N ALA A 288 38.82 -33.03 -17.33
CA ALA A 288 38.74 -33.58 -18.67
C ALA A 288 39.99 -34.44 -18.91
N PRO A 289 39.79 -35.68 -19.36
CA PRO A 289 40.89 -36.62 -19.62
C PRO A 289 41.95 -36.02 -20.53
N GLY A 290 43.21 -36.09 -20.11
CA GLY A 290 44.31 -35.53 -20.87
C GLY A 290 44.58 -34.07 -20.52
N HIS A 291 43.86 -33.58 -19.52
CA HIS A 291 44.02 -32.19 -19.09
C HIS A 291 44.02 -32.09 -17.56
N GLU A 292 45.19 -31.86 -16.98
CA GLU A 292 45.30 -31.76 -15.53
C GLU A 292 44.83 -30.42 -15.02
N ASN A 293 44.55 -29.50 -15.94
CA ASN A 293 44.19 -28.13 -15.56
C ASN A 293 42.82 -27.70 -16.06
N ILE A 294 42.05 -28.64 -16.61
CA ILE A 294 40.70 -28.34 -17.07
C ILE A 294 39.66 -29.15 -16.29
N PHE A 295 38.79 -28.45 -15.58
CA PHE A 295 37.73 -29.10 -14.81
C PHE A 295 36.37 -28.91 -15.48
N ILE A 296 35.54 -29.94 -15.45
CA ILE A 296 34.22 -29.87 -16.05
C ILE A 296 33.12 -30.06 -15.01
N VAL A 297 32.16 -29.14 -14.98
CA VAL A 297 31.08 -29.20 -14.00
C VAL A 297 29.70 -29.14 -14.66
N GLY A 298 28.69 -29.50 -13.88
CA GLY A 298 27.31 -29.45 -14.33
C GLY A 298 26.96 -30.32 -15.52
N ASP A 299 26.10 -29.80 -16.39
CA ASP A 299 25.53 -30.56 -17.49
C ASP A 299 26.54 -30.92 -18.58
N CYS A 300 27.72 -30.31 -18.51
CA CYS A 300 28.80 -30.63 -19.44
C CYS A 300 29.60 -31.85 -18.97
N ALA A 301 29.37 -32.26 -17.73
CA ALA A 301 30.12 -33.38 -17.15
C ALA A 301 29.29 -34.66 -17.13
N LEU A 302 29.94 -35.78 -17.46
CA LEU A 302 29.29 -37.08 -17.44
C LEU A 302 29.88 -37.98 -16.36
N ILE A 303 29.02 -38.45 -15.45
CA ILE A 303 29.44 -39.37 -14.41
C ILE A 303 28.70 -40.69 -14.56
N ILE A 304 29.42 -41.79 -14.53
CA ILE A 304 28.81 -43.12 -14.63
C ILE A 304 28.68 -43.76 -13.25
N ASN A 305 27.47 -44.16 -12.91
CA ASN A 305 27.22 -44.92 -11.69
C ASN A 305 27.80 -46.33 -11.83
N GLU A 306 28.86 -46.61 -11.09
CA GLU A 306 29.57 -47.88 -11.20
C GLU A 306 28.75 -49.06 -10.68
N GLU A 307 27.67 -48.77 -9.97
CA GLU A 307 26.81 -49.81 -9.42
C GLU A 307 25.93 -50.46 -10.50
N ASN A 308 25.59 -49.70 -11.54
CA ASN A 308 24.70 -50.21 -12.57
C ASN A 308 25.10 -49.79 -13.99
N ASN A 309 26.28 -49.19 -14.11
CA ASN A 309 26.84 -48.79 -15.41
C ASN A 309 25.91 -47.83 -16.16
N ARG A 310 25.14 -47.05 -15.41
CA ARG A 310 24.26 -46.05 -16.01
C ARG A 310 24.69 -44.63 -15.65
N PRO A 311 24.62 -43.71 -16.62
CA PRO A 311 25.03 -42.32 -16.40
C PRO A 311 24.09 -41.58 -15.46
N TYR A 312 24.64 -40.70 -14.63
CA TYR A 312 23.80 -39.82 -13.83
C TYR A 312 23.16 -38.79 -14.74
N PRO A 313 21.88 -38.48 -14.52
CA PRO A 313 21.20 -37.49 -15.35
C PRO A 313 21.75 -36.10 -15.10
N PRO A 314 21.65 -35.20 -16.09
CA PRO A 314 22.12 -33.83 -15.89
C PRO A 314 21.21 -33.07 -14.94
N THR A 315 21.63 -32.94 -13.68
CA THR A 315 20.80 -32.30 -12.66
C THR A 315 21.51 -31.13 -11.98
N ALA A 316 20.72 -30.22 -11.41
CA ALA A 316 21.28 -29.12 -10.64
C ALA A 316 21.94 -29.65 -9.37
N GLN A 317 21.34 -30.70 -8.81
CA GLN A 317 21.82 -31.30 -7.58
C GLN A 317 23.26 -31.79 -7.70
N ILE A 318 23.57 -32.49 -8.79
CA ILE A 318 24.93 -33.00 -8.98
C ILE A 318 25.85 -31.89 -9.47
N ALA A 319 25.29 -30.88 -10.13
CA ALA A 319 26.06 -29.74 -10.60
C ALA A 319 26.63 -28.95 -9.42
N ILE A 320 25.82 -28.77 -8.39
CA ILE A 320 26.23 -28.11 -7.16
C ILE A 320 27.39 -28.86 -6.51
N GLN A 321 27.25 -30.19 -6.43
CA GLN A 321 28.29 -31.01 -5.82
C GLN A 321 29.59 -30.97 -6.63
N HIS A 322 29.46 -30.85 -7.96
CA HIS A 322 30.61 -30.66 -8.83
C HIS A 322 31.39 -29.40 -8.44
N GLY A 323 30.67 -28.28 -8.34
CA GLY A 323 31.27 -26.99 -8.05
C GLY A 323 32.00 -26.95 -6.72
N GLU A 324 31.42 -27.58 -5.69
CA GLU A 324 32.04 -27.63 -4.38
C GLU A 324 33.35 -28.42 -4.43
N ASN A 325 33.35 -29.52 -5.16
CA ASN A 325 34.52 -30.38 -5.28
C ASN A 325 35.64 -29.71 -6.07
N VAL A 326 35.27 -29.06 -7.17
CA VAL A 326 36.25 -28.39 -8.02
C VAL A 326 36.90 -27.23 -7.29
N ALA A 327 36.11 -26.48 -6.53
CA ALA A 327 36.62 -25.36 -5.75
C ALA A 327 37.64 -25.86 -4.73
N ALA A 328 37.31 -26.95 -4.05
CA ALA A 328 38.21 -27.57 -3.08
C ALA A 328 39.50 -28.06 -3.73
N ASN A 329 39.37 -28.73 -4.87
CA ASN A 329 40.53 -29.30 -5.55
C ASN A 329 41.40 -28.25 -6.23
N LEU A 330 40.80 -27.18 -6.75
CA LEU A 330 41.57 -26.11 -7.35
C LEU A 330 42.43 -25.41 -6.30
N ALA A 331 41.84 -25.16 -5.13
CA ALA A 331 42.56 -24.56 -4.02
C ALA A 331 43.77 -25.41 -3.64
N ALA A 332 43.58 -26.72 -3.64
CA ALA A 332 44.66 -27.65 -3.33
C ALA A 332 45.78 -27.60 -4.37
N LEU A 333 45.40 -27.57 -5.65
CA LEU A 333 46.37 -27.49 -6.74
C LEU A 333 47.18 -26.21 -6.68
N ILE A 334 46.51 -25.10 -6.41
CA ILE A 334 47.16 -23.80 -6.27
C ILE A 334 48.20 -23.84 -5.15
N ARG A 335 47.88 -24.59 -4.10
CA ARG A 335 48.73 -24.65 -2.91
C ARG A 335 49.67 -25.85 -2.91
N GLY A 336 49.69 -26.59 -4.01
CA GLY A 336 50.60 -27.71 -4.17
C GLY A 336 50.21 -28.95 -3.38
N GLY A 337 48.97 -28.97 -2.88
CA GLY A 337 48.46 -30.11 -2.14
C GLY A 337 47.90 -31.22 -3.01
N SER A 338 47.30 -32.22 -2.37
CA SER A 338 46.66 -33.32 -3.07
C SER A 338 45.15 -33.08 -3.21
N MET A 339 44.60 -33.54 -4.32
CA MET A 339 43.16 -33.39 -4.57
C MET A 339 42.37 -34.54 -3.95
N THR A 340 41.07 -34.31 -3.78
CA THR A 340 40.15 -35.32 -3.26
C THR A 340 39.17 -35.76 -4.36
N PRO A 341 39.09 -37.07 -4.61
CA PRO A 341 38.19 -37.65 -5.62
C PRO A 341 36.72 -37.32 -5.37
N PHE A 342 35.99 -36.96 -6.43
CA PHE A 342 34.57 -36.68 -6.34
C PHE A 342 33.71 -37.94 -6.18
N LYS A 343 32.76 -37.88 -5.25
CA LYS A 343 31.75 -38.93 -5.13
C LYS A 343 30.38 -38.30 -4.94
N PRO A 344 29.48 -38.50 -5.91
CA PRO A 344 28.16 -37.86 -5.82
C PRO A 344 27.31 -38.47 -4.71
N HIS A 345 26.58 -37.64 -3.99
CA HIS A 345 25.59 -38.13 -3.03
C HIS A 345 24.23 -37.66 -3.50
N ILE A 346 23.45 -38.59 -4.05
CA ILE A 346 22.16 -38.25 -4.63
C ILE A 346 21.05 -38.31 -3.59
N ARG A 347 20.55 -37.14 -3.23
CA ARG A 347 19.43 -37.05 -2.30
C ARG A 347 18.12 -37.17 -3.08
N GLY A 348 17.02 -36.78 -2.43
CA GLY A 348 15.72 -36.85 -3.07
C GLY A 348 15.37 -35.65 -3.90
N THR A 349 14.60 -35.87 -4.96
CA THR A 349 14.15 -34.81 -5.85
C THR A 349 12.62 -34.83 -5.95
N VAL A 350 12.01 -33.65 -5.85
CA VAL A 350 10.56 -33.54 -5.93
C VAL A 350 10.12 -32.83 -7.20
N ALA A 351 9.22 -33.47 -7.95
CA ALA A 351 8.63 -32.87 -9.14
C ALA A 351 7.34 -32.18 -8.79
N SER A 352 7.24 -30.89 -9.11
CA SER A 352 6.02 -30.13 -8.87
C SER A 352 4.93 -30.53 -9.86
N LEU A 353 3.69 -30.51 -9.39
CA LEU A 353 2.53 -30.76 -10.23
C LEU A 353 1.58 -29.58 -10.13
N GLY A 354 2.03 -28.42 -10.61
CA GLY A 354 1.34 -27.18 -10.37
C GLY A 354 1.82 -26.57 -9.06
N ARG A 355 1.17 -25.50 -8.61
CA ARG A 355 1.61 -24.79 -7.41
C ARG A 355 1.21 -25.47 -6.10
N ASN A 356 0.22 -26.36 -6.16
CA ASN A 356 -0.30 -26.96 -4.92
C ASN A 356 -0.20 -28.48 -4.85
N ASP A 357 0.61 -29.08 -5.73
CA ASP A 357 0.77 -30.53 -5.73
C ASP A 357 2.15 -30.92 -6.23
N ALA A 358 2.61 -32.10 -5.82
CA ALA A 358 3.95 -32.57 -6.17
C ALA A 358 4.13 -34.06 -5.89
N ILE A 359 5.23 -34.60 -6.41
CA ILE A 359 5.62 -35.99 -6.16
C ILE A 359 7.12 -36.10 -6.00
N GLY A 360 7.58 -37.08 -5.21
CA GLY A 360 8.99 -37.33 -5.10
C GLY A 360 9.39 -38.24 -3.96
N ILE A 361 10.70 -38.42 -3.82
CA ILE A 361 11.29 -39.14 -2.71
C ILE A 361 12.07 -38.16 -1.84
N VAL A 362 11.77 -38.13 -0.54
CA VAL A 362 12.51 -37.31 0.43
C VAL A 362 12.81 -38.15 1.66
N GLY A 363 14.09 -38.18 2.06
CA GLY A 363 14.58 -39.02 3.15
C GLY A 363 14.57 -40.51 2.87
N GLY A 364 13.86 -40.93 1.82
CA GLY A 364 13.77 -42.32 1.44
C GLY A 364 12.31 -42.74 1.36
N ARG A 365 11.44 -41.76 1.61
CA ARG A 365 10.01 -41.98 1.64
C ARG A 365 9.29 -41.22 0.55
N LYS A 366 8.26 -41.85 0.01
CA LYS A 366 7.40 -41.22 -0.99
C LYS A 366 6.62 -40.08 -0.37
N VAL A 367 6.54 -38.97 -1.08
CA VAL A 367 5.79 -37.82 -0.60
C VAL A 367 4.77 -37.35 -1.65
N TYR A 368 3.67 -36.77 -1.17
CA TYR A 368 2.57 -36.36 -2.04
C TYR A 368 2.01 -35.01 -1.62
N GLY A 369 1.30 -34.37 -2.53
CA GLY A 369 0.47 -33.22 -2.21
C GLY A 369 1.16 -32.02 -1.61
N HIS A 370 0.50 -31.41 -0.63
CA HIS A 370 1.02 -30.21 0.05
C HIS A 370 2.36 -30.46 0.72
N ALA A 371 2.51 -31.65 1.31
CA ALA A 371 3.74 -32.03 1.97
C ALA A 371 4.90 -31.99 0.98
N ALA A 372 4.78 -32.74 -0.11
CA ALA A 372 5.78 -32.76 -1.17
C ALA A 372 6.02 -31.37 -1.74
N SER A 373 4.94 -30.61 -1.90
CA SER A 373 5.02 -29.27 -2.48
C SER A 373 5.84 -28.33 -1.61
N TRP A 374 5.63 -28.38 -0.30
CA TRP A 374 6.40 -27.55 0.62
C TRP A 374 7.85 -28.03 0.70
N LEU A 375 8.05 -29.33 0.65
CA LEU A 375 9.39 -29.91 0.72
C LEU A 375 10.24 -29.44 -0.47
N LYS A 376 9.63 -29.37 -1.65
CA LYS A 376 10.34 -28.90 -2.83
C LYS A 376 10.80 -27.45 -2.65
N LYS A 377 9.90 -26.62 -2.12
CA LYS A 377 10.21 -25.22 -1.86
C LYS A 377 11.35 -25.06 -0.87
N LEU A 378 11.36 -25.89 0.17
CA LEU A 378 12.42 -25.83 1.18
C LEU A 378 13.77 -26.23 0.58
N ILE A 379 13.76 -27.28 -0.23
CA ILE A 379 14.97 -27.74 -0.90
C ILE A 379 15.54 -26.65 -1.80
N ASP A 380 14.66 -26.00 -2.55
CA ASP A 380 15.08 -24.91 -3.43
C ASP A 380 15.60 -23.72 -2.62
N MET A 381 14.98 -23.45 -1.48
CA MET A 381 15.44 -22.37 -0.60
C MET A 381 16.86 -22.60 -0.10
N ARG A 382 17.20 -23.87 0.12
CA ARG A 382 18.54 -24.25 0.58
C ARG A 382 19.62 -23.83 -0.41
N TYR A 383 19.33 -23.92 -1.70
CA TYR A 383 20.30 -23.50 -2.69
C TYR A 383 20.51 -21.98 -2.65
N LEU A 384 19.41 -21.25 -2.49
CA LEU A 384 19.49 -19.79 -2.40
C LEU A 384 20.34 -19.37 -1.21
N TYR A 385 20.17 -20.07 -0.10
CA TYR A 385 20.95 -19.80 1.10
C TYR A 385 22.43 -20.11 0.84
N LEU A 386 22.69 -21.19 0.11
CA LEU A 386 24.05 -21.60 -0.20
C LEU A 386 24.82 -20.51 -0.96
N ILE A 387 24.19 -19.91 -1.96
CA ILE A 387 24.87 -18.94 -2.81
C ILE A 387 24.70 -17.49 -2.38
N GLY A 388 23.64 -17.18 -1.64
CA GLY A 388 23.36 -15.80 -1.31
C GLY A 388 23.05 -15.53 0.15
N GLY A 389 23.21 -16.55 0.98
CA GLY A 389 22.95 -16.43 2.41
C GLY A 389 21.50 -16.14 2.72
N LEU A 390 21.24 -15.66 3.93
CA LEU A 390 19.88 -15.40 4.38
C LEU A 390 19.24 -14.22 3.65
N SER A 391 20.07 -13.26 3.23
CA SER A 391 19.59 -12.10 2.50
C SER A 391 18.88 -12.47 1.19
N LEU A 392 19.48 -13.38 0.42
CA LEU A 392 18.88 -13.82 -0.83
C LEU A 392 17.59 -14.61 -0.58
N VAL A 393 17.58 -15.40 0.49
CA VAL A 393 16.39 -16.15 0.88
C VAL A 393 15.25 -15.20 1.22
N LEU A 394 15.55 -14.19 2.02
CA LEU A 394 14.55 -13.19 2.42
C LEU A 394 14.04 -12.37 1.24
N LYS A 395 14.87 -12.20 0.21
CA LYS A 395 14.47 -11.42 -0.95
C LYS A 395 13.34 -12.14 -1.68
N LYS A 396 13.60 -13.41 -1.99
CA LYS A 396 12.68 -14.35 -2.66
C LYS A 396 13.52 -15.38 -3.38
N LYS B 3 -48.85 -3.65 -32.79
CA LYS B 3 -47.66 -3.50 -31.97
C LYS B 3 -46.39 -3.55 -32.82
N PRO B 4 -45.68 -2.41 -32.90
CA PRO B 4 -44.48 -2.30 -33.74
C PRO B 4 -43.26 -3.00 -33.15
N SER B 5 -42.41 -3.51 -34.03
CA SER B 5 -41.17 -4.15 -33.62
C SER B 5 -39.99 -3.22 -33.89
N ILE B 6 -39.32 -2.79 -32.82
CA ILE B 6 -38.14 -1.95 -32.97
C ILE B 6 -36.87 -2.79 -32.83
N VAL B 7 -36.04 -2.77 -33.87
CA VAL B 7 -34.80 -3.52 -33.87
C VAL B 7 -33.60 -2.59 -33.94
N ILE B 8 -32.71 -2.72 -32.95
CA ILE B 8 -31.50 -1.90 -32.87
C ILE B 8 -30.27 -2.74 -33.18
N LEU B 9 -29.52 -2.32 -34.20
CA LEU B 9 -28.33 -3.06 -34.63
C LEU B 9 -27.05 -2.41 -34.13
N GLY B 10 -26.41 -3.04 -33.15
CA GLY B 10 -25.17 -2.55 -32.61
C GLY B 10 -25.38 -1.88 -31.26
N ALA B 11 -24.72 -2.40 -30.23
CA ALA B 11 -24.83 -1.85 -28.89
C ALA B 11 -23.64 -0.97 -28.56
N GLY B 12 -23.36 -0.01 -29.44
CA GLY B 12 -22.31 0.96 -29.19
C GLY B 12 -22.90 2.20 -28.54
N TYR B 13 -22.22 3.34 -28.68
CA TYR B 13 -22.72 4.58 -28.11
C TYR B 13 -24.10 4.92 -28.65
N GLY B 14 -24.27 4.84 -29.97
CA GLY B 14 -25.54 5.15 -30.59
C GLY B 14 -26.64 4.19 -30.19
N GLY B 15 -26.36 2.90 -30.28
CA GLY B 15 -27.35 1.87 -30.01
C GLY B 15 -27.75 1.74 -28.55
N ILE B 16 -26.76 1.80 -27.66
CA ILE B 16 -27.03 1.67 -26.23
C ILE B 16 -27.87 2.84 -25.73
N VAL B 17 -27.49 4.06 -26.11
CA VAL B 17 -28.22 5.24 -25.70
C VAL B 17 -29.65 5.23 -26.26
N ALA B 18 -29.77 4.84 -27.52
CA ALA B 18 -31.09 4.74 -28.15
C ALA B 18 -31.96 3.70 -27.43
N ALA B 19 -31.36 2.56 -27.12
CA ALA B 19 -32.07 1.47 -26.44
C ALA B 19 -32.53 1.90 -25.04
N LEU B 20 -31.64 2.54 -24.29
CA LEU B 20 -31.97 3.00 -22.95
C LEU B 20 -32.96 4.16 -22.97
N GLY B 21 -32.89 4.97 -24.02
CA GLY B 21 -33.84 6.06 -24.22
C GLY B 21 -35.25 5.55 -24.43
N LEU B 22 -35.39 4.57 -25.32
CA LEU B 22 -36.68 3.95 -25.59
C LEU B 22 -37.22 3.26 -24.36
N GLN B 23 -36.31 2.63 -23.62
CA GLN B 23 -36.63 1.97 -22.36
C GLN B 23 -37.28 2.94 -21.38
N LYS B 24 -36.73 4.15 -21.32
CA LYS B 24 -37.18 5.17 -20.36
C LYS B 24 -38.46 5.86 -20.83
N ARG B 25 -38.68 5.90 -22.13
CA ARG B 25 -39.80 6.65 -22.70
C ARG B 25 -41.06 5.80 -22.96
N LEU B 26 -40.88 4.52 -23.29
CA LEU B 26 -42.00 3.68 -23.70
C LEU B 26 -42.48 2.74 -22.61
N ASN B 27 -43.78 2.49 -22.59
CA ASN B 27 -44.37 1.51 -21.67
C ASN B 27 -44.06 0.07 -22.09
N TYR B 28 -44.38 -0.85 -21.19
CA TYR B 28 -44.10 -2.28 -21.39
C TYR B 28 -44.89 -2.93 -22.53
N ASN B 29 -45.92 -2.24 -23.03
CA ASN B 29 -46.75 -2.83 -24.09
C ASN B 29 -46.90 -1.94 -25.33
N GLU B 30 -46.07 -0.92 -25.45
CA GLU B 30 -46.16 -0.02 -26.60
C GLU B 30 -45.39 -0.53 -27.82
N ALA B 31 -44.32 -1.27 -27.58
CA ALA B 31 -43.50 -1.78 -28.67
C ALA B 31 -42.57 -2.89 -28.22
N ASP B 32 -42.23 -3.79 -29.16
CA ASP B 32 -41.18 -4.77 -28.92
C ASP B 32 -39.82 -4.16 -29.25
N ILE B 33 -38.88 -4.26 -28.32
CA ILE B 33 -37.56 -3.69 -28.53
C ILE B 33 -36.48 -4.79 -28.49
N THR B 34 -35.81 -4.98 -29.61
CA THR B 34 -34.74 -5.97 -29.70
C THR B 34 -33.38 -5.31 -29.97
N LEU B 35 -32.40 -5.62 -29.12
CA LEU B 35 -31.07 -5.06 -29.25
C LEU B 35 -30.09 -6.15 -29.68
N VAL B 36 -29.44 -5.93 -30.82
CA VAL B 36 -28.53 -6.93 -31.38
C VAL B 36 -27.07 -6.49 -31.25
N ASN B 37 -26.23 -7.38 -30.74
CA ASN B 37 -24.81 -7.10 -30.61
C ASN B 37 -23.98 -8.38 -30.66
N LYS B 38 -22.82 -8.32 -31.30
CA LYS B 38 -21.99 -9.50 -31.47
C LYS B 38 -21.36 -9.97 -30.15
N ASN B 39 -21.25 -9.07 -29.18
CA ASN B 39 -20.76 -9.41 -27.86
C ASN B 39 -21.82 -9.17 -26.81
N ASP B 40 -21.68 -9.81 -25.65
CA ASP B 40 -22.61 -9.59 -24.55
C ASP B 40 -22.19 -8.37 -23.73
N TYR B 41 -21.14 -7.70 -24.17
CA TYR B 41 -20.64 -6.51 -23.48
C TYR B 41 -20.58 -5.30 -24.41
N HIS B 42 -20.74 -4.12 -23.80
CA HIS B 42 -20.58 -2.84 -24.47
C HIS B 42 -19.22 -2.27 -24.09
N TYR B 43 -18.39 -1.95 -25.06
CA TYR B 43 -17.07 -1.41 -24.71
C TYR B 43 -16.98 0.11 -24.89
N ILE B 44 -16.24 0.74 -23.99
CA ILE B 44 -16.03 2.18 -24.03
C ILE B 44 -14.96 2.50 -25.06
N THR B 45 -15.40 2.66 -26.31
CA THR B 45 -14.49 2.79 -27.44
C THR B 45 -13.45 3.90 -27.30
N THR B 46 -13.82 4.99 -26.64
CA THR B 46 -12.94 6.15 -26.51
C THR B 46 -11.77 5.89 -25.57
N GLU B 47 -11.82 4.77 -24.84
CA GLU B 47 -10.77 4.43 -23.89
C GLU B 47 -9.87 3.31 -24.40
N LEU B 48 -10.16 2.78 -25.58
CA LEU B 48 -9.50 1.58 -26.08
C LEU B 48 -8.00 1.75 -26.32
N HIS B 49 -7.54 2.99 -26.47
CA HIS B 49 -6.11 3.25 -26.68
C HIS B 49 -5.29 2.84 -25.46
N GLN B 50 -5.91 2.85 -24.28
CA GLN B 50 -5.19 2.50 -23.06
C GLN B 50 -4.88 1.00 -22.95
N PRO B 51 -5.90 0.11 -23.08
CA PRO B 51 -5.52 -1.30 -23.04
C PRO B 51 -4.66 -1.74 -24.23
N ALA B 52 -4.79 -1.05 -25.36
CA ALA B 52 -3.94 -1.35 -26.52
C ALA B 52 -2.46 -1.16 -26.17
N ALA B 53 -2.19 -0.17 -25.32
CA ALA B 53 -0.83 0.10 -24.87
C ALA B 53 -0.51 -0.58 -23.55
N GLY B 54 -1.52 -1.21 -22.96
CA GLY B 54 -1.33 -1.91 -21.71
C GLY B 54 -1.24 -1.01 -20.49
N THR B 55 -1.77 0.21 -20.59
CA THR B 55 -1.74 1.15 -19.47
C THR B 55 -2.99 1.05 -18.60
N MET B 56 -3.99 0.32 -19.09
CA MET B 56 -5.21 0.05 -18.33
C MET B 56 -5.76 -1.30 -18.73
N HIS B 57 -6.24 -2.06 -17.74
CA HIS B 57 -6.84 -3.36 -18.01
C HIS B 57 -8.11 -3.21 -18.85
N HIS B 58 -8.31 -4.12 -19.79
CA HIS B 58 -9.42 -4.01 -20.75
C HIS B 58 -10.79 -4.10 -20.09
N ASP B 59 -10.88 -4.77 -18.94
CA ASP B 59 -12.14 -4.88 -18.21
C ASP B 59 -12.64 -3.53 -17.72
N GLN B 60 -11.73 -2.56 -17.61
CA GLN B 60 -12.12 -1.19 -17.27
C GLN B 60 -12.81 -0.48 -18.43
N ALA B 61 -12.72 -1.05 -19.62
CA ALA B 61 -13.24 -0.40 -20.82
C ALA B 61 -14.43 -1.13 -21.41
N ARG B 62 -15.13 -1.92 -20.60
CA ARG B 62 -16.33 -2.60 -21.07
C ARG B 62 -17.28 -2.90 -19.92
N VAL B 63 -18.55 -3.12 -20.25
CA VAL B 63 -19.57 -3.42 -19.25
C VAL B 63 -20.61 -4.36 -19.84
N GLY B 64 -21.12 -5.28 -19.02
CA GLY B 64 -22.13 -6.22 -19.46
C GLY B 64 -23.41 -5.52 -19.88
N ILE B 65 -23.93 -5.89 -21.04
CA ILE B 65 -25.14 -5.28 -21.59
C ILE B 65 -26.38 -5.62 -20.77
N LYS B 66 -26.44 -6.86 -20.29
CA LYS B 66 -27.57 -7.31 -19.47
C LYS B 66 -27.70 -6.49 -18.19
N GLU B 67 -26.56 -5.97 -17.71
CA GLU B 67 -26.53 -5.17 -16.49
C GLU B 67 -27.09 -3.76 -16.72
N LEU B 68 -27.14 -3.34 -17.98
CA LEU B 68 -27.59 -1.99 -18.31
C LEU B 68 -29.07 -1.91 -18.66
N ILE B 69 -29.60 -2.96 -19.27
CA ILE B 69 -30.97 -2.91 -19.80
C ILE B 69 -31.99 -3.63 -18.93
N ASP B 70 -33.25 -3.36 -19.19
CA ASP B 70 -34.37 -4.02 -18.53
C ASP B 70 -34.87 -5.16 -19.40
N GLU B 71 -34.63 -6.39 -18.97
CA GLU B 71 -34.99 -7.58 -19.75
C GLU B 71 -36.49 -7.66 -20.05
N LYS B 72 -37.30 -7.04 -19.21
CA LYS B 72 -38.75 -7.04 -19.42
C LYS B 72 -39.16 -6.05 -20.49
N LYS B 73 -38.27 -5.12 -20.83
CA LYS B 73 -38.56 -4.11 -21.84
C LYS B 73 -37.76 -4.34 -23.12
N ILE B 74 -36.52 -4.78 -22.98
CA ILE B 74 -35.64 -4.99 -24.13
C ILE B 74 -35.11 -6.42 -24.20
N LYS B 75 -35.33 -7.07 -25.35
CA LYS B 75 -34.79 -8.39 -25.59
C LYS B 75 -33.42 -8.29 -26.23
N PHE B 76 -32.38 -8.71 -25.51
CA PHE B 76 -31.02 -8.66 -26.03
C PHE B 76 -30.69 -9.92 -26.82
N VAL B 77 -30.14 -9.73 -28.01
CA VAL B 77 -29.72 -10.85 -28.85
C VAL B 77 -28.23 -10.79 -29.13
N LYS B 78 -27.49 -11.79 -28.65
CA LYS B 78 -26.06 -11.87 -28.93
C LYS B 78 -25.83 -12.59 -30.24
N ASP B 79 -25.59 -11.83 -31.30
CA ASP B 79 -25.37 -12.38 -32.63
C ASP B 79 -24.72 -11.36 -33.55
N THR B 80 -24.22 -11.84 -34.69
CA THR B 80 -23.56 -10.97 -35.65
C THR B 80 -24.45 -10.69 -36.87
N VAL B 81 -24.73 -9.41 -37.10
CA VAL B 81 -25.52 -8.99 -38.26
C VAL B 81 -24.76 -9.29 -39.55
N VAL B 82 -25.45 -9.85 -40.53
CA VAL B 82 -24.84 -10.19 -41.80
C VAL B 82 -25.31 -9.26 -42.92
N ALA B 83 -26.61 -9.01 -42.98
CA ALA B 83 -27.18 -8.18 -44.04
C ALA B 83 -28.51 -7.59 -43.61
N ILE B 84 -28.92 -6.51 -44.29
CA ILE B 84 -30.22 -5.91 -44.06
C ILE B 84 -31.04 -5.95 -45.35
N ASP B 85 -32.22 -6.54 -45.28
CA ASP B 85 -33.12 -6.58 -46.44
C ASP B 85 -34.18 -5.50 -46.29
N ARG B 86 -33.98 -4.41 -47.02
CA ARG B 86 -34.87 -3.25 -46.94
C ARG B 86 -36.26 -3.58 -47.47
N GLU B 87 -36.32 -4.34 -48.55
CA GLU B 87 -37.59 -4.68 -49.19
C GLU B 87 -38.48 -5.52 -48.27
N GLN B 88 -37.91 -6.56 -47.69
CA GLN B 88 -38.64 -7.45 -46.79
C GLN B 88 -38.67 -6.92 -45.36
N GLN B 89 -37.91 -5.85 -45.11
CA GLN B 89 -37.72 -5.30 -43.76
C GLN B 89 -37.27 -6.41 -42.82
N LYS B 90 -36.23 -7.12 -43.25
CA LYS B 90 -35.70 -8.25 -42.50
C LYS B 90 -34.19 -8.14 -42.31
N VAL B 91 -33.73 -8.40 -41.09
CA VAL B 91 -32.29 -8.41 -40.81
C VAL B 91 -31.78 -9.84 -40.71
N THR B 92 -30.74 -10.14 -41.48
CA THR B 92 -30.16 -11.48 -41.49
C THR B 92 -28.95 -11.57 -40.56
N LEU B 93 -28.99 -12.53 -39.65
CA LEU B 93 -27.88 -12.75 -38.72
C LEU B 93 -27.15 -14.04 -39.06
N GLN B 94 -26.01 -14.26 -38.41
CA GLN B 94 -25.26 -15.48 -38.61
C GLN B 94 -26.01 -16.71 -38.09
N ASN B 95 -26.84 -16.51 -37.08
CA ASN B 95 -27.53 -17.62 -36.43
C ASN B 95 -29.03 -17.41 -36.36
N GLY B 96 -29.57 -16.63 -37.30
CA GLY B 96 -30.99 -16.43 -37.40
C GLY B 96 -31.37 -15.20 -38.22
N GLU B 97 -32.62 -14.79 -38.11
CA GLU B 97 -33.11 -13.63 -38.85
C GLU B 97 -34.17 -12.88 -38.04
N LEU B 98 -34.29 -11.58 -38.30
CA LEU B 98 -35.24 -10.74 -37.57
C LEU B 98 -36.06 -9.83 -38.47
N HIS B 99 -37.32 -9.63 -38.12
CA HIS B 99 -38.17 -8.69 -38.84
C HIS B 99 -38.39 -7.43 -38.00
N TYR B 100 -38.59 -6.31 -38.67
CA TYR B 100 -38.77 -5.04 -37.97
C TYR B 100 -39.83 -4.17 -38.62
N ASP B 101 -40.44 -3.31 -37.82
CA ASP B 101 -41.27 -2.23 -38.33
C ASP B 101 -40.45 -0.95 -38.35
N TYR B 102 -39.55 -0.83 -37.37
CA TYR B 102 -38.60 0.26 -37.30
C TYR B 102 -37.19 -0.28 -37.07
N LEU B 103 -36.22 0.29 -37.77
CA LEU B 103 -34.83 -0.16 -37.66
C LEU B 103 -33.90 0.97 -37.24
N VAL B 104 -33.01 0.66 -36.30
CA VAL B 104 -31.98 1.61 -35.88
C VAL B 104 -30.60 1.01 -36.13
N VAL B 105 -29.84 1.64 -37.02
CA VAL B 105 -28.53 1.12 -37.38
C VAL B 105 -27.40 1.86 -36.68
N GLY B 106 -26.71 1.14 -35.79
CA GLY B 106 -25.57 1.70 -35.07
C GLY B 106 -24.40 0.73 -35.03
N LEU B 107 -24.03 0.22 -36.19
CA LEU B 107 -23.00 -0.81 -36.30
C LEU B 107 -21.57 -0.24 -36.24
N GLY B 108 -21.46 1.08 -36.17
CA GLY B 108 -20.17 1.72 -36.00
C GLY B 108 -19.29 1.74 -37.25
N SER B 109 -18.01 2.03 -37.04
CA SER B 109 -17.06 2.10 -38.14
C SER B 109 -16.31 0.79 -38.34
N GLU B 110 -15.68 0.67 -39.51
CA GLU B 110 -14.68 -0.36 -39.74
C GLU B 110 -13.46 0.36 -40.31
N PRO B 111 -12.28 -0.26 -40.23
CA PRO B 111 -11.08 0.41 -40.74
C PRO B 111 -11.14 0.70 -42.24
N GLU B 112 -10.62 1.86 -42.64
CA GLU B 112 -10.48 2.22 -44.04
C GLU B 112 -8.99 2.33 -44.39
N THR B 113 -8.49 1.43 -45.22
CA THR B 113 -7.07 1.40 -45.56
C THR B 113 -6.80 1.96 -46.96
N PHE B 114 -7.86 2.39 -47.64
CA PHE B 114 -7.76 3.06 -48.93
C PHE B 114 -7.03 2.24 -49.99
N GLY B 115 -7.08 0.93 -49.86
CA GLY B 115 -6.46 0.03 -50.81
C GLY B 115 -4.93 0.03 -50.76
N ILE B 116 -4.38 0.60 -49.70
CA ILE B 116 -2.92 0.60 -49.52
C ILE B 116 -2.44 -0.82 -49.30
N GLU B 117 -1.51 -1.26 -50.15
CA GLU B 117 -1.07 -2.65 -50.18
C GLU B 117 -0.54 -3.16 -48.84
N GLY B 118 -1.11 -4.26 -48.38
CA GLY B 118 -0.62 -4.94 -47.19
C GLY B 118 -1.10 -4.33 -45.89
N LEU B 119 -1.74 -3.18 -45.98
CA LEU B 119 -2.17 -2.46 -44.78
C LEU B 119 -3.28 -3.21 -44.05
N ARG B 120 -4.27 -3.66 -44.81
CA ARG B 120 -5.41 -4.37 -44.26
C ARG B 120 -4.98 -5.67 -43.55
N GLU B 121 -4.01 -6.37 -44.12
CA GLU B 121 -3.66 -7.69 -43.63
C GLU B 121 -2.57 -7.67 -42.56
N HIS B 122 -1.68 -6.69 -42.59
CA HIS B 122 -0.53 -6.72 -41.71
C HIS B 122 -0.49 -5.62 -40.65
N ALA B 123 -1.44 -4.70 -40.68
CA ALA B 123 -1.49 -3.67 -39.64
C ALA B 123 -2.65 -3.95 -38.68
N PHE B 124 -2.54 -3.39 -37.47
CA PHE B 124 -3.54 -3.60 -36.44
C PHE B 124 -4.43 -2.37 -36.28
N SER B 125 -5.65 -2.58 -35.81
CA SER B 125 -6.58 -1.49 -35.56
C SER B 125 -7.03 -1.47 -34.11
N ILE B 126 -7.30 -0.26 -33.61
CA ILE B 126 -7.84 -0.07 -32.27
C ILE B 126 -9.34 0.20 -32.36
N ASN B 127 -10.16 -0.86 -32.28
CA ASN B 127 -11.60 -0.67 -32.46
C ASN B 127 -12.49 -1.67 -31.73
N SER B 128 -11.90 -2.50 -30.87
CA SER B 128 -12.68 -3.42 -30.04
C SER B 128 -11.84 -3.93 -28.87
N ILE B 129 -12.47 -4.65 -27.96
CA ILE B 129 -11.74 -5.27 -26.85
C ILE B 129 -10.78 -6.34 -27.38
N ASN B 130 -11.26 -7.14 -28.32
CA ASN B 130 -10.44 -8.16 -28.94
C ASN B 130 -9.22 -7.59 -29.64
N SER B 131 -9.41 -6.50 -30.37
CA SER B 131 -8.34 -5.92 -31.17
C SER B 131 -7.23 -5.29 -30.30
N VAL B 132 -7.60 -4.68 -29.19
CA VAL B 132 -6.61 -4.03 -28.34
C VAL B 132 -5.83 -5.04 -27.49
N ARG B 133 -6.46 -6.16 -27.16
CA ARG B 133 -5.75 -7.23 -26.47
C ARG B 133 -4.74 -7.88 -27.42
N ILE B 134 -5.11 -7.98 -28.69
CA ILE B 134 -4.21 -8.53 -29.70
C ILE B 134 -3.00 -7.61 -29.89
N ILE B 135 -3.25 -6.31 -30.00
CA ILE B 135 -2.16 -5.34 -30.12
C ILE B 135 -1.25 -5.39 -28.89
N ARG B 136 -1.88 -5.36 -27.72
CA ARG B 136 -1.16 -5.36 -26.45
C ARG B 136 -0.20 -6.54 -26.35
N GLN B 137 -0.70 -7.74 -26.64
CA GLN B 137 0.11 -8.94 -26.51
C GLN B 137 1.11 -9.11 -27.65
N HIS B 138 0.78 -8.54 -28.82
CA HIS B 138 1.71 -8.55 -29.93
C HIS B 138 2.98 -7.79 -29.58
N ILE B 139 2.80 -6.58 -29.04
CA ILE B 139 3.92 -5.72 -28.68
C ILE B 139 4.79 -6.34 -27.59
N GLU B 140 4.16 -6.90 -26.56
CA GLU B 140 4.90 -7.54 -25.47
C GLU B 140 5.68 -8.74 -25.98
N TYR B 141 5.11 -9.42 -26.97
CA TYR B 141 5.75 -10.57 -27.60
C TYR B 141 7.03 -10.14 -28.33
N GLN B 142 6.94 -9.01 -29.03
CA GLN B 142 8.10 -8.50 -29.76
C GLN B 142 9.23 -8.14 -28.81
N PHE B 143 8.88 -7.46 -27.72
CA PHE B 143 9.88 -7.05 -26.74
C PHE B 143 10.49 -8.26 -26.05
N ALA B 144 9.69 -9.29 -25.83
CA ALA B 144 10.17 -10.54 -25.24
C ALA B 144 11.20 -11.22 -26.13
N LYS B 145 11.01 -11.12 -27.44
CA LYS B 145 11.93 -11.76 -28.38
C LYS B 145 13.25 -11.01 -28.52
N PHE B 146 13.26 -9.74 -28.17
CA PHE B 146 14.42 -8.88 -28.41
C PHE B 146 15.67 -9.30 -27.64
N ALA B 147 15.52 -9.66 -26.37
CA ALA B 147 16.67 -9.95 -25.52
C ALA B 147 17.51 -11.10 -26.08
N ALA B 148 16.86 -12.05 -26.73
CA ALA B 148 17.55 -13.18 -27.34
C ALA B 148 18.21 -12.80 -28.66
N GLU B 149 17.71 -11.75 -29.30
CA GLU B 149 18.24 -11.28 -30.57
C GLU B 149 18.42 -9.76 -30.56
N PRO B 150 19.44 -9.28 -29.82
CA PRO B 150 19.58 -7.83 -29.59
C PRO B 150 19.91 -7.00 -30.82
N GLU B 151 20.19 -7.64 -31.95
CA GLU B 151 20.40 -6.91 -33.21
C GLU B 151 19.09 -6.65 -33.94
N ARG B 152 18.02 -7.33 -33.53
CA ARG B 152 16.72 -7.13 -34.16
C ARG B 152 15.99 -5.97 -33.50
N THR B 153 16.50 -4.77 -33.69
CA THR B 153 15.92 -3.57 -33.09
C THR B 153 14.55 -3.24 -33.67
N ASP B 154 14.22 -3.86 -34.80
CA ASP B 154 12.90 -3.70 -35.41
C ASP B 154 11.79 -4.25 -34.50
N TYR B 155 12.15 -5.16 -33.59
CA TYR B 155 11.23 -5.62 -32.56
C TYR B 155 10.77 -4.46 -31.68
N LEU B 156 11.66 -3.48 -31.52
CA LEU B 156 11.43 -2.36 -30.62
C LEU B 156 10.91 -1.12 -31.36
N THR B 157 10.59 -1.29 -32.64
CA THR B 157 10.06 -0.19 -33.42
C THR B 157 8.56 -0.37 -33.63
N ILE B 158 7.79 0.64 -33.24
CA ILE B 158 6.35 0.62 -33.43
C ILE B 158 5.94 1.77 -34.32
N VAL B 159 5.33 1.45 -35.46
CA VAL B 159 4.87 2.46 -36.40
C VAL B 159 3.38 2.68 -36.26
N VAL B 160 2.99 3.92 -36.00
CA VAL B 160 1.59 4.27 -35.91
C VAL B 160 1.21 5.15 -37.09
N GLY B 161 0.39 4.62 -37.99
CA GLY B 161 -0.02 5.32 -39.19
C GLY B 161 -1.18 6.26 -38.95
N GLY B 162 -0.97 7.54 -39.21
CA GLY B 162 -2.00 8.53 -39.01
C GLY B 162 -1.81 9.32 -37.73
N ALA B 163 -1.60 10.61 -37.85
CA ALA B 163 -1.39 11.47 -36.70
C ALA B 163 -2.65 12.25 -36.37
N GLY B 164 -3.77 11.56 -36.35
CA GLY B 164 -5.03 12.15 -35.95
C GLY B 164 -5.26 11.97 -34.46
N PHE B 165 -6.50 12.16 -34.02
CA PHE B 165 -6.86 12.09 -32.61
C PHE B 165 -6.46 10.76 -31.96
N THR B 166 -6.82 9.66 -32.62
CA THR B 166 -6.57 8.33 -32.09
C THR B 166 -5.08 7.99 -32.03
N GLY B 167 -4.36 8.30 -33.10
CA GLY B 167 -2.93 8.02 -33.16
C GLY B 167 -2.16 8.74 -32.08
N ILE B 168 -2.51 10.01 -31.86
CA ILE B 168 -1.83 10.84 -30.86
C ILE B 168 -2.07 10.32 -29.45
N GLU B 169 -3.31 9.97 -29.13
CA GLU B 169 -3.62 9.41 -27.82
C GLU B 169 -2.91 8.07 -27.61
N PHE B 170 -2.83 7.28 -28.67
CA PHE B 170 -2.21 5.96 -28.58
C PHE B 170 -0.70 6.05 -28.34
N VAL B 171 0.00 6.89 -29.10
CA VAL B 171 1.45 7.03 -28.90
C VAL B 171 1.76 7.66 -27.54
N GLY B 172 0.81 8.44 -27.03
CA GLY B 172 0.96 9.01 -25.69
C GLY B 172 0.97 7.91 -24.64
N GLU B 173 0.04 6.96 -24.78
CA GLU B 173 -0.03 5.82 -23.88
C GLU B 173 1.20 4.92 -24.01
N LEU B 174 1.63 4.67 -25.24
CA LEU B 174 2.82 3.84 -25.48
C LEU B 174 4.07 4.43 -24.84
N ALA B 175 4.21 5.75 -24.91
CA ALA B 175 5.38 6.43 -24.35
C ALA B 175 5.45 6.26 -22.84
N ASP B 176 4.31 6.35 -22.17
CA ASP B 176 4.24 6.16 -20.73
C ASP B 176 4.52 4.71 -20.34
N ARG B 177 4.14 3.80 -21.24
CA ARG B 177 4.28 2.36 -21.00
C ARG B 177 5.72 1.88 -21.08
N MET B 178 6.51 2.53 -21.93
CA MET B 178 7.87 2.07 -22.27
C MET B 178 8.82 1.81 -21.08
N PRO B 179 8.85 2.69 -20.06
CA PRO B 179 9.76 2.40 -18.95
C PRO B 179 9.50 1.05 -18.28
N GLU B 180 8.24 0.75 -17.97
CA GLU B 180 7.89 -0.53 -17.37
C GLU B 180 8.10 -1.69 -18.34
N LEU B 181 7.74 -1.46 -19.59
CA LEU B 181 7.88 -2.49 -20.63
C LEU B 181 9.34 -2.88 -20.83
N CYS B 182 10.22 -1.90 -20.86
CA CYS B 182 11.65 -2.15 -21.05
C CYS B 182 12.28 -2.87 -19.86
N ALA B 183 11.83 -2.54 -18.66
CA ALA B 183 12.35 -3.17 -17.45
C ALA B 183 11.92 -4.64 -17.39
N GLU B 184 10.72 -4.91 -17.88
CA GLU B 184 10.17 -6.26 -17.90
C GLU B 184 10.98 -7.19 -18.81
N TYR B 185 11.54 -6.64 -19.87
CA TYR B 185 12.21 -7.48 -20.87
C TYR B 185 13.68 -7.12 -21.09
N ASP B 186 14.29 -6.47 -20.11
CA ASP B 186 15.72 -6.12 -20.16
C ASP B 186 16.09 -5.34 -21.43
N VAL B 187 15.23 -4.40 -21.80
CA VAL B 187 15.45 -3.62 -23.00
C VAL B 187 16.02 -2.24 -22.69
N ASP B 188 17.08 -1.87 -23.41
CA ASP B 188 17.61 -0.51 -23.37
C ASP B 188 16.56 0.43 -23.96
N PRO B 189 15.99 1.32 -23.12
CA PRO B 189 14.89 2.20 -23.54
C PRO B 189 15.26 3.12 -24.71
N LYS B 190 16.55 3.43 -24.85
CA LYS B 190 17.01 4.32 -25.90
C LYS B 190 16.92 3.67 -27.29
N LEU B 191 16.77 2.35 -27.31
CA LEU B 191 16.69 1.61 -28.56
C LEU B 191 15.26 1.54 -29.08
N VAL B 192 14.31 1.94 -28.24
CA VAL B 192 12.90 1.90 -28.62
C VAL B 192 12.53 3.06 -29.53
N ARG B 193 11.77 2.77 -30.59
CA ARG B 193 11.29 3.82 -31.49
C ARG B 193 9.78 3.77 -31.64
N ILE B 194 9.13 4.88 -31.29
CA ILE B 194 7.71 5.04 -31.57
C ILE B 194 7.58 6.09 -32.66
N ILE B 195 7.13 5.67 -33.83
CA ILE B 195 7.11 6.54 -34.99
C ILE B 195 5.69 6.79 -35.48
N ASN B 196 5.26 8.04 -35.42
CA ASN B 196 3.94 8.43 -35.92
C ASN B 196 4.07 8.94 -37.35
N VAL B 197 3.47 8.21 -38.29
CA VAL B 197 3.62 8.54 -39.71
C VAL B 197 2.33 9.13 -40.27
N GLU B 198 2.43 10.32 -40.84
CA GLU B 198 1.26 11.05 -41.34
C GLU B 198 1.48 11.56 -42.76
N ALA B 199 0.51 11.31 -43.64
CA ALA B 199 0.60 11.75 -45.02
C ALA B 199 0.45 13.27 -45.14
N ALA B 200 -0.46 13.84 -44.36
CA ALA B 200 -0.66 15.30 -44.35
C ALA B 200 0.60 16.01 -43.86
N PRO B 201 0.77 17.29 -44.24
CA PRO B 201 2.01 17.98 -43.86
C PRO B 201 2.04 18.51 -42.43
N THR B 202 0.99 18.24 -41.65
CA THR B 202 0.96 18.67 -40.25
C THR B 202 0.34 17.60 -39.33
N VAL B 203 0.93 17.45 -38.15
CA VAL B 203 0.40 16.59 -37.11
C VAL B 203 -0.96 17.13 -36.66
N LEU B 204 -1.92 16.25 -36.44
CA LEU B 204 -3.28 16.62 -36.08
C LEU B 204 -3.86 17.67 -37.03
N PRO B 205 -3.98 17.32 -38.32
CA PRO B 205 -4.43 18.31 -39.31
C PRO B 205 -5.89 18.72 -39.08
N GLY B 206 -6.14 20.00 -38.91
CA GLY B 206 -7.48 20.52 -38.70
C GLY B 206 -7.71 21.07 -37.30
N PHE B 207 -6.79 20.78 -36.40
CA PHE B 207 -6.89 21.28 -35.02
C PHE B 207 -6.14 22.60 -34.84
N ASP B 208 -6.39 23.27 -33.72
CA ASP B 208 -5.74 24.52 -33.41
C ASP B 208 -4.24 24.30 -33.24
N PRO B 209 -3.42 25.02 -34.02
CA PRO B 209 -1.96 24.91 -34.06
C PRO B 209 -1.30 24.99 -32.69
N ALA B 210 -1.83 25.82 -31.79
CA ALA B 210 -1.27 25.97 -30.45
C ALA B 210 -1.36 24.67 -29.66
N LEU B 211 -2.50 24.00 -29.78
CA LEU B 211 -2.71 22.72 -29.11
C LEU B 211 -1.83 21.64 -29.75
N VAL B 212 -1.71 21.70 -31.07
CA VAL B 212 -0.89 20.75 -31.81
C VAL B 212 0.58 20.84 -31.42
N ASN B 213 1.12 22.06 -31.41
CA ASN B 213 2.51 22.27 -31.08
C ASN B 213 2.84 21.82 -29.67
N TYR B 214 1.90 22.04 -28.74
CA TYR B 214 2.05 21.58 -27.37
C TYR B 214 2.09 20.07 -27.34
N ALA B 215 1.22 19.43 -28.12
CA ALA B 215 1.15 17.98 -28.18
C ALA B 215 2.45 17.36 -28.70
N MET B 216 2.99 17.95 -29.77
CA MET B 216 4.24 17.48 -30.35
C MET B 216 5.41 17.67 -29.39
N ASP B 217 5.41 18.79 -28.67
CA ASP B 217 6.47 19.08 -27.71
C ASP B 217 6.46 18.07 -26.58
N VAL B 218 5.28 17.80 -26.03
CA VAL B 218 5.13 16.84 -24.94
C VAL B 218 5.52 15.43 -25.37
N LEU B 219 4.96 14.96 -26.49
CA LEU B 219 5.23 13.62 -26.98
C LEU B 219 6.65 13.49 -27.50
N GLY B 220 7.15 14.55 -28.12
CA GLY B 220 8.53 14.60 -28.60
C GLY B 220 9.53 14.45 -27.47
N GLY B 221 9.26 15.11 -26.35
CA GLY B 221 10.10 15.00 -25.17
C GLY B 221 10.16 13.58 -24.65
N LYS B 222 9.07 12.84 -24.83
CA LYS B 222 8.99 11.46 -24.39
C LYS B 222 9.56 10.49 -25.42
N GLY B 223 10.17 11.04 -26.48
CA GLY B 223 10.87 10.22 -27.45
C GLY B 223 10.08 9.80 -28.67
N VAL B 224 8.84 10.28 -28.80
CA VAL B 224 8.02 9.94 -29.95
C VAL B 224 8.50 10.68 -31.20
N GLU B 225 8.71 9.95 -32.28
CA GLU B 225 9.12 10.55 -33.54
C GLU B 225 7.91 10.82 -34.42
N PHE B 226 7.96 11.94 -35.15
CA PHE B 226 6.90 12.29 -36.09
C PHE B 226 7.45 12.40 -37.51
N LYS B 227 6.84 11.67 -38.43
CA LYS B 227 7.15 11.80 -39.84
C LYS B 227 5.95 12.36 -40.58
N ILE B 228 6.03 13.64 -40.96
CA ILE B 228 4.91 14.34 -41.58
C ILE B 228 5.16 14.59 -43.06
N GLY B 229 4.07 14.70 -43.81
CA GLY B 229 4.16 14.80 -45.26
C GLY B 229 4.69 13.51 -45.82
N THR B 230 4.43 12.42 -45.10
CA THR B 230 4.99 11.11 -45.41
C THR B 230 3.92 10.04 -45.43
N PRO B 231 3.48 9.64 -46.64
CA PRO B 231 2.46 8.61 -46.77
C PRO B 231 3.02 7.19 -46.71
N ILE B 232 2.27 6.28 -46.10
CA ILE B 232 2.59 4.86 -46.13
C ILE B 232 2.23 4.28 -47.50
N LYS B 233 3.19 3.68 -48.18
CA LYS B 233 2.97 3.15 -49.53
C LYS B 233 2.57 1.68 -49.50
N ARG B 234 3.15 0.92 -48.58
CA ARG B 234 2.79 -0.50 -48.42
C ARG B 234 3.19 -1.00 -47.04
N CYS B 235 2.55 -2.08 -46.61
CA CYS B 235 2.78 -2.63 -45.29
C CYS B 235 3.05 -4.14 -45.34
N THR B 236 4.04 -4.59 -44.57
CA THR B 236 4.41 -6.00 -44.50
C THR B 236 4.59 -6.40 -43.04
N PRO B 237 4.72 -7.72 -42.77
CA PRO B 237 5.02 -8.06 -41.37
C PRO B 237 6.41 -7.59 -40.93
N GLU B 238 7.22 -7.13 -41.88
CA GLU B 238 8.55 -6.62 -41.57
C GLU B 238 8.55 -5.11 -41.34
N GLY B 239 7.51 -4.42 -41.80
CA GLY B 239 7.42 -2.99 -41.62
C GLY B 239 6.64 -2.27 -42.69
N VAL B 240 7.02 -1.02 -42.97
CA VAL B 240 6.33 -0.23 -43.97
C VAL B 240 7.30 0.42 -44.95
N VAL B 241 6.80 0.69 -46.15
CA VAL B 241 7.53 1.53 -47.10
C VAL B 241 6.83 2.88 -47.13
N ILE B 242 7.60 3.95 -46.98
CA ILE B 242 7.06 5.30 -46.96
C ILE B 242 7.66 6.14 -48.06
N GLU B 243 7.01 7.26 -48.37
CA GLU B 243 7.49 8.17 -49.41
C GLU B 243 8.11 9.42 -48.80
N VAL B 244 9.40 9.61 -49.04
CA VAL B 244 10.11 10.77 -48.53
C VAL B 244 10.76 11.51 -49.70
N ASP B 245 10.29 12.74 -49.94
CA ASP B 245 10.73 13.55 -51.06
C ASP B 245 10.59 12.80 -52.38
N GLY B 246 9.43 12.15 -52.56
CA GLY B 246 9.15 11.43 -53.79
C GLY B 246 9.98 10.18 -53.99
N GLU B 247 10.59 9.70 -52.91
CA GLU B 247 11.42 8.50 -52.98
C GLU B 247 11.02 7.48 -51.91
N GLU B 248 11.21 6.21 -52.21
CA GLU B 248 10.86 5.14 -51.27
C GLU B 248 11.92 4.92 -50.21
N GLU B 249 11.46 4.86 -48.96
CA GLU B 249 12.32 4.53 -47.83
C GLU B 249 11.60 3.51 -46.95
N GLU B 250 12.34 2.52 -46.47
CA GLU B 250 11.75 1.45 -45.68
C GLU B 250 11.95 1.66 -44.18
N ILE B 251 10.91 1.43 -43.40
CA ILE B 251 11.02 1.39 -41.95
C ILE B 251 10.78 -0.04 -41.49
N LYS B 252 11.81 -0.68 -40.94
CA LYS B 252 11.65 -2.03 -40.42
C LYS B 252 11.00 -1.96 -39.04
N ALA B 253 9.85 -2.60 -38.92
CA ALA B 253 9.08 -2.53 -37.68
C ALA B 253 8.18 -3.75 -37.54
N ALA B 254 8.26 -4.40 -36.37
CA ALA B 254 7.51 -5.62 -36.14
C ALA B 254 6.06 -5.31 -35.77
N THR B 255 5.77 -4.04 -35.52
CA THR B 255 4.42 -3.62 -35.15
C THR B 255 3.98 -2.38 -35.92
N VAL B 256 2.90 -2.53 -36.67
CA VAL B 256 2.28 -1.41 -37.38
C VAL B 256 0.82 -1.27 -36.98
N VAL B 257 0.46 -0.11 -36.44
CA VAL B 257 -0.90 0.17 -36.01
C VAL B 257 -1.52 1.25 -36.88
N TRP B 258 -2.66 0.95 -37.49
CA TRP B 258 -3.31 1.89 -38.40
C TRP B 258 -4.38 2.73 -37.69
N THR B 259 -4.16 4.05 -37.66
CA THR B 259 -5.13 4.99 -37.15
C THR B 259 -5.36 6.08 -38.17
N GLY B 260 -5.28 5.72 -39.45
CA GLY B 260 -5.29 6.69 -40.52
C GLY B 260 -6.59 6.83 -41.28
N GLY B 261 -7.65 6.17 -40.81
CA GLY B 261 -8.94 6.33 -41.44
C GLY B 261 -9.96 5.25 -41.11
N VAL B 262 -11.22 5.65 -41.09
CA VAL B 262 -12.34 4.73 -40.86
C VAL B 262 -13.44 5.01 -41.87
N ARG B 263 -14.35 4.05 -41.99
CA ARG B 263 -15.53 4.21 -42.85
C ARG B 263 -16.72 3.58 -42.16
N GLY B 264 -17.92 3.89 -42.63
CA GLY B 264 -19.11 3.24 -42.11
C GLY B 264 -19.03 1.74 -42.33
N ASN B 265 -19.58 0.97 -41.39
CA ASN B 265 -19.62 -0.48 -41.48
C ASN B 265 -20.14 -0.92 -42.85
N SER B 266 -19.40 -1.81 -43.51
CA SER B 266 -19.68 -2.19 -44.90
C SER B 266 -21.05 -2.82 -45.10
N ILE B 267 -21.63 -3.36 -44.03
CA ILE B 267 -22.97 -3.97 -44.11
C ILE B 267 -24.00 -2.98 -44.63
N VAL B 268 -23.86 -1.71 -44.23
CA VAL B 268 -24.77 -0.67 -44.68
C VAL B 268 -24.74 -0.53 -46.20
N GLU B 269 -23.53 -0.38 -46.75
CA GLU B 269 -23.37 -0.25 -48.19
C GLU B 269 -23.78 -1.53 -48.93
N LYS B 270 -23.40 -2.68 -48.36
CA LYS B 270 -23.72 -3.96 -48.98
C LYS B 270 -25.22 -4.23 -49.03
N SER B 271 -25.98 -3.60 -48.13
CA SER B 271 -27.41 -3.81 -48.06
C SER B 271 -28.20 -2.97 -49.07
N GLY B 272 -27.49 -2.14 -49.84
CA GLY B 272 -28.11 -1.39 -50.92
C GLY B 272 -28.38 0.07 -50.60
N PHE B 273 -27.99 0.51 -49.41
CA PHE B 273 -28.14 1.91 -49.04
C PHE B 273 -27.15 2.79 -49.82
N GLU B 274 -27.61 3.97 -50.22
CA GLU B 274 -26.73 4.94 -50.86
C GLU B 274 -25.83 5.57 -49.81
N THR B 275 -24.51 5.40 -49.98
CA THR B 275 -23.56 5.82 -48.96
C THR B 275 -22.42 6.67 -49.53
N MET B 276 -21.80 7.43 -48.65
CA MET B 276 -20.59 8.18 -48.98
C MET B 276 -19.53 7.82 -47.97
N ARG B 277 -18.50 7.09 -48.43
CA ARG B 277 -17.48 6.53 -47.55
C ARG B 277 -18.13 5.63 -46.50
N GLY B 278 -19.12 4.87 -46.94
CA GLY B 278 -19.79 3.91 -46.09
C GLY B 278 -20.86 4.47 -45.15
N ARG B 279 -20.98 5.80 -45.11
CA ARG B 279 -21.96 6.42 -44.21
C ARG B 279 -23.15 6.97 -44.98
N ILE B 280 -24.30 7.04 -44.31
CA ILE B 280 -25.52 7.54 -44.92
C ILE B 280 -25.76 9.00 -44.54
N LYS B 281 -25.90 9.86 -45.54
CA LYS B 281 -26.28 11.26 -45.30
C LYS B 281 -27.76 11.31 -44.97
N VAL B 282 -28.06 11.22 -43.69
CA VAL B 282 -29.43 11.11 -43.21
C VAL B 282 -30.21 12.42 -43.32
N ASP B 283 -31.54 12.32 -43.23
CA ASP B 283 -32.41 13.49 -43.24
C ASP B 283 -32.34 14.21 -41.88
N PRO B 284 -33.02 15.37 -41.74
CA PRO B 284 -32.97 16.07 -40.44
C PRO B 284 -33.42 15.25 -39.24
N TYR B 285 -34.10 14.12 -39.45
CA TYR B 285 -34.55 13.27 -38.35
C TYR B 285 -33.70 12.00 -38.21
N LEU B 286 -32.49 12.05 -38.78
CA LEU B 286 -31.54 10.93 -38.72
C LEU B 286 -32.06 9.66 -39.38
N ARG B 287 -32.96 9.81 -40.34
CA ARG B 287 -33.47 8.67 -41.10
C ARG B 287 -32.71 8.49 -42.41
N ALA B 288 -32.59 7.25 -42.85
CA ALA B 288 -32.04 6.98 -44.17
C ALA B 288 -33.03 7.45 -45.24
N PRO B 289 -32.57 8.25 -46.20
CA PRO B 289 -33.41 8.80 -47.26
C PRO B 289 -34.18 7.71 -48.02
N GLY B 290 -35.49 7.89 -48.14
CA GLY B 290 -36.33 6.91 -48.79
C GLY B 290 -36.85 5.86 -47.83
N HIS B 291 -36.54 6.05 -46.55
CA HIS B 291 -36.98 5.11 -45.52
C HIS B 291 -37.45 5.87 -44.28
N GLU B 292 -38.77 5.93 -44.09
CA GLU B 292 -39.35 6.65 -42.97
C GLU B 292 -39.26 5.86 -41.66
N ASN B 293 -38.83 4.61 -41.75
CA ASN B 293 -38.80 3.73 -40.58
C ASN B 293 -37.41 3.22 -40.25
N ILE B 294 -36.39 3.74 -40.93
CA ILE B 294 -35.01 3.34 -40.65
C ILE B 294 -34.17 4.52 -40.17
N PHE B 295 -33.66 4.42 -38.96
CA PHE B 295 -32.83 5.47 -38.37
C PHE B 295 -31.37 5.03 -38.35
N ILE B 296 -30.46 5.98 -38.62
CA ILE B 296 -29.03 5.70 -38.61
C ILE B 296 -28.36 6.51 -37.51
N VAL B 297 -27.59 5.85 -36.65
CA VAL B 297 -26.93 6.54 -35.55
C VAL B 297 -25.43 6.28 -35.52
N GLY B 298 -24.72 7.12 -34.77
CA GLY B 298 -23.29 6.98 -34.60
C GLY B 298 -22.48 7.09 -35.88
N ASP B 299 -21.43 6.26 -35.96
CA ASP B 299 -20.46 6.35 -37.05
C ASP B 299 -21.00 5.93 -38.41
N CYS B 300 -22.19 5.35 -38.45
CA CYS B 300 -22.79 5.01 -39.74
C CYS B 300 -23.53 6.20 -40.34
N ALA B 301 -23.71 7.25 -39.55
CA ALA B 301 -24.45 8.43 -39.97
C ALA B 301 -23.52 9.59 -40.34
N LEU B 302 -23.85 10.28 -41.41
CA LEU B 302 -23.11 11.45 -41.86
C LEU B 302 -23.95 12.71 -41.66
N ILE B 303 -23.42 13.66 -40.88
CA ILE B 303 -24.10 14.93 -40.65
C ILE B 303 -23.30 16.11 -41.17
N ILE B 304 -23.95 16.97 -41.95
CA ILE B 304 -23.33 18.18 -42.43
C ILE B 304 -23.76 19.39 -41.60
N ASN B 305 -22.80 20.14 -41.09
CA ASN B 305 -23.10 21.41 -40.42
C ASN B 305 -23.59 22.42 -41.46
N GLU B 306 -24.87 22.76 -41.39
CA GLU B 306 -25.49 23.62 -42.39
C GLU B 306 -25.00 25.06 -42.31
N GLU B 307 -24.33 25.41 -41.21
CA GLU B 307 -23.82 26.76 -41.03
C GLU B 307 -22.58 27.02 -41.88
N ASN B 308 -21.80 25.97 -42.13
CA ASN B 308 -20.56 26.11 -42.88
C ASN B 308 -20.30 24.98 -43.88
N ASN B 309 -21.29 24.12 -44.07
CA ASN B 309 -21.27 23.05 -45.06
C ASN B 309 -20.12 22.05 -44.91
N ARG B 310 -19.65 21.84 -43.70
CA ARG B 310 -18.61 20.85 -43.46
C ARG B 310 -19.16 19.71 -42.62
N PRO B 311 -18.75 18.48 -42.92
CA PRO B 311 -19.25 17.29 -42.21
C PRO B 311 -18.77 17.23 -40.76
N TYR B 312 -19.63 16.77 -39.86
CA TYR B 312 -19.20 16.46 -38.51
C TYR B 312 -18.37 15.17 -38.53
N PRO B 313 -17.27 15.15 -37.78
CA PRO B 313 -16.47 13.92 -37.70
C PRO B 313 -17.22 12.83 -36.94
N PRO B 314 -16.89 11.56 -37.23
CA PRO B 314 -17.52 10.44 -36.50
C PRO B 314 -17.04 10.38 -35.05
N THR B 315 -17.85 10.87 -34.12
CA THR B 315 -17.46 10.95 -32.72
C THR B 315 -18.47 10.23 -31.81
N ALA B 316 -18.01 9.85 -30.62
CA ALA B 316 -18.89 9.28 -29.62
C ALA B 316 -19.86 10.34 -29.09
N GLN B 317 -19.37 11.57 -28.99
CA GLN B 317 -20.18 12.68 -28.48
C GLN B 317 -21.44 12.89 -29.30
N ILE B 318 -21.30 12.88 -30.62
CA ILE B 318 -22.44 13.07 -31.50
C ILE B 318 -23.25 11.77 -31.62
N ALA B 319 -22.58 10.63 -31.40
CA ALA B 319 -23.25 9.33 -31.42
C ALA B 319 -24.26 9.25 -30.29
N ILE B 320 -23.87 9.73 -29.11
CA ILE B 320 -24.75 9.79 -27.96
C ILE B 320 -25.98 10.65 -28.25
N GLN B 321 -25.74 11.81 -28.86
CA GLN B 321 -26.82 12.73 -29.18
C GLN B 321 -27.75 12.14 -30.26
N HIS B 322 -27.17 11.35 -31.16
CA HIS B 322 -27.97 10.61 -32.13
C HIS B 322 -28.96 9.68 -31.43
N GLY B 323 -28.46 8.88 -30.50
CA GLY B 323 -29.29 7.92 -29.79
C GLY B 323 -30.42 8.55 -29.01
N GLU B 324 -30.14 9.68 -28.35
CA GLU B 324 -31.16 10.39 -27.59
C GLU B 324 -32.27 10.94 -28.49
N ASN B 325 -31.88 11.48 -29.64
CA ASN B 325 -32.82 12.06 -30.58
C ASN B 325 -33.69 10.99 -31.23
N VAL B 326 -33.09 9.87 -31.61
CA VAL B 326 -33.83 8.78 -32.23
C VAL B 326 -34.82 8.15 -31.26
N ALA B 327 -34.41 7.97 -30.01
CA ALA B 327 -35.27 7.40 -28.99
C ALA B 327 -36.48 8.30 -28.78
N ALA B 328 -36.25 9.60 -28.71
CA ALA B 328 -37.31 10.58 -28.56
C ALA B 328 -38.24 10.58 -29.78
N ASN B 329 -37.65 10.54 -30.97
CA ASN B 329 -38.43 10.58 -32.20
C ASN B 329 -39.19 9.29 -32.48
N LEU B 330 -38.60 8.16 -32.10
CA LEU B 330 -39.28 6.87 -32.25
C LEU B 330 -40.52 6.80 -31.36
N ALA B 331 -40.36 7.24 -30.11
CA ALA B 331 -41.48 7.30 -29.17
C ALA B 331 -42.61 8.16 -29.72
N ALA B 332 -42.24 9.27 -30.36
CA ALA B 332 -43.21 10.16 -30.96
C ALA B 332 -43.96 9.49 -32.11
N LEU B 333 -43.22 8.78 -32.95
CA LEU B 333 -43.81 8.06 -34.09
C LEU B 333 -44.76 6.96 -33.62
N ILE B 334 -44.35 6.21 -32.61
CA ILE B 334 -45.18 5.15 -32.05
C ILE B 334 -46.48 5.73 -31.49
N ARG B 335 -46.38 6.90 -30.88
CA ARG B 335 -47.52 7.53 -30.23
C ARG B 335 -48.22 8.57 -31.10
N GLY B 336 -47.77 8.67 -32.35
CA GLY B 336 -48.42 9.56 -33.31
C GLY B 336 -48.12 11.04 -33.11
N GLY B 337 -47.11 11.35 -32.30
CA GLY B 337 -46.76 12.74 -32.07
C GLY B 337 -45.86 13.26 -33.18
N SER B 338 -45.35 14.48 -33.01
CA SER B 338 -44.46 15.06 -34.00
C SER B 338 -43.00 14.85 -33.61
N MET B 339 -42.15 14.65 -34.61
CA MET B 339 -40.73 14.42 -34.36
C MET B 339 -39.99 15.75 -34.21
N THR B 340 -38.81 15.67 -33.59
CA THR B 340 -37.95 16.84 -33.44
C THR B 340 -36.68 16.68 -34.27
N PRO B 341 -36.41 17.65 -35.16
CA PRO B 341 -35.19 17.62 -35.98
C PRO B 341 -33.94 17.52 -35.12
N PHE B 342 -32.98 16.72 -35.54
CA PHE B 342 -31.74 16.60 -34.79
C PHE B 342 -30.96 17.89 -34.86
N LYS B 343 -30.50 18.36 -33.70
CA LYS B 343 -29.62 19.50 -33.64
C LYS B 343 -28.47 19.19 -32.70
N PRO B 344 -27.26 19.07 -33.26
CA PRO B 344 -26.09 18.70 -32.45
C PRO B 344 -25.63 19.85 -31.58
N HIS B 345 -25.26 19.55 -30.34
CA HIS B 345 -24.58 20.54 -29.51
C HIS B 345 -23.21 19.99 -29.22
N ILE B 346 -22.21 20.53 -29.91
CA ILE B 346 -20.85 20.02 -29.79
C ILE B 346 -20.12 20.72 -28.66
N ARG B 347 -19.88 19.97 -27.58
CA ARG B 347 -19.11 20.49 -26.45
C ARG B 347 -17.63 20.30 -26.74
N GLY B 348 -16.81 20.41 -25.70
CA GLY B 348 -15.39 20.27 -25.85
C GLY B 348 -14.87 18.84 -25.78
N THR B 349 -13.79 18.59 -26.50
CA THR B 349 -13.15 17.27 -26.50
C THR B 349 -11.69 17.41 -26.12
N VAL B 350 -11.25 16.56 -25.19
CA VAL B 350 -9.87 16.57 -24.72
C VAL B 350 -9.12 15.33 -25.18
N ALA B 351 -7.96 15.54 -25.80
CA ALA B 351 -7.10 14.44 -26.20
C ALA B 351 -6.05 14.15 -25.12
N SER B 352 -6.00 12.91 -24.66
CA SER B 352 -5.01 12.52 -23.66
C SER B 352 -3.62 12.45 -24.29
N LEU B 353 -2.61 12.82 -23.50
CA LEU B 353 -1.21 12.70 -23.91
C LEU B 353 -0.49 11.86 -22.88
N GLY B 354 -0.90 10.60 -22.77
CA GLY B 354 -0.48 9.75 -21.67
C GLY B 354 -1.41 9.90 -20.49
N ARG B 355 -1.05 9.31 -19.35
CA ARG B 355 -1.92 9.31 -18.18
C ARG B 355 -1.89 10.60 -17.36
N ASN B 356 -0.88 11.44 -17.59
CA ASN B 356 -0.71 12.63 -16.78
C ASN B 356 -0.66 13.93 -17.58
N ASP B 357 -1.08 13.88 -18.84
CA ASP B 357 -1.07 15.07 -19.69
C ASP B 357 -2.16 15.00 -20.74
N ALA B 358 -2.60 16.16 -21.22
CA ALA B 358 -3.69 16.23 -22.19
C ALA B 358 -3.80 17.60 -22.83
N ILE B 359 -4.59 17.67 -23.90
CA ILE B 359 -4.89 18.92 -24.61
C ILE B 359 -6.34 18.95 -25.03
N GLY B 360 -6.91 20.14 -25.13
CA GLY B 360 -8.27 20.26 -25.64
C GLY B 360 -8.92 21.61 -25.43
N ILE B 361 -10.17 21.67 -25.84
CA ILE B 361 -11.03 22.83 -25.61
C ILE B 361 -12.14 22.43 -24.65
N VAL B 362 -12.32 23.18 -23.58
CA VAL B 362 -13.40 22.92 -22.64
C VAL B 362 -14.15 24.22 -22.37
N GLY B 363 -15.46 24.20 -22.58
CA GLY B 363 -16.27 25.40 -22.51
C GLY B 363 -15.90 26.31 -23.66
N GLY B 364 -15.00 27.26 -23.41
CA GLY B 364 -14.55 28.16 -24.45
C GLY B 364 -13.07 28.45 -24.35
N ARG B 365 -12.41 27.80 -23.40
CA ARG B 365 -10.99 28.02 -23.16
C ARG B 365 -10.14 26.78 -23.42
N LYS B 366 -8.95 26.99 -23.96
CA LYS B 366 -7.97 25.92 -24.16
C LYS B 366 -7.47 25.41 -22.82
N VAL B 367 -7.33 24.09 -22.70
CA VAL B 367 -6.86 23.50 -21.45
C VAL B 367 -5.61 22.64 -21.64
N TYR B 368 -4.80 22.54 -20.59
CA TYR B 368 -3.52 21.86 -20.65
C TYR B 368 -3.27 21.02 -19.39
N GLY B 369 -2.35 20.06 -19.51
CA GLY B 369 -1.79 19.37 -18.36
C GLY B 369 -2.76 18.61 -17.48
N HIS B 370 -2.51 18.67 -16.17
CA HIS B 370 -3.33 17.98 -15.18
C HIS B 370 -4.79 18.42 -15.24
N ALA B 371 -5.00 19.71 -15.49
CA ALA B 371 -6.33 20.27 -15.61
C ALA B 371 -7.10 19.57 -16.74
N ALA B 372 -6.51 19.60 -17.94
CA ALA B 372 -7.09 18.94 -19.10
C ALA B 372 -7.30 17.46 -18.86
N SER B 373 -6.35 16.84 -18.18
CA SER B 373 -6.38 15.40 -17.91
C SER B 373 -7.57 15.01 -17.03
N TRP B 374 -7.81 15.78 -15.97
CA TRP B 374 -8.93 15.51 -15.08
C TRP B 374 -10.27 15.78 -15.76
N LEU B 375 -10.30 16.83 -16.58
CA LEU B 375 -11.51 17.20 -17.30
C LEU B 375 -11.97 16.09 -18.23
N LYS B 376 -11.02 15.44 -18.91
CA LYS B 376 -11.35 14.34 -19.81
C LYS B 376 -11.99 13.18 -19.04
N LYS B 377 -11.41 12.85 -17.89
CA LYS B 377 -11.92 11.77 -17.04
C LYS B 377 -13.34 12.05 -16.56
N LEU B 378 -13.60 13.30 -16.18
CA LEU B 378 -14.93 13.68 -15.70
C LEU B 378 -15.96 13.60 -16.84
N ILE B 379 -15.55 14.05 -18.03
CA ILE B 379 -16.42 14.00 -19.20
C ILE B 379 -16.78 12.55 -19.55
N ASP B 380 -15.78 11.67 -19.50
CA ASP B 380 -16.00 10.25 -19.76
C ASP B 380 -16.89 9.64 -18.68
N MET B 381 -16.71 10.12 -17.45
CA MET B 381 -17.52 9.67 -16.33
C MET B 381 -18.99 9.99 -16.54
N ARG B 382 -19.26 11.13 -17.18
CA ARG B 382 -20.61 11.56 -17.48
C ARG B 382 -21.36 10.55 -18.34
N TYR B 383 -20.65 9.93 -19.28
CA TYR B 383 -21.27 8.93 -20.13
C TYR B 383 -21.64 7.69 -19.34
N LEU B 384 -20.75 7.28 -18.43
CA LEU B 384 -20.99 6.12 -17.58
C LEU B 384 -22.24 6.31 -16.74
N TYR B 385 -22.42 7.52 -16.21
CA TYR B 385 -23.61 7.85 -15.43
C TYR B 385 -24.85 7.81 -16.32
N LEU B 386 -24.72 8.29 -17.55
CA LEU B 386 -25.84 8.32 -18.49
C LEU B 386 -26.42 6.93 -18.75
N ILE B 387 -25.54 5.95 -18.96
CA ILE B 387 -25.99 4.61 -19.31
C ILE B 387 -26.11 3.66 -18.11
N GLY B 388 -25.39 3.95 -17.03
CA GLY B 388 -25.37 3.06 -15.89
C GLY B 388 -25.57 3.68 -14.52
N GLY B 389 -25.89 4.96 -14.48
CA GLY B 389 -26.12 5.65 -13.22
C GLY B 389 -24.88 5.73 -12.35
N LEU B 390 -25.09 5.99 -11.07
CA LEU B 390 -24.00 6.14 -10.11
C LEU B 390 -23.29 4.82 -9.84
N SER B 391 -24.04 3.71 -9.93
CA SER B 391 -23.49 2.38 -9.71
C SER B 391 -22.33 2.07 -10.65
N LEU B 392 -22.54 2.35 -11.93
CA LEU B 392 -21.50 2.09 -12.94
C LEU B 392 -20.31 3.03 -12.74
N VAL B 393 -20.59 4.27 -12.35
CA VAL B 393 -19.53 5.23 -12.07
C VAL B 393 -18.65 4.76 -10.91
N LEU B 394 -19.29 4.33 -9.82
CA LEU B 394 -18.59 3.84 -8.64
C LEU B 394 -17.77 2.58 -8.97
N LYS B 395 -18.24 1.81 -9.95
CA LYS B 395 -17.57 0.60 -10.38
C LYS B 395 -16.22 0.92 -11.02
N LYS B 396 -16.19 1.96 -11.86
CA LYS B 396 -14.98 2.32 -12.56
C LYS B 396 -14.41 3.60 -11.95
N LYS C 3 -4.22 57.13 0.61
CA LYS C 3 -4.45 55.68 0.60
C LYS C 3 -4.61 55.16 2.02
N PRO C 4 -5.82 54.68 2.35
CA PRO C 4 -6.18 54.21 3.70
C PRO C 4 -5.59 52.84 4.07
N SER C 5 -5.30 52.66 5.35
CA SER C 5 -4.78 51.40 5.86
C SER C 5 -5.87 50.61 6.57
N ILE C 6 -6.21 49.45 6.01
CA ILE C 6 -7.19 48.56 6.64
C ILE C 6 -6.52 47.42 7.39
N VAL C 7 -6.80 47.33 8.68
CA VAL C 7 -6.24 46.27 9.52
C VAL C 7 -7.35 45.34 10.01
N ILE C 8 -7.21 44.05 9.73
CA ILE C 8 -8.20 43.05 10.14
C ILE C 8 -7.62 42.17 11.24
N LEU C 9 -8.27 42.17 12.40
CA LEU C 9 -7.78 41.42 13.55
C LEU C 9 -8.52 40.10 13.73
N GLY C 10 -7.84 39.00 13.40
CA GLY C 10 -8.42 37.68 13.54
C GLY C 10 -8.84 37.11 12.20
N ALA C 11 -8.29 35.95 11.86
CA ALA C 11 -8.63 35.30 10.60
C ALA C 11 -9.61 34.15 10.82
N GLY C 12 -10.72 34.45 11.51
CA GLY C 12 -11.78 33.49 11.68
C GLY C 12 -12.82 33.63 10.58
N TYR C 13 -14.05 33.19 10.85
CA TYR C 13 -15.12 33.32 9.88
C TYR C 13 -15.33 34.77 9.46
N GLY C 14 -15.42 35.66 10.45
CA GLY C 14 -15.64 37.07 10.18
C GLY C 14 -14.48 37.72 9.44
N GLY C 15 -13.27 37.50 9.92
CA GLY C 15 -12.09 38.13 9.36
C GLY C 15 -11.69 37.63 7.99
N ILE C 16 -11.72 36.31 7.79
CA ILE C 16 -11.33 35.71 6.52
C ILE C 16 -12.29 36.14 5.40
N VAL C 17 -13.58 36.08 5.69
CA VAL C 17 -14.60 36.46 4.72
C VAL C 17 -14.47 37.94 4.37
N ALA C 18 -14.23 38.77 5.38
CA ALA C 18 -14.02 40.19 5.16
C ALA C 18 -12.79 40.44 4.30
N ALA C 19 -11.71 39.74 4.60
CA ALA C 19 -10.46 39.90 3.85
C ALA C 19 -10.61 39.49 2.39
N LEU C 20 -11.23 38.35 2.15
CA LEU C 20 -11.44 37.85 0.80
C LEU C 20 -12.45 38.72 0.05
N GLY C 21 -13.40 39.28 0.79
CA GLY C 21 -14.36 40.21 0.22
C GLY C 21 -13.69 41.46 -0.29
N LEU C 22 -12.82 42.05 0.54
CA LEU C 22 -12.07 43.24 0.15
C LEU C 22 -11.14 42.92 -1.02
N GLN C 23 -10.57 41.73 -0.98
CA GLN C 23 -9.71 41.22 -2.03
C GLN C 23 -10.41 41.22 -3.39
N LYS C 24 -11.67 40.78 -3.39
CA LYS C 24 -12.45 40.65 -4.62
C LYS C 24 -13.03 41.99 -5.09
N ARG C 25 -13.23 42.92 -4.16
CA ARG C 25 -13.89 44.18 -4.47
C ARG C 25 -12.93 45.32 -4.82
N LEU C 26 -11.74 45.30 -4.23
CA LEU C 26 -10.80 46.41 -4.40
C LEU C 26 -9.68 46.10 -5.38
N ASN C 27 -9.24 47.13 -6.10
CA ASN C 27 -8.06 47.03 -6.96
C ASN C 27 -6.78 47.04 -6.13
N TYR C 28 -5.65 46.78 -6.78
CA TYR C 28 -4.38 46.66 -6.08
C TYR C 28 -3.86 47.94 -5.40
N ASN C 29 -4.25 49.10 -5.91
CA ASN C 29 -3.74 50.36 -5.36
C ASN C 29 -4.77 51.20 -4.61
N GLU C 30 -5.90 50.60 -4.24
CA GLU C 30 -6.95 51.35 -3.55
C GLU C 30 -6.76 51.42 -2.04
N ALA C 31 -6.14 50.40 -1.45
CA ALA C 31 -5.94 50.37 0.00
C ALA C 31 -4.90 49.34 0.42
N ASP C 32 -4.24 49.60 1.55
CA ASP C 32 -3.38 48.61 2.17
C ASP C 32 -4.21 47.72 3.08
N ILE C 33 -4.10 46.41 2.89
CA ILE C 33 -4.86 45.46 3.68
C ILE C 33 -3.95 44.52 4.45
N THR C 34 -4.02 44.60 5.78
CA THR C 34 -3.24 43.74 6.64
C THR C 34 -4.15 42.81 7.45
N LEU C 35 -3.86 41.51 7.38
CA LEU C 35 -4.63 40.51 8.10
C LEU C 35 -3.79 39.92 9.22
N VAL C 36 -4.27 40.05 10.45
CA VAL C 36 -3.53 39.58 11.62
C VAL C 36 -4.18 38.34 12.22
N ASN C 37 -3.38 37.32 12.49
CA ASN C 37 -3.87 36.11 13.13
C ASN C 37 -2.74 35.45 13.92
N LYS C 38 -3.07 34.90 15.09
CA LYS C 38 -2.05 34.32 15.96
C LYS C 38 -1.47 33.04 15.38
N ASN C 39 -2.22 32.41 14.47
CA ASN C 39 -1.75 31.23 13.77
C ASN C 39 -1.65 31.49 12.28
N ASP C 40 -0.85 30.70 11.56
CA ASP C 40 -0.77 30.85 10.11
C ASP C 40 -1.89 30.07 9.43
N TYR C 41 -2.75 29.46 10.23
CA TYR C 41 -3.86 28.68 9.69
C TYR C 41 -5.22 29.19 10.19
N HIS C 42 -6.22 28.99 9.36
CA HIS C 42 -7.61 29.28 9.70
C HIS C 42 -8.30 27.97 10.03
N TYR C 43 -8.89 27.86 11.22
CA TYR C 43 -9.54 26.61 11.59
C TYR C 43 -11.05 26.67 11.47
N ILE C 44 -11.64 25.55 11.07
CA ILE C 44 -13.08 25.41 10.93
C ILE C 44 -13.67 25.14 12.31
N THR C 45 -13.98 26.22 13.02
CA THR C 45 -14.40 26.15 14.41
C THR C 45 -15.59 25.23 14.64
N THR C 46 -16.50 25.17 13.67
CA THR C 46 -17.72 24.38 13.79
C THR C 46 -17.47 22.87 13.76
N GLU C 47 -16.24 22.49 13.39
CA GLU C 47 -15.88 21.07 13.32
C GLU C 47 -14.99 20.63 14.48
N LEU C 48 -14.63 21.55 15.35
CA LEU C 48 -13.62 21.30 16.38
C LEU C 48 -14.00 20.24 17.42
N HIS C 49 -15.29 19.96 17.55
CA HIS C 49 -15.75 18.95 18.49
C HIS C 49 -15.28 17.55 18.10
N GLN C 50 -15.03 17.33 16.81
CA GLN C 50 -14.59 16.02 16.34
C GLN C 50 -13.14 15.70 16.72
N PRO C 51 -12.18 16.59 16.42
CA PRO C 51 -10.81 16.25 16.89
C PRO C 51 -10.68 16.27 18.41
N ALA C 52 -11.51 17.06 19.10
CA ALA C 52 -11.50 17.08 20.55
C ALA C 52 -11.83 15.70 21.11
N ALA C 53 -12.69 14.97 20.41
CA ALA C 53 -13.05 13.62 20.80
C ALA C 53 -12.21 12.60 20.06
N GLY C 54 -11.37 13.07 19.13
CA GLY C 54 -10.49 12.18 18.39
C GLY C 54 -11.19 11.37 17.31
N THR C 55 -12.34 11.86 16.85
CA THR C 55 -13.09 11.17 15.81
C THR C 55 -12.70 11.65 14.41
N MET C 56 -11.94 12.74 14.37
CA MET C 56 -11.39 13.27 13.12
C MET C 56 -10.06 13.95 13.38
N HIS C 57 -9.10 13.74 12.48
CA HIS C 57 -7.79 14.38 12.61
C HIS C 57 -7.93 15.89 12.48
N HIS C 58 -7.17 16.62 13.30
CA HIS C 58 -7.31 18.08 13.39
C HIS C 58 -6.94 18.81 12.09
N ASP C 59 -6.06 18.21 11.29
CA ASP C 59 -5.67 18.82 10.02
C ASP C 59 -6.85 18.93 9.05
N GLN C 60 -7.89 18.12 9.27
CA GLN C 60 -9.11 18.20 8.48
C GLN C 60 -9.94 19.44 8.83
N ALA C 61 -9.61 20.07 9.95
CA ALA C 61 -10.39 21.20 10.44
C ALA C 61 -9.62 22.51 10.37
N ARG C 62 -8.62 22.59 9.49
CA ARG C 62 -7.86 23.83 9.31
C ARG C 62 -7.23 23.92 7.93
N VAL C 63 -6.90 25.14 7.53
CA VAL C 63 -6.29 25.40 6.22
C VAL C 63 -5.33 26.58 6.32
N GLY C 64 -4.23 26.51 5.60
CA GLY C 64 -3.25 27.59 5.57
C GLY C 64 -3.85 28.88 5.02
N ILE C 65 -3.61 29.98 5.72
CA ILE C 65 -4.16 31.28 5.32
C ILE C 65 -3.55 31.80 4.02
N LYS C 66 -2.24 31.60 3.85
CA LYS C 66 -1.56 32.04 2.63
C LYS C 66 -2.15 31.39 1.38
N GLU C 67 -2.70 30.20 1.55
CA GLU C 67 -3.29 29.45 0.44
C GLU C 67 -4.62 30.04 0.00
N LEU C 68 -5.24 30.83 0.88
CA LEU C 68 -6.55 31.40 0.59
C LEU C 68 -6.48 32.80 0.00
N ILE C 69 -5.47 33.58 0.41
CA ILE C 69 -5.41 34.99 0.07
C ILE C 69 -4.45 35.32 -1.06
N ASP C 70 -4.58 36.52 -1.60
CA ASP C 70 -3.66 37.03 -2.60
C ASP C 70 -2.63 37.88 -1.88
N GLU C 71 -1.40 37.35 -1.78
CA GLU C 71 -0.33 38.01 -1.03
C GLU C 71 0.01 39.39 -1.57
N LYS C 72 -0.30 39.63 -2.85
CA LYS C 72 -0.05 40.92 -3.46
C LYS C 72 -1.10 41.94 -3.03
N LYS C 73 -2.22 41.46 -2.50
CA LYS C 73 -3.33 42.33 -2.07
C LYS C 73 -3.45 42.39 -0.57
N ILE C 74 -3.20 41.26 0.09
CA ILE C 74 -3.33 41.18 1.54
C ILE C 74 -2.02 40.75 2.18
N LYS C 75 -1.52 41.59 3.09
CA LYS C 75 -0.33 41.26 3.84
C LYS C 75 -0.70 40.54 5.11
N PHE C 76 -0.33 39.27 5.20
CA PHE C 76 -0.65 38.48 6.38
C PHE C 76 0.43 38.65 7.45
N VAL C 77 -0.01 38.92 8.67
CA VAL C 77 0.89 39.05 9.81
C VAL C 77 0.54 38.02 10.88
N LYS C 78 1.48 37.13 11.16
CA LYS C 78 1.29 36.12 12.19
C LYS C 78 1.74 36.66 13.54
N ASP C 79 0.79 37.08 14.36
CA ASP C 79 1.10 37.62 15.68
C ASP C 79 -0.14 37.60 16.58
N THR C 80 0.08 37.79 17.88
CA THR C 80 -1.02 37.80 18.83
C THR C 80 -1.34 39.22 19.25
N VAL C 81 -2.58 39.64 18.99
CA VAL C 81 -3.06 40.95 19.42
C VAL C 81 -3.11 41.01 20.93
N VAL C 82 -2.61 42.10 21.49
CA VAL C 82 -2.59 42.30 22.94
C VAL C 82 -3.58 43.39 23.36
N ALA C 83 -3.61 44.48 22.62
CA ALA C 83 -4.47 45.60 22.96
C ALA C 83 -4.78 46.50 21.76
N ILE C 84 -5.87 47.26 21.87
CA ILE C 84 -6.22 48.25 20.86
C ILE C 84 -6.28 49.64 21.50
N ASP C 85 -5.50 50.58 20.95
CA ASP C 85 -5.54 51.96 21.42
C ASP C 85 -6.39 52.76 20.45
N ARG C 86 -7.63 53.03 20.85
CA ARG C 86 -8.59 53.70 19.99
C ARG C 86 -8.18 55.14 19.68
N GLU C 87 -7.65 55.84 20.67
CA GLU C 87 -7.24 57.23 20.49
C GLU C 87 -6.06 57.32 19.51
N GLN C 88 -5.07 56.47 19.68
CA GLN C 88 -3.90 56.48 18.80
C GLN C 88 -4.14 55.72 17.50
N GLN C 89 -5.24 54.98 17.43
CA GLN C 89 -5.52 54.09 16.30
C GLN C 89 -4.32 53.18 16.06
N LYS C 90 -3.86 52.56 17.15
CA LYS C 90 -2.70 51.68 17.10
C LYS C 90 -3.03 50.36 17.77
N VAL C 91 -2.64 49.26 17.13
CA VAL C 91 -2.84 47.93 17.71
C VAL C 91 -1.52 47.40 18.25
N THR C 92 -1.52 46.99 19.51
CA THR C 92 -0.32 46.45 20.12
C THR C 92 -0.31 44.92 20.02
N LEU C 93 0.76 44.38 19.47
CA LEU C 93 0.92 42.94 19.32
C LEU C 93 2.00 42.44 20.26
N GLN C 94 2.14 41.13 20.37
CA GLN C 94 3.18 40.56 21.23
C GLN C 94 4.58 40.89 20.71
N ASN C 95 4.71 41.08 19.40
CA ASN C 95 6.01 41.30 18.79
C ASN C 95 6.08 42.54 17.92
N GLY C 96 5.22 43.53 18.20
CA GLY C 96 5.24 44.76 17.45
C GLY C 96 3.97 45.58 17.57
N GLU C 97 3.80 46.52 16.65
CA GLU C 97 2.63 47.40 16.65
C GLU C 97 2.17 47.68 15.22
N LEU C 98 0.88 47.94 15.07
CA LEU C 98 0.31 48.26 13.77
C LEU C 98 -0.63 49.45 13.90
N HIS C 99 -0.61 50.34 12.92
CA HIS C 99 -1.52 51.48 12.88
C HIS C 99 -2.56 51.27 11.78
N TYR C 100 -3.74 51.88 11.96
CA TYR C 100 -4.83 51.70 11.01
C TYR C 100 -5.59 52.99 10.73
N ASP C 101 -6.22 53.06 9.56
CA ASP C 101 -7.21 54.08 9.28
C ASP C 101 -8.59 53.46 9.47
N TYR C 102 -8.67 52.17 9.15
CA TYR C 102 -9.88 51.39 9.37
C TYR C 102 -9.55 50.10 10.07
N LEU C 103 -10.38 49.72 11.04
CA LEU C 103 -10.15 48.51 11.82
C LEU C 103 -11.33 47.55 11.73
N VAL C 104 -11.02 46.28 11.54
CA VAL C 104 -12.03 45.23 11.55
C VAL C 104 -11.68 44.25 12.66
N VAL C 105 -12.56 44.16 13.67
CA VAL C 105 -12.28 43.31 14.82
C VAL C 105 -13.04 41.99 14.72
N GLY C 106 -12.30 40.90 14.54
CA GLY C 106 -12.89 39.58 14.47
C GLY C 106 -12.11 38.59 15.32
N LEU C 107 -11.89 38.94 16.58
CA LEU C 107 -11.05 38.13 17.47
C LEU C 107 -11.77 36.92 18.07
N GLY C 108 -13.05 36.78 17.75
CA GLY C 108 -13.81 35.61 18.20
C GLY C 108 -14.17 35.66 19.66
N SER C 109 -14.59 34.53 20.20
CA SER C 109 -15.00 34.44 21.59
C SER C 109 -13.90 33.98 22.54
N GLU C 110 -14.14 34.18 23.82
CA GLU C 110 -13.37 33.54 24.88
C GLU C 110 -14.36 32.85 25.80
N PRO C 111 -13.92 31.84 26.56
CA PRO C 111 -14.85 31.16 27.47
C PRO C 111 -15.41 32.10 28.54
N GLU C 112 -16.68 31.92 28.86
CA GLU C 112 -17.31 32.65 29.97
C GLU C 112 -17.68 31.66 31.06
N THR C 113 -17.02 31.78 32.22
CA THR C 113 -17.22 30.84 33.31
C THR C 113 -18.07 31.41 34.44
N PHE C 114 -18.51 32.66 34.28
CA PHE C 114 -19.43 33.31 35.22
C PHE C 114 -18.89 33.35 36.65
N GLY C 115 -17.57 33.38 36.77
CA GLY C 115 -16.92 33.45 38.07
C GLY C 115 -17.01 32.18 38.89
N ILE C 116 -17.38 31.08 38.27
CA ILE C 116 -17.46 29.79 38.95
C ILE C 116 -16.06 29.30 39.35
N GLU C 117 -15.89 29.03 40.63
CA GLU C 117 -14.59 28.67 41.19
C GLU C 117 -13.95 27.46 40.52
N GLY C 118 -12.70 27.61 40.08
CA GLY C 118 -11.92 26.52 39.56
C GLY C 118 -12.16 26.17 38.10
N LEU C 119 -13.15 26.81 37.51
CA LEU C 119 -13.57 26.49 36.16
C LEU C 119 -12.54 26.91 35.12
N ARG C 120 -12.00 28.12 35.26
CA ARG C 120 -11.02 28.65 34.32
C ARG C 120 -9.73 27.84 34.26
N GLU C 121 -9.25 27.36 35.42
CA GLU C 121 -7.93 26.70 35.48
C GLU C 121 -7.99 25.19 35.29
N HIS C 122 -9.10 24.58 35.67
CA HIS C 122 -9.16 23.12 35.72
C HIS C 122 -10.09 22.49 34.69
N ALA C 123 -10.82 23.30 33.95
CA ALA C 123 -11.68 22.79 32.88
C ALA C 123 -11.10 23.12 31.51
N PHE C 124 -11.50 22.36 30.51
CA PHE C 124 -11.01 22.55 29.13
C PHE C 124 -12.07 23.19 28.25
N SER C 125 -11.64 23.89 27.22
CA SER C 125 -12.57 24.52 26.28
C SER C 125 -12.31 24.05 24.85
N ILE C 126 -13.38 23.99 24.06
CA ILE C 126 -13.29 23.64 22.64
C ILE C 126 -13.38 24.90 21.78
N ASN C 127 -12.24 25.51 21.47
CA ASN C 127 -12.28 26.77 20.72
C ASN C 127 -11.05 27.05 19.84
N SER C 128 -10.17 26.06 19.69
CA SER C 128 -9.03 26.17 18.78
C SER C 128 -8.46 24.81 18.44
N ILE C 129 -7.52 24.77 17.50
CA ILE C 129 -6.85 23.52 17.15
C ILE C 129 -6.01 23.07 18.35
N ASN C 130 -5.30 24.02 18.96
CA ASN C 130 -4.50 23.73 20.14
C ASN C 130 -5.34 23.18 21.30
N SER C 131 -6.49 23.78 21.55
CA SER C 131 -7.30 23.39 22.71
C SER C 131 -7.90 21.99 22.55
N VAL C 132 -8.28 21.62 21.34
CA VAL C 132 -8.91 20.33 21.12
C VAL C 132 -7.88 19.19 21.10
N ARG C 133 -6.65 19.49 20.68
CA ARG C 133 -5.58 18.49 20.76
C ARG C 133 -5.23 18.24 22.22
N ILE C 134 -5.28 19.30 23.03
CA ILE C 134 -5.04 19.19 24.46
C ILE C 134 -6.11 18.33 25.11
N ILE C 135 -7.38 18.59 24.77
CA ILE C 135 -8.48 17.78 25.26
C ILE C 135 -8.34 16.31 24.84
N ARG C 136 -8.06 16.10 23.56
CA ARG C 136 -7.90 14.77 23.00
C ARG C 136 -6.85 13.95 23.73
N GLN C 137 -5.66 14.53 23.91
CA GLN C 137 -4.54 13.82 24.52
C GLN C 137 -4.68 13.70 26.04
N HIS C 138 -5.39 14.65 26.65
CA HIS C 138 -5.68 14.58 28.08
C HIS C 138 -6.54 13.34 28.38
N ILE C 139 -7.60 13.19 27.60
CA ILE C 139 -8.52 12.06 27.78
C ILE C 139 -7.82 10.72 27.55
N GLU C 140 -7.02 10.64 26.49
CA GLU C 140 -6.29 9.41 26.19
C GLU C 140 -5.29 9.08 27.31
N TYR C 141 -4.73 10.13 27.91
CA TYR C 141 -3.79 9.97 29.01
C TYR C 141 -4.48 9.38 30.24
N GLN C 142 -5.69 9.86 30.54
CA GLN C 142 -6.45 9.36 31.69
C GLN C 142 -6.77 7.88 31.52
N PHE C 143 -7.21 7.51 30.32
CA PHE C 143 -7.54 6.12 30.02
C PHE C 143 -6.29 5.24 30.09
N ALA C 144 -5.15 5.79 29.68
CA ALA C 144 -3.88 5.07 29.73
C ALA C 144 -3.49 4.78 31.17
N LYS C 145 -3.80 5.70 32.08
CA LYS C 145 -3.45 5.53 33.48
C LYS C 145 -4.36 4.53 34.19
N PHE C 146 -5.56 4.31 33.65
CA PHE C 146 -6.57 3.51 34.33
C PHE C 146 -6.18 2.03 34.47
N ALA C 147 -5.59 1.46 33.43
CA ALA C 147 -5.28 0.03 33.44
C ALA C 147 -4.37 -0.34 34.61
N ALA C 148 -3.47 0.57 34.99
CA ALA C 148 -2.57 0.36 36.11
C ALA C 148 -3.26 0.59 37.45
N GLU C 149 -4.33 1.38 37.44
CA GLU C 149 -5.09 1.69 38.65
C GLU C 149 -6.59 1.52 38.43
N PRO C 150 -7.06 0.27 38.34
CA PRO C 150 -8.44 -0.01 37.96
C PRO C 150 -9.47 0.46 39.00
N GLU C 151 -9.00 0.90 40.16
CA GLU C 151 -9.90 1.42 41.18
C GLU C 151 -10.24 2.88 40.92
N ARG C 152 -9.42 3.54 40.09
CA ARG C 152 -9.63 4.95 39.78
C ARG C 152 -10.57 5.13 38.60
N THR C 153 -11.85 4.80 38.82
CA THR C 153 -12.85 4.90 37.76
C THR C 153 -13.12 6.34 37.36
N ASP C 154 -12.70 7.29 38.18
CA ASP C 154 -12.85 8.70 37.85
C ASP C 154 -12.04 9.10 36.61
N TYR C 155 -11.00 8.31 36.30
CA TYR C 155 -10.25 8.48 35.06
C TYR C 155 -11.17 8.31 33.85
N LEU C 156 -12.20 7.47 34.00
CA LEU C 156 -13.09 7.11 32.91
C LEU C 156 -14.35 7.95 32.89
N THR C 157 -14.40 8.96 33.76
CA THR C 157 -15.55 9.86 33.83
C THR C 157 -15.23 11.21 33.19
N ILE C 158 -16.04 11.62 32.23
CA ILE C 158 -15.88 12.91 31.59
C ILE C 158 -17.12 13.77 31.83
N VAL C 159 -16.94 14.92 32.46
CA VAL C 159 -18.04 15.84 32.71
C VAL C 159 -18.02 16.97 31.68
N VAL C 160 -19.13 17.11 30.98
CA VAL C 160 -19.29 18.19 30.01
C VAL C 160 -20.33 19.18 30.51
N GLY C 161 -19.87 20.38 30.87
CA GLY C 161 -20.75 21.40 31.42
C GLY C 161 -21.45 22.19 30.34
N GLY C 162 -22.78 22.15 30.37
CA GLY C 162 -23.59 22.87 29.41
C GLY C 162 -24.13 21.96 28.32
N ALA C 163 -25.46 21.84 28.26
CA ALA C 163 -26.12 21.00 27.27
C ALA C 163 -26.66 21.82 26.13
N GLY C 164 -25.84 22.75 25.63
CA GLY C 164 -26.19 23.54 24.47
C GLY C 164 -25.70 22.86 23.20
N PHE C 165 -25.66 23.63 22.11
CA PHE C 165 -25.28 23.12 20.80
C PHE C 165 -23.91 22.45 20.80
N THR C 166 -22.93 23.13 21.36
CA THR C 166 -21.56 22.64 21.39
C THR C 166 -21.41 21.41 22.28
N GLY C 167 -22.00 21.46 23.46
CA GLY C 167 -21.94 20.35 24.40
C GLY C 167 -22.55 19.07 23.86
N ILE C 168 -23.70 19.19 23.21
CA ILE C 168 -24.41 18.04 22.65
C ILE C 168 -23.61 17.37 21.53
N GLU C 169 -23.04 18.18 20.64
CA GLU C 169 -22.25 17.63 19.55
C GLU C 169 -21.01 16.92 20.07
N PHE C 170 -20.40 17.47 21.12
CA PHE C 170 -19.19 16.89 21.68
C PHE C 170 -19.45 15.54 22.35
N VAL C 171 -20.48 15.46 23.18
CA VAL C 171 -20.80 14.20 23.87
C VAL C 171 -21.24 13.13 22.87
N GLY C 172 -21.78 13.57 21.73
CA GLY C 172 -22.12 12.66 20.66
C GLY C 172 -20.88 12.02 20.05
N GLU C 173 -19.86 12.84 19.81
CA GLU C 173 -18.59 12.37 19.29
C GLU C 173 -17.88 11.44 20.28
N LEU C 174 -17.90 11.83 21.56
CA LEU C 174 -17.29 11.02 22.61
C LEU C 174 -17.91 9.64 22.71
N ALA C 175 -19.22 9.57 22.56
CA ALA C 175 -19.95 8.31 22.64
C ALA C 175 -19.51 7.36 21.55
N ASP C 176 -19.30 7.91 20.35
CA ASP C 176 -18.84 7.12 19.20
C ASP C 176 -17.40 6.67 19.38
N ARG C 177 -16.61 7.49 20.08
CA ARG C 177 -15.19 7.24 20.27
C ARG C 177 -14.91 6.12 21.27
N MET C 178 -15.78 6.00 22.27
CA MET C 178 -15.55 5.10 23.41
C MET C 178 -15.19 3.64 23.09
N PRO C 179 -15.86 3.00 22.11
CA PRO C 179 -15.48 1.62 21.82
C PRO C 179 -14.01 1.45 21.44
N GLU C 180 -13.50 2.28 20.52
CA GLU C 180 -12.11 2.21 20.10
C GLU C 180 -11.17 2.62 21.24
N LEU C 181 -11.56 3.66 21.98
CA LEU C 181 -10.76 4.16 23.08
C LEU C 181 -10.58 3.10 24.17
N CYS C 182 -11.66 2.41 24.50
CA CYS C 182 -11.62 1.37 25.53
C CYS C 182 -10.79 0.17 25.10
N ALA C 183 -10.86 -0.18 23.82
CA ALA C 183 -10.09 -1.31 23.30
C ALA C 183 -8.60 -1.01 23.29
N GLU C 184 -8.26 0.25 23.02
CA GLU C 184 -6.87 0.68 22.99
C GLU C 184 -6.20 0.56 24.36
N TYR C 185 -6.97 0.74 25.43
CA TYR C 185 -6.39 0.78 26.76
C TYR C 185 -6.94 -0.29 27.71
N ASP C 186 -7.49 -1.37 27.15
CA ASP C 186 -7.98 -2.50 27.92
C ASP C 186 -9.00 -2.09 28.99
N VAL C 187 -9.88 -1.18 28.62
CA VAL C 187 -10.87 -0.63 29.55
C VAL C 187 -12.25 -1.27 29.35
N ASP C 188 -12.87 -1.69 30.45
CA ASP C 188 -14.26 -2.14 30.45
C ASP C 188 -15.16 -0.96 30.10
N PRO C 189 -15.82 -1.02 28.93
CA PRO C 189 -16.64 0.10 28.42
C PRO C 189 -17.77 0.48 29.36
N LYS C 190 -18.24 -0.47 30.16
CA LYS C 190 -19.34 -0.24 31.08
C LYS C 190 -18.94 0.65 32.26
N LEU C 191 -17.64 0.82 32.46
CA LEU C 191 -17.14 1.64 33.56
C LEU C 191 -17.03 3.12 33.16
N VAL C 192 -17.18 3.39 31.86
CA VAL C 192 -17.07 4.75 31.34
C VAL C 192 -18.33 5.56 31.63
N ARG C 193 -18.15 6.80 32.06
CA ARG C 193 -19.27 7.71 32.27
C ARG C 193 -19.10 9.02 31.51
N ILE C 194 -20.05 9.35 30.64
CA ILE C 194 -20.10 10.65 30.00
C ILE C 194 -21.29 11.43 30.54
N ILE C 195 -21.02 12.50 31.28
CA ILE C 195 -22.07 13.23 31.98
C ILE C 195 -22.20 14.66 31.46
N ASN C 196 -23.36 14.97 30.88
CA ASN C 196 -23.66 16.32 30.41
C ASN C 196 -24.45 17.07 31.47
N VAL C 197 -23.85 18.11 32.03
CA VAL C 197 -24.45 18.84 33.15
C VAL C 197 -24.91 20.23 32.72
N GLU C 198 -26.19 20.53 32.96
CA GLU C 198 -26.77 21.79 32.50
C GLU C 198 -27.49 22.52 33.63
N ALA C 199 -27.19 23.81 33.76
CA ALA C 199 -27.82 24.63 34.79
C ALA C 199 -29.28 24.89 34.48
N ALA C 200 -29.59 25.14 33.21
CA ALA C 200 -30.95 25.37 32.74
C ALA C 200 -31.83 24.16 32.99
N PRO C 201 -33.16 24.36 33.10
CA PRO C 201 -34.02 23.21 33.40
C PRO C 201 -34.35 22.33 32.20
N THR C 202 -33.79 22.62 31.04
CA THR C 202 -34.02 21.82 29.85
C THR C 202 -32.76 21.63 28.99
N VAL C 203 -32.59 20.43 28.46
CA VAL C 203 -31.52 20.15 27.51
C VAL C 203 -31.74 20.97 26.25
N LEU C 204 -30.66 21.56 25.72
CA LEU C 204 -30.73 22.42 24.55
C LEU C 204 -31.83 23.47 24.68
N PRO C 205 -31.71 24.35 25.69
CA PRO C 205 -32.79 25.31 25.96
C PRO C 205 -32.95 26.31 24.82
N GLY C 206 -34.16 26.37 24.26
CA GLY C 206 -34.44 27.29 23.16
C GLY C 206 -34.70 26.58 21.84
N PHE C 207 -34.40 25.28 21.80
CA PHE C 207 -34.64 24.48 20.60
C PHE C 207 -36.02 23.83 20.65
N ASP C 208 -36.47 23.33 19.51
CA ASP C 208 -37.76 22.65 19.43
C ASP C 208 -37.74 21.36 20.23
N PRO C 209 -38.70 21.21 21.18
CA PRO C 209 -38.80 20.07 22.09
C PRO C 209 -38.75 18.71 21.40
N ALA C 210 -39.33 18.60 20.21
CA ALA C 210 -39.32 17.34 19.47
C ALA C 210 -37.89 16.96 19.08
N LEU C 211 -37.11 17.94 18.63
CA LEU C 211 -35.72 17.72 18.27
C LEU C 211 -34.89 17.41 19.51
N VAL C 212 -35.19 18.10 20.61
CA VAL C 212 -34.49 17.88 21.87
C VAL C 212 -34.69 16.46 22.39
N ASN C 213 -35.94 16.01 22.42
CA ASN C 213 -36.27 14.67 22.91
C ASN C 213 -35.61 13.58 22.08
N TYR C 214 -35.54 13.79 20.77
CA TYR C 214 -34.88 12.86 19.87
C TYR C 214 -33.38 12.79 20.19
N ALA C 215 -32.78 13.96 20.42
CA ALA C 215 -31.36 14.03 20.73
C ALA C 215 -31.04 13.29 22.04
N MET C 216 -31.88 13.51 23.05
CA MET C 216 -31.69 12.87 24.34
C MET C 216 -31.85 11.35 24.24
N ASP C 217 -32.80 10.91 23.42
CA ASP C 217 -33.03 9.49 23.21
C ASP C 217 -31.83 8.82 22.54
N VAL C 218 -31.32 9.45 21.49
CA VAL C 218 -30.17 8.94 20.77
C VAL C 218 -28.92 8.90 21.65
N LEU C 219 -28.61 10.02 22.30
CA LEU C 219 -27.43 10.10 23.15
C LEU C 219 -27.59 9.26 24.42
N GLY C 220 -28.81 9.24 24.96
CA GLY C 220 -29.11 8.41 26.11
C GLY C 220 -28.90 6.95 25.80
N GLY C 221 -29.29 6.54 24.60
CA GLY C 221 -29.10 5.18 24.13
C GLY C 221 -27.62 4.82 24.05
N LYS C 222 -26.79 5.80 23.76
CA LYS C 222 -25.35 5.59 23.66
C LYS C 222 -24.65 5.70 25.01
N GLY C 223 -25.44 5.81 26.08
CA GLY C 223 -24.90 5.78 27.43
C GLY C 223 -24.58 7.13 28.06
N VAL C 224 -24.91 8.21 27.36
CA VAL C 224 -24.68 9.55 27.90
C VAL C 224 -25.69 9.89 28.99
N GLU C 225 -25.19 10.34 30.14
CA GLU C 225 -26.05 10.75 31.24
C GLU C 225 -26.29 12.26 31.20
N PHE C 226 -27.51 12.68 31.53
CA PHE C 226 -27.83 14.10 31.60
C PHE C 226 -28.24 14.51 33.00
N LYS C 227 -27.57 15.53 33.53
CA LYS C 227 -27.97 16.13 34.80
C LYS C 227 -28.45 17.55 34.54
N ILE C 228 -29.77 17.73 34.59
CA ILE C 228 -30.39 18.98 34.21
C ILE C 228 -30.95 19.73 35.42
N GLY C 229 -31.02 21.05 35.32
CA GLY C 229 -31.40 21.88 36.46
C GLY C 229 -30.33 21.79 37.52
N THR C 230 -29.10 21.53 37.08
CA THR C 230 -28.00 21.27 37.97
C THR C 230 -26.78 22.12 37.59
N PRO C 231 -26.55 23.22 38.33
CA PRO C 231 -25.41 24.10 38.04
C PRO C 231 -24.11 23.62 38.68
N ILE C 232 -23.00 23.81 37.97
CA ILE C 232 -21.68 23.55 38.54
C ILE C 232 -21.30 24.66 39.51
N LYS C 233 -20.99 24.29 40.75
CA LYS C 233 -20.67 25.25 41.78
C LYS C 233 -19.17 25.52 41.86
N ARG C 234 -18.37 24.49 41.63
CA ARG C 234 -16.92 24.63 41.63
C ARG C 234 -16.26 23.48 40.86
N CYS C 235 -15.04 23.72 40.40
CA CYS C 235 -14.31 22.73 39.60
C CYS C 235 -12.89 22.50 40.11
N THR C 236 -12.48 21.24 40.17
CA THR C 236 -11.14 20.87 40.62
C THR C 236 -10.54 19.86 39.65
N PRO C 237 -9.23 19.57 39.76
CA PRO C 237 -8.69 18.48 38.92
C PRO C 237 -9.23 17.11 39.34
N GLU C 238 -9.94 17.05 40.46
CA GLU C 238 -10.54 15.81 40.93
C GLU C 238 -11.97 15.67 40.42
N GLY C 239 -12.56 16.77 40.00
CA GLY C 239 -13.92 16.76 39.48
C GLY C 239 -14.67 18.06 39.68
N VAL C 240 -15.98 17.96 39.86
CA VAL C 240 -16.82 19.14 40.07
C VAL C 240 -17.76 18.95 41.26
N VAL C 241 -18.14 20.06 41.86
CA VAL C 241 -19.21 20.07 42.85
C VAL C 241 -20.44 20.68 42.19
N ILE C 242 -21.58 20.00 42.29
CA ILE C 242 -22.81 20.47 41.67
C ILE C 242 -23.91 20.66 42.72
N GLU C 243 -24.94 21.41 42.34
CA GLU C 243 -26.06 21.67 43.24
C GLU C 243 -27.30 20.87 42.83
N VAL C 244 -27.71 19.97 43.71
CA VAL C 244 -28.89 19.14 43.44
C VAL C 244 -29.89 19.30 44.59
N ASP C 245 -31.06 19.85 44.27
CA ASP C 245 -32.10 20.13 45.27
C ASP C 245 -31.57 20.96 46.43
N GLY C 246 -30.82 22.01 46.11
CA GLY C 246 -30.29 22.91 47.12
C GLY C 246 -29.21 22.29 47.98
N GLU C 247 -28.63 21.18 47.52
CA GLU C 247 -27.58 20.50 48.25
C GLU C 247 -26.38 20.21 47.36
N GLU C 248 -25.19 20.20 47.96
CA GLU C 248 -23.97 19.93 47.22
C GLU C 248 -23.72 18.44 47.01
N GLU C 249 -23.39 18.08 45.78
CA GLU C 249 -23.00 16.70 45.44
C GLU C 249 -21.74 16.72 44.60
N GLU C 250 -20.81 15.81 44.88
CA GLU C 250 -19.54 15.79 44.17
C GLU C 250 -19.53 14.73 43.07
N ILE C 251 -19.02 15.12 41.90
CA ILE C 251 -18.76 14.18 40.82
C ILE C 251 -17.25 14.06 40.60
N LYS C 252 -16.71 12.88 40.87
CA LYS C 252 -15.29 12.64 40.65
C LYS C 252 -15.03 12.39 39.16
N ALA C 253 -14.22 13.25 38.56
CA ALA C 253 -13.94 13.17 37.13
C ALA C 253 -12.59 13.81 36.78
N ALA C 254 -11.76 13.08 36.06
CA ALA C 254 -10.42 13.57 35.73
C ALA C 254 -10.47 14.53 34.55
N THR C 255 -11.62 14.60 33.88
CA THR C 255 -11.77 15.47 32.72
C THR C 255 -13.06 16.28 32.79
N VAL C 256 -12.93 17.60 32.78
CA VAL C 256 -14.09 18.49 32.75
C VAL C 256 -13.98 19.43 31.56
N VAL C 257 -14.99 19.38 30.69
CA VAL C 257 -15.01 20.24 29.50
C VAL C 257 -16.14 21.25 29.60
N TRP C 258 -15.80 22.53 29.50
CA TRP C 258 -16.77 23.60 29.65
C TRP C 258 -17.32 24.07 28.30
N THR C 259 -18.62 23.87 28.11
CA THR C 259 -19.32 24.38 26.93
C THR C 259 -20.54 25.16 27.38
N GLY C 260 -20.43 25.81 28.53
CA GLY C 260 -21.58 26.43 29.18
C GLY C 260 -21.69 27.93 29.00
N GLY C 261 -20.84 28.51 28.16
CA GLY C 261 -20.93 29.92 27.87
C GLY C 261 -19.70 30.53 27.23
N VAL C 262 -19.92 31.53 26.38
CA VAL C 262 -18.84 32.26 25.75
C VAL C 262 -19.08 33.76 25.85
N ARG C 263 -18.04 34.54 25.65
CA ARG C 263 -18.14 36.00 25.65
C ARG C 263 -17.23 36.55 24.57
N GLY C 264 -17.44 37.82 24.21
CA GLY C 264 -16.54 38.48 23.29
C GLY C 264 -15.13 38.49 23.85
N ASN C 265 -14.14 38.39 22.97
CA ASN C 265 -12.74 38.43 23.38
C ASN C 265 -12.45 39.62 24.29
N SER C 266 -11.81 39.34 25.44
CA SER C 266 -11.62 40.33 26.49
C SER C 266 -10.79 41.54 26.05
N ILE C 267 -10.00 41.37 24.99
CA ILE C 267 -9.19 42.47 24.45
C ILE C 267 -10.06 43.68 24.10
N VAL C 268 -11.24 43.40 23.55
CA VAL C 268 -12.18 44.45 23.19
C VAL C 268 -12.59 45.29 24.42
N GLU C 269 -13.00 44.61 25.48
CA GLU C 269 -13.39 45.29 26.70
C GLU C 269 -12.21 46.00 27.36
N LYS C 270 -11.07 45.33 27.38
CA LYS C 270 -9.86 45.89 27.97
C LYS C 270 -9.34 47.12 27.22
N SER C 271 -9.68 47.21 25.95
CA SER C 271 -9.24 48.33 25.11
C SER C 271 -10.12 49.57 25.27
N GLY C 272 -11.17 49.46 26.07
CA GLY C 272 -12.00 50.60 26.40
C GLY C 272 -13.33 50.68 25.67
N PHE C 273 -13.63 49.68 24.85
CA PHE C 273 -14.92 49.63 24.18
C PHE C 273 -16.03 49.31 25.19
N GLU C 274 -17.18 49.96 25.03
CA GLU C 274 -18.35 49.64 25.84
C GLU C 274 -18.94 48.32 25.39
N THR C 275 -19.00 47.35 26.28
CA THR C 275 -19.41 46.00 25.89
C THR C 275 -20.52 45.41 26.76
N MET C 276 -21.21 44.42 26.19
CA MET C 276 -22.20 43.65 26.90
C MET C 276 -21.86 42.17 26.74
N ARG C 277 -21.44 41.53 27.83
CA ARG C 277 -20.93 40.17 27.80
C ARG C 277 -19.75 40.08 26.83
N GLY C 278 -18.91 41.11 26.84
CA GLY C 278 -17.72 41.15 26.01
C GLY C 278 -17.94 41.56 24.56
N ARG C 279 -19.19 41.69 24.15
CA ARG C 279 -19.50 42.04 22.76
C ARG C 279 -19.96 43.48 22.62
N ILE C 280 -19.75 44.03 21.43
CA ILE C 280 -20.13 45.40 21.13
C ILE C 280 -21.47 45.49 20.41
N LYS C 281 -22.40 46.24 20.96
CA LYS C 281 -23.67 46.51 20.29
C LYS C 281 -23.43 47.47 19.14
N VAL C 282 -23.16 46.94 17.96
CA VAL C 282 -22.77 47.75 16.81
C VAL C 282 -23.96 48.51 16.20
N ASP C 283 -23.64 49.53 15.39
CA ASP C 283 -24.63 50.31 14.68
C ASP C 283 -25.17 49.48 13.49
N PRO C 284 -26.17 50.01 12.75
CA PRO C 284 -26.67 49.24 11.60
C PRO C 284 -25.61 48.86 10.55
N TYR C 285 -24.44 49.49 10.58
CA TYR C 285 -23.38 49.18 9.63
C TYR C 285 -22.25 48.37 10.25
N LEU C 286 -22.57 47.72 11.37
CA LEU C 286 -21.64 46.86 12.11
C LEU C 286 -20.43 47.63 12.63
N ARG C 287 -20.60 48.93 12.87
CA ARG C 287 -19.54 49.75 13.44
C ARG C 287 -19.69 49.90 14.95
N ALA C 288 -18.56 50.02 15.65
CA ALA C 288 -18.59 50.33 17.07
C ALA C 288 -19.07 51.76 17.27
N PRO C 289 -20.08 51.96 18.13
CA PRO C 289 -20.64 53.29 18.38
C PRO C 289 -19.57 54.31 18.79
N GLY C 290 -19.55 55.46 18.12
CA GLY C 290 -18.56 56.49 18.38
C GLY C 290 -17.31 56.31 17.54
N HIS C 291 -17.32 55.32 16.65
CA HIS C 291 -16.19 55.04 15.78
C HIS C 291 -16.66 54.72 14.38
N GLU C 292 -16.49 55.68 13.47
CA GLU C 292 -16.94 55.52 12.10
C GLU C 292 -15.99 54.65 11.28
N ASN C 293 -14.85 54.32 11.87
CA ASN C 293 -13.80 53.59 11.17
C ASN C 293 -13.45 52.24 11.78
N ILE C 294 -14.23 51.81 12.78
CA ILE C 294 -14.01 50.51 13.40
C ILE C 294 -15.22 49.60 13.21
N PHE C 295 -15.01 48.48 12.51
CA PHE C 295 -16.07 47.51 12.28
C PHE C 295 -15.87 46.29 13.15
N ILE C 296 -16.96 45.73 13.65
CA ILE C 296 -16.90 44.55 14.50
C ILE C 296 -17.65 43.39 13.82
N VAL C 297 -16.98 42.25 13.71
CA VAL C 297 -17.59 41.09 13.06
C VAL C 297 -17.57 39.85 13.95
N GLY C 298 -18.36 38.85 13.58
CA GLY C 298 -18.40 37.59 14.29
C GLY C 298 -18.80 37.68 15.75
N ASP C 299 -18.16 36.86 16.57
CA ASP C 299 -18.53 36.68 17.96
C ASP C 299 -18.26 37.91 18.83
N CYS C 300 -17.54 38.88 18.30
CA CYS C 300 -17.30 40.13 19.03
C CYS C 300 -18.44 41.13 18.83
N ALA C 301 -19.33 40.84 17.89
CA ALA C 301 -20.42 41.75 17.56
C ALA C 301 -21.75 41.30 18.16
N LEU C 302 -22.51 42.25 18.69
CA LEU C 302 -23.82 41.98 19.25
C LEU C 302 -24.92 42.61 18.38
N ILE C 303 -25.84 41.78 17.89
CA ILE C 303 -26.97 42.27 17.11
C ILE C 303 -28.27 41.94 17.83
N ILE C 304 -29.13 42.94 17.99
CA ILE C 304 -30.43 42.70 18.60
C ILE C 304 -31.49 42.55 17.53
N ASN C 305 -32.20 41.42 17.57
CA ASN C 305 -33.33 41.21 16.69
C ASN C 305 -34.47 42.12 17.13
N GLU C 306 -34.78 43.11 16.30
CA GLU C 306 -35.78 44.12 16.66
C GLU C 306 -37.19 43.55 16.67
N GLU C 307 -37.35 42.34 16.14
CA GLU C 307 -38.66 41.69 16.11
C GLU C 307 -39.05 41.18 17.48
N ASN C 308 -38.06 40.81 18.30
CA ASN C 308 -38.36 40.24 19.62
C ASN C 308 -37.43 40.73 20.74
N ASN C 309 -36.60 41.72 20.42
CA ASN C 309 -35.70 42.35 21.39
C ASN C 309 -34.76 41.31 22.01
N ARG C 310 -34.45 40.27 21.23
CA ARG C 310 -33.52 39.23 21.67
C ARG C 310 -32.25 39.25 20.84
N PRO C 311 -31.10 39.04 21.49
CA PRO C 311 -29.82 39.04 20.78
C PRO C 311 -29.67 37.84 19.86
N TYR C 312 -29.03 38.04 18.71
CA TYR C 312 -28.67 36.91 17.86
C TYR C 312 -27.53 36.15 18.53
N PRO C 313 -27.60 34.80 18.50
CA PRO C 313 -26.52 34.01 19.10
C PRO C 313 -25.23 34.15 18.30
N PRO C 314 -24.08 33.98 18.96
CA PRO C 314 -22.79 34.04 18.27
C PRO C 314 -22.58 32.81 17.39
N THR C 315 -22.81 32.96 16.09
CA THR C 315 -22.72 31.84 15.17
C THR C 315 -21.74 32.09 14.02
N ALA C 316 -21.26 31.01 13.41
CA ALA C 316 -20.42 31.12 12.23
C ALA C 316 -21.23 31.67 11.07
N GLN C 317 -22.50 31.26 11.02
CA GLN C 317 -23.42 31.69 9.97
C GLN C 317 -23.56 33.20 9.90
N ILE C 318 -23.74 33.83 11.04
CA ILE C 318 -23.89 35.29 11.09
C ILE C 318 -22.54 35.98 10.97
N ALA C 319 -21.47 35.29 11.38
CA ALA C 319 -20.11 35.82 11.26
C ALA C 319 -19.74 35.98 9.80
N ILE C 320 -20.10 34.99 8.99
CA ILE C 320 -19.87 35.03 7.55
C ILE C 320 -20.58 36.22 6.92
N GLN C 321 -21.85 36.40 7.29
CA GLN C 321 -22.65 37.50 6.77
C GLN C 321 -22.12 38.85 7.22
N HIS C 322 -21.56 38.90 8.43
CA HIS C 322 -20.89 40.11 8.91
C HIS C 322 -19.74 40.49 7.99
N GLY C 323 -18.87 39.53 7.71
CA GLY C 323 -17.70 39.75 6.89
C GLY C 323 -18.02 40.23 5.49
N GLU C 324 -19.05 39.65 4.90
CA GLU C 324 -19.49 40.05 3.56
C GLU C 324 -19.98 41.49 3.55
N ASN C 325 -20.74 41.87 4.57
CA ASN C 325 -21.29 43.22 4.67
C ASN C 325 -20.21 44.27 4.92
N VAL C 326 -19.27 43.95 5.80
CA VAL C 326 -18.18 44.87 6.13
C VAL C 326 -17.27 45.10 4.93
N ALA C 327 -16.96 44.03 4.20
CA ALA C 327 -16.13 44.14 3.01
C ALA C 327 -16.78 45.06 1.97
N ALA C 328 -18.07 44.88 1.76
CA ALA C 328 -18.82 45.72 0.83
C ALA C 328 -18.85 47.17 1.30
N ASN C 329 -19.11 47.37 2.58
CA ASN C 329 -19.24 48.72 3.15
C ASN C 329 -17.91 49.46 3.23
N LEU C 330 -16.83 48.73 3.49
CA LEU C 330 -15.50 49.33 3.51
C LEU C 330 -15.11 49.83 2.12
N ALA C 331 -15.37 49.02 1.11
CA ALA C 331 -15.11 49.39 -0.28
C ALA C 331 -15.86 50.66 -0.66
N ALA C 332 -17.10 50.77 -0.20
CA ALA C 332 -17.91 51.95 -0.46
C ALA C 332 -17.32 53.18 0.22
N LEU C 333 -16.87 53.02 1.46
CA LEU C 333 -16.25 54.11 2.20
C LEU C 333 -14.96 54.58 1.52
N ILE C 334 -14.16 53.63 1.07
CA ILE C 334 -12.92 53.95 0.36
C ILE C 334 -13.20 54.74 -0.92
N ARG C 335 -14.30 54.39 -1.57
CA ARG C 335 -14.66 54.97 -2.85
C ARG C 335 -15.65 56.13 -2.71
N GLY C 336 -15.94 56.51 -1.47
CA GLY C 336 -16.80 57.65 -1.19
C GLY C 336 -18.27 57.39 -1.44
N GLY C 337 -18.62 56.12 -1.60
CA GLY C 337 -20.00 55.74 -1.83
C GLY C 337 -20.79 55.62 -0.55
N SER C 338 -22.03 55.16 -0.66
CA SER C 338 -22.90 54.96 0.48
C SER C 338 -22.85 53.52 0.97
N MET C 339 -22.95 53.33 2.28
CA MET C 339 -22.92 51.99 2.86
C MET C 339 -24.30 51.36 2.86
N THR C 340 -24.33 50.04 2.96
CA THR C 340 -25.60 49.30 3.03
C THR C 340 -25.76 48.69 4.41
N PRO C 341 -26.88 49.00 5.09
CA PRO C 341 -27.17 48.46 6.42
C PRO C 341 -27.15 46.94 6.42
N PHE C 342 -26.58 46.34 7.46
CA PHE C 342 -26.53 44.89 7.57
C PHE C 342 -27.91 44.32 7.83
N LYS C 343 -28.25 43.28 7.08
CA LYS C 343 -29.50 42.56 7.31
C LYS C 343 -29.22 41.05 7.30
N PRO C 344 -29.38 40.42 8.47
CA PRO C 344 -29.07 38.99 8.59
C PRO C 344 -30.10 38.10 7.92
N HIS C 345 -29.65 37.05 7.24
CA HIS C 345 -30.57 36.04 6.76
C HIS C 345 -30.18 34.73 7.44
N ILE C 346 -30.94 34.35 8.46
CA ILE C 346 -30.61 33.17 9.24
C ILE C 346 -31.26 31.92 8.66
N ARG C 347 -30.44 31.06 8.07
CA ARG C 347 -30.90 29.80 7.52
C ARG C 347 -30.94 28.74 8.61
N GLY C 348 -31.03 27.48 8.19
CA GLY C 348 -31.08 26.38 9.14
C GLY C 348 -29.73 25.86 9.59
N THR C 349 -29.69 25.39 10.82
CA THR C 349 -28.47 24.83 11.41
C THR C 349 -28.72 23.41 11.91
N VAL C 350 -27.80 22.50 11.59
CA VAL C 350 -27.94 21.11 11.99
C VAL C 350 -26.91 20.71 13.04
N ALA C 351 -27.40 20.15 14.15
CA ALA C 351 -26.52 19.63 15.20
C ALA C 351 -26.25 18.15 15.01
N SER C 352 -24.97 17.79 14.93
CA SER C 352 -24.57 16.38 14.81
C SER C 352 -24.78 15.66 16.14
N LEU C 353 -25.13 14.38 16.06
CA LEU C 353 -25.25 13.56 17.27
C LEU C 353 -24.31 12.37 17.15
N GLY C 354 -23.02 12.67 17.04
CA GLY C 354 -22.03 11.66 16.75
C GLY C 354 -22.02 11.44 15.25
N ARG C 355 -21.29 10.44 14.80
CA ARG C 355 -21.23 10.14 13.38
C ARG C 355 -22.48 9.33 13.01
N ASN C 356 -22.96 9.54 11.79
CA ASN C 356 -24.16 8.90 11.26
C ASN C 356 -25.51 9.34 11.85
N ASP C 357 -25.53 10.43 12.61
CA ASP C 357 -26.81 10.92 13.15
C ASP C 357 -26.77 12.43 13.39
N ALA C 358 -27.93 13.07 13.33
CA ALA C 358 -28.02 14.53 13.49
C ALA C 358 -29.47 15.03 13.66
N ILE C 359 -29.60 16.29 14.06
CA ILE C 359 -30.89 16.96 14.18
C ILE C 359 -30.77 18.41 13.72
N GLY C 360 -31.87 18.96 13.22
CA GLY C 360 -31.89 20.36 12.85
C GLY C 360 -33.09 20.79 12.03
N ILE C 361 -33.08 22.06 11.63
CA ILE C 361 -34.08 22.58 10.71
C ILE C 361 -33.40 22.94 9.40
N VAL C 362 -33.90 22.41 8.29
CA VAL C 362 -33.37 22.76 6.98
C VAL C 362 -34.51 23.05 6.01
N GLY C 363 -34.48 24.23 5.39
CA GLY C 363 -35.55 24.64 4.50
C GLY C 363 -36.87 24.87 5.22
N GLY C 364 -36.82 24.93 6.54
CA GLY C 364 -38.00 25.17 7.34
C GLY C 364 -38.61 23.86 7.84
N ARG C 365 -37.94 22.76 7.54
CA ARG C 365 -38.42 21.44 7.91
C ARG C 365 -37.48 20.73 8.88
N LYS C 366 -38.04 19.99 9.81
CA LYS C 366 -37.25 19.19 10.75
C LYS C 366 -36.56 18.05 10.02
N VAL C 367 -35.29 17.82 10.33
CA VAL C 367 -34.54 16.74 9.70
C VAL C 367 -33.93 15.81 10.75
N TYR C 368 -33.78 14.54 10.39
CA TYR C 368 -33.31 13.51 11.30
C TYR C 368 -32.34 12.56 10.62
N GLY C 369 -31.55 11.85 11.43
CA GLY C 369 -30.79 10.71 10.96
C GLY C 369 -29.78 10.98 9.86
N HIS C 370 -29.70 10.06 8.91
CA HIS C 370 -28.77 10.17 7.79
C HIS C 370 -29.02 11.43 6.96
N ALA C 371 -30.29 11.79 6.80
CA ALA C 371 -30.67 12.99 6.06
C ALA C 371 -30.05 14.23 6.68
N ALA C 372 -30.33 14.44 7.96
CA ALA C 372 -29.77 15.56 8.71
C ALA C 372 -28.24 15.54 8.70
N SER C 373 -27.68 14.35 8.81
CA SER C 373 -26.22 14.20 8.86
C SER C 373 -25.54 14.64 7.56
N TRP C 374 -26.11 14.23 6.42
CA TRP C 374 -25.55 14.62 5.12
C TRP C 374 -25.76 16.10 4.84
N LEU C 375 -26.90 16.63 5.27
CA LEU C 375 -27.21 18.04 5.07
C LEU C 375 -26.21 18.95 5.79
N LYS C 376 -25.82 18.56 6.99
CA LYS C 376 -24.85 19.33 7.76
C LYS C 376 -23.51 19.38 7.01
N LYS C 377 -23.09 18.23 6.48
CA LYS C 377 -21.86 18.13 5.72
C LYS C 377 -21.94 19.00 4.46
N LEU C 378 -23.10 19.00 3.83
CA LEU C 378 -23.32 19.80 2.63
C LEU C 378 -23.24 21.30 2.95
N ILE C 379 -23.86 21.69 4.06
CA ILE C 379 -23.82 23.08 4.50
C ILE C 379 -22.40 23.52 4.81
N ASP C 380 -21.65 22.66 5.50
CA ASP C 380 -20.27 22.96 5.87
C ASP C 380 -19.36 23.07 4.64
N MET C 381 -19.58 22.21 3.66
CA MET C 381 -18.81 22.25 2.41
C MET C 381 -19.05 23.56 1.65
N ARG C 382 -20.26 24.10 1.77
CA ARG C 382 -20.59 25.36 1.12
C ARG C 382 -19.68 26.49 1.60
N TYR C 383 -19.32 26.46 2.88
CA TYR C 383 -18.41 27.45 3.42
C TYR C 383 -17.01 27.28 2.85
N LEU C 384 -16.57 26.02 2.73
CA LEU C 384 -15.26 25.73 2.17
C LEU C 384 -15.13 26.24 0.75
N TYR C 385 -16.20 26.08 -0.03
CA TYR C 385 -16.24 26.59 -1.39
C TYR C 385 -16.18 28.11 -1.41
N LEU C 386 -16.85 28.74 -0.46
CA LEU C 386 -16.88 30.18 -0.37
C LEU C 386 -15.48 30.79 -0.21
N ILE C 387 -14.68 30.21 0.67
CA ILE C 387 -13.37 30.79 0.97
C ILE C 387 -12.21 30.17 0.18
N GLY C 388 -12.38 28.96 -0.31
CA GLY C 388 -11.28 28.26 -0.98
C GLY C 388 -11.62 27.63 -2.31
N GLY C 389 -12.83 27.89 -2.81
CA GLY C 389 -13.26 27.35 -4.09
C GLY C 389 -13.37 25.84 -4.11
N LEU C 390 -13.40 25.28 -5.32
CA LEU C 390 -13.55 23.84 -5.50
C LEU C 390 -12.30 23.10 -5.03
N SER C 391 -11.15 23.75 -5.14
CA SER C 391 -9.88 23.15 -4.72
C SER C 391 -9.89 22.77 -3.25
N LEU C 392 -10.36 23.68 -2.39
CA LEU C 392 -10.43 23.41 -0.96
C LEU C 392 -11.44 22.32 -0.65
N VAL C 393 -12.53 22.30 -1.40
CA VAL C 393 -13.57 21.29 -1.25
C VAL C 393 -13.00 19.91 -1.56
N LEU C 394 -12.27 19.80 -2.67
CA LEU C 394 -11.64 18.54 -3.07
C LEU C 394 -10.62 18.09 -2.04
N LYS C 395 -10.00 19.06 -1.37
CA LYS C 395 -9.00 18.82 -0.34
C LYS C 395 -9.60 18.15 0.90
N LYS C 396 -10.77 18.61 1.32
CA LYS C 396 -11.42 18.08 2.52
C LYS C 396 -12.62 17.23 2.15
N LYS D 3 -0.15 -37.44 42.30
CA LYS D 3 0.04 -36.41 41.28
C LYS D 3 0.53 -35.10 41.88
N PRO D 4 1.77 -34.72 41.56
CA PRO D 4 2.37 -33.50 42.12
C PRO D 4 1.79 -32.23 41.50
N SER D 5 1.74 -31.16 42.28
CA SER D 5 1.23 -29.89 41.80
C SER D 5 2.37 -28.93 41.52
N ILE D 6 2.53 -28.56 40.25
CA ILE D 6 3.54 -27.58 39.87
C ILE D 6 2.90 -26.22 39.66
N VAL D 7 3.36 -25.23 40.43
CA VAL D 7 2.83 -23.88 40.33
C VAL D 7 3.90 -22.92 39.82
N ILE D 8 3.57 -22.22 38.73
CA ILE D 8 4.49 -21.28 38.12
C ILE D 8 4.01 -19.84 38.33
N LEU D 9 4.84 -19.02 38.96
CA LEU D 9 4.47 -17.64 39.28
C LEU D 9 5.09 -16.66 38.29
N GLY D 10 4.25 -16.11 37.40
CA GLY D 10 4.72 -15.15 36.43
C GLY D 10 4.83 -15.75 35.04
N ALA D 11 4.11 -15.17 34.08
CA ALA D 11 4.13 -15.64 32.71
C ALA D 11 5.03 -14.76 31.85
N GLY D 12 6.28 -14.59 32.28
CA GLY D 12 7.26 -13.86 31.50
C GLY D 12 8.05 -14.83 30.65
N TYR D 13 9.25 -14.42 30.25
CA TYR D 13 10.13 -15.27 29.46
C TYR D 13 10.41 -16.59 30.19
N GLY D 14 10.77 -16.49 31.47
CA GLY D 14 11.07 -17.66 32.26
C GLY D 14 9.87 -18.57 32.49
N GLY D 15 8.74 -17.99 32.89
CA GLY D 15 7.57 -18.75 33.24
C GLY D 15 6.87 -19.40 32.06
N ILE D 16 6.74 -18.67 30.96
CA ILE D 16 6.08 -19.18 29.76
C ILE D 16 6.85 -20.34 29.14
N VAL D 17 8.16 -20.18 29.02
CA VAL D 17 9.00 -21.21 28.44
C VAL D 17 8.99 -22.47 29.30
N ALA D 18 9.07 -22.29 30.62
CA ALA D 18 9.00 -23.41 31.56
C ALA D 18 7.66 -24.14 31.46
N ALA D 19 6.59 -23.35 31.38
CA ALA D 19 5.23 -23.89 31.29
C ALA D 19 5.03 -24.70 30.01
N LEU D 20 5.46 -24.14 28.89
CA LEU D 20 5.33 -24.81 27.60
C LEU D 20 6.26 -26.03 27.53
N GLY D 21 7.40 -25.93 28.21
CA GLY D 21 8.33 -27.03 28.29
C GLY D 21 7.73 -28.22 29.01
N LEU D 22 7.09 -27.97 30.15
CA LEU D 22 6.41 -29.01 30.90
C LEU D 22 5.25 -29.59 30.11
N GLN D 23 4.55 -28.72 29.38
CA GLN D 23 3.46 -29.11 28.51
C GLN D 23 3.90 -30.13 27.46
N LYS D 24 5.07 -29.89 26.88
CA LYS D 24 5.59 -30.73 25.81
C LYS D 24 6.22 -32.02 26.30
N ARG D 25 6.69 -32.03 27.55
CA ARG D 25 7.42 -33.17 28.07
C ARG D 25 6.56 -34.16 28.84
N LEU D 26 5.52 -33.66 29.52
CA LEU D 26 4.70 -34.51 30.39
C LEU D 26 3.34 -34.88 29.78
N ASN D 27 2.87 -36.08 30.09
CA ASN D 27 1.52 -36.48 29.72
C ASN D 27 0.52 -35.79 30.64
N TYR D 28 -0.76 -35.84 30.30
CA TYR D 28 -1.78 -35.15 31.09
C TYR D 28 -2.01 -35.73 32.49
N ASN D 29 -1.43 -36.90 32.77
CA ASN D 29 -1.64 -37.52 34.07
C ASN D 29 -0.38 -37.62 34.93
N GLU D 30 0.68 -36.93 34.52
CA GLU D 30 1.93 -36.98 35.28
C GLU D 30 2.01 -35.90 36.37
N ALA D 31 1.37 -34.76 36.14
CA ALA D 31 1.42 -33.64 37.08
C ALA D 31 0.37 -32.57 36.80
N ASP D 32 -0.05 -31.87 37.84
CA ASP D 32 -0.89 -30.67 37.69
C ASP D 32 -0.02 -29.44 37.46
N ILE D 33 -0.34 -28.67 36.42
CA ILE D 33 0.41 -27.46 36.10
C ILE D 33 -0.44 -26.20 36.15
N THR D 34 -0.13 -25.32 37.08
CA THR D 34 -0.87 -24.05 37.21
C THR D 34 0.04 -22.86 36.94
N LEU D 35 -0.37 -22.00 36.01
CA LEU D 35 0.39 -20.80 35.65
C LEU D 35 -0.31 -19.53 36.10
N VAL D 36 0.36 -18.74 36.94
CA VAL D 36 -0.23 -17.52 37.49
C VAL D 36 0.39 -16.26 36.89
N ASN D 37 -0.47 -15.33 36.46
CA ASN D 37 -0.01 -14.07 35.89
C ASN D 37 -1.06 -12.99 36.14
N LYS D 38 -0.61 -11.76 36.44
CA LYS D 38 -1.53 -10.68 36.77
C LYS D 38 -2.35 -10.22 35.56
N ASN D 39 -1.84 -10.50 34.37
CA ASN D 39 -2.56 -10.19 33.14
C ASN D 39 -2.89 -11.48 32.38
N ASP D 40 -3.88 -11.40 31.49
CA ASP D 40 -4.21 -12.56 30.67
C ASP D 40 -3.30 -12.61 29.44
N TYR D 41 -2.36 -11.67 29.35
CA TYR D 41 -1.44 -11.61 28.22
C TYR D 41 0.02 -11.67 28.66
N HIS D 42 0.84 -12.21 27.77
CA HIS D 42 2.29 -12.22 27.92
C HIS D 42 2.88 -11.15 27.03
N TYR D 43 3.67 -10.23 27.60
CA TYR D 43 4.24 -9.18 26.77
C TYR D 43 5.71 -9.41 26.44
N ILE D 44 6.10 -9.00 25.24
CA ILE D 44 7.47 -9.11 24.78
C ILE D 44 8.29 -7.97 25.35
N THR D 45 8.83 -8.19 26.55
CA THR D 45 9.48 -7.14 27.33
C THR D 45 10.60 -6.42 26.56
N THR D 46 11.32 -7.15 25.71
CA THR D 46 12.45 -6.59 24.99
C THR D 46 12.02 -5.61 23.89
N GLU D 47 10.72 -5.57 23.61
CA GLU D 47 10.19 -4.70 22.57
C GLU D 47 9.49 -3.47 23.13
N LEU D 48 9.41 -3.38 24.45
CA LEU D 48 8.58 -2.36 25.11
C LEU D 48 9.02 -0.92 24.87
N HIS D 49 10.27 -0.72 24.50
CA HIS D 49 10.77 0.62 24.21
C HIS D 49 10.08 1.25 23.00
N GLN D 50 9.60 0.41 22.08
CA GLN D 50 8.94 0.92 20.88
C GLN D 50 7.55 1.53 21.17
N PRO D 51 6.64 0.78 21.84
CA PRO D 51 5.37 1.44 22.13
C PRO D 51 5.51 2.61 23.10
N ALA D 52 6.54 2.57 23.95
CA ALA D 52 6.81 3.67 24.87
C ALA D 52 7.06 4.97 24.12
N ALA D 53 7.71 4.87 22.97
CA ALA D 53 7.97 6.03 22.13
C ALA D 53 6.89 6.20 21.07
N GLY D 54 5.98 5.23 21.00
CA GLY D 54 4.89 5.28 20.05
C GLY D 54 5.29 4.92 18.63
N THR D 55 6.39 4.19 18.48
CA THR D 55 6.88 3.81 17.16
C THR D 55 6.32 2.46 16.70
N MET D 56 5.71 1.74 17.63
CA MET D 56 5.05 0.47 17.31
C MET D 56 3.86 0.31 18.24
N HIS D 57 2.74 -0.16 17.70
CA HIS D 57 1.55 -0.36 18.51
C HIS D 57 1.80 -1.44 19.57
N HIS D 58 1.27 -1.22 20.77
CA HIS D 58 1.54 -2.10 21.90
C HIS D 58 1.00 -3.51 21.71
N ASP D 59 -0.04 -3.66 20.89
CA ASP D 59 -0.59 -4.99 20.61
C ASP D 59 0.42 -5.88 19.87
N GLN D 60 1.39 -5.25 19.22
CA GLN D 60 2.47 -5.99 18.56
C GLN D 60 3.45 -6.59 19.56
N ALA D 61 3.37 -6.14 20.81
CA ALA D 61 4.33 -6.57 21.83
C ALA D 61 3.69 -7.41 22.94
N ARG D 62 2.56 -8.04 22.64
CA ARG D 62 1.93 -8.94 23.60
C ARG D 62 1.08 -10.00 22.90
N VAL D 63 0.81 -11.09 23.63
CA VAL D 63 0.04 -12.19 23.08
C VAL D 63 -0.79 -12.84 24.20
N GLY D 64 -2.00 -13.26 23.88
CA GLY D 64 -2.87 -13.92 24.84
C GLY D 64 -2.26 -15.22 25.33
N ILE D 65 -2.26 -15.42 26.64
CA ILE D 65 -1.68 -16.60 27.24
C ILE D 65 -2.47 -17.86 26.90
N LYS D 66 -3.79 -17.74 26.89
CA LYS D 66 -4.67 -18.87 26.56
C LYS D 66 -4.42 -19.37 25.14
N GLU D 67 -3.98 -18.48 24.26
CA GLU D 67 -3.72 -18.85 22.87
C GLU D 67 -2.43 -19.65 22.74
N LEU D 68 -1.57 -19.57 23.76
CA LEU D 68 -0.29 -20.25 23.73
C LEU D 68 -0.32 -21.63 24.38
N ILE D 69 -1.14 -21.77 25.41
CA ILE D 69 -1.12 -22.98 26.23
C ILE D 69 -2.28 -23.93 25.91
N ASP D 70 -2.15 -25.17 26.38
CA ASP D 70 -3.22 -26.16 26.28
C ASP D 70 -4.00 -26.22 27.58
N GLU D 71 -5.25 -25.76 27.55
CA GLU D 71 -6.08 -25.68 28.74
C GLU D 71 -6.29 -27.03 29.43
N LYS D 72 -6.13 -28.11 28.67
CA LYS D 72 -6.27 -29.45 29.22
C LYS D 72 -5.03 -29.87 30.00
N LYS D 73 -3.92 -29.18 29.78
CA LYS D 73 -2.67 -29.50 30.45
C LYS D 73 -2.27 -28.46 31.48
N ILE D 74 -2.54 -27.19 31.18
CA ILE D 74 -2.16 -26.08 32.06
C ILE D 74 -3.37 -25.24 32.46
N LYS D 75 -3.57 -25.12 33.77
CA LYS D 75 -4.64 -24.26 34.29
C LYS D 75 -4.11 -22.85 34.54
N PHE D 76 -4.59 -21.89 33.75
CA PHE D 76 -4.16 -20.51 33.89
C PHE D 76 -4.98 -19.76 34.94
N VAL D 77 -4.29 -19.06 35.83
CA VAL D 77 -4.94 -18.25 36.84
C VAL D 77 -4.52 -16.78 36.71
N LYS D 78 -5.49 -15.93 36.39
CA LYS D 78 -5.23 -14.49 36.29
C LYS D 78 -5.40 -13.83 37.66
N ASP D 79 -4.28 -13.57 38.33
CA ASP D 79 -4.32 -12.95 39.64
C ASP D 79 -2.95 -12.37 40.00
N THR D 80 -2.91 -11.55 41.03
CA THR D 80 -1.66 -10.94 41.45
C THR D 80 -1.10 -11.62 42.70
N VAL D 81 0.11 -12.16 42.58
CA VAL D 81 0.79 -12.79 43.71
C VAL D 81 1.11 -11.75 44.77
N VAL D 82 0.84 -12.06 46.03
CA VAL D 82 1.09 -11.14 47.12
C VAL D 82 2.25 -11.61 48.00
N ALA D 83 2.27 -12.90 48.31
CA ALA D 83 3.31 -13.45 49.18
C ALA D 83 3.48 -14.95 48.97
N ILE D 84 4.66 -15.46 49.35
CA ILE D 84 4.94 -16.89 49.29
C ILE D 84 5.29 -17.45 50.66
N ASP D 85 4.55 -18.47 51.09
CA ASP D 85 4.84 -19.14 52.36
C ASP D 85 5.57 -20.45 52.12
N ARG D 86 6.88 -20.44 52.34
CA ARG D 86 7.73 -21.60 52.06
C ARG D 86 7.40 -22.79 52.97
N GLU D 87 7.13 -22.51 54.25
CA GLU D 87 6.84 -23.55 55.22
C GLU D 87 5.55 -24.31 54.91
N GLN D 88 4.48 -23.57 54.62
CA GLN D 88 3.19 -24.17 54.31
C GLN D 88 3.11 -24.57 52.84
N GLN D 89 4.10 -24.15 52.06
CA GLN D 89 4.12 -24.34 50.61
C GLN D 89 2.83 -23.79 49.99
N LYS D 90 2.50 -22.57 50.36
CA LYS D 90 1.29 -21.92 49.88
C LYS D 90 1.57 -20.52 49.32
N VAL D 91 0.98 -20.22 48.18
CA VAL D 91 1.11 -18.91 47.57
C VAL D 91 -0.14 -18.07 47.79
N THR D 92 0.03 -16.87 48.33
CA THR D 92 -1.10 -15.98 48.61
C THR D 92 -1.32 -14.99 47.47
N LEU D 93 -2.55 -14.98 46.95
CA LEU D 93 -2.91 -14.06 45.88
C LEU D 93 -3.87 -13.00 46.40
N GLN D 94 -4.14 -12.00 45.57
CA GLN D 94 -5.09 -10.94 45.93
C GLN D 94 -6.50 -11.50 46.05
N ASN D 95 -6.80 -12.55 45.29
CA ASN D 95 -8.14 -13.11 45.24
C ASN D 95 -8.19 -14.62 45.48
N GLY D 96 -7.22 -15.14 46.22
CA GLY D 96 -7.22 -16.55 46.56
C GLY D 96 -5.88 -17.09 47.02
N GLU D 97 -5.76 -18.41 47.06
CA GLU D 97 -4.55 -19.07 47.51
C GLU D 97 -4.28 -20.37 46.75
N LEU D 98 -3.00 -20.73 46.66
CA LEU D 98 -2.59 -21.95 45.98
C LEU D 98 -1.56 -22.71 46.79
N HIS D 99 -1.66 -24.04 46.78
CA HIS D 99 -0.65 -24.88 47.39
C HIS D 99 0.15 -25.57 46.29
N TYR D 100 1.41 -25.90 46.59
CA TYR D 100 2.27 -26.51 45.58
C TYR D 100 3.15 -27.61 46.14
N ASP D 101 3.53 -28.53 45.26
CA ASP D 101 4.58 -29.50 45.56
C ASP D 101 5.89 -29.02 44.96
N TYR D 102 5.78 -28.34 43.81
CA TYR D 102 6.92 -27.70 43.16
C TYR D 102 6.56 -26.26 42.79
N LEU D 103 7.48 -25.35 43.01
CA LEU D 103 7.24 -23.93 42.72
C LEU D 103 8.28 -23.37 41.75
N VAL D 104 7.81 -22.62 40.76
CA VAL D 104 8.69 -21.94 39.82
C VAL D 104 8.43 -20.43 39.89
N VAL D 105 9.43 -19.67 40.34
CA VAL D 105 9.26 -18.24 40.51
C VAL D 105 9.89 -17.44 39.37
N GLY D 106 9.04 -16.80 38.57
CA GLY D 106 9.50 -15.97 37.47
C GLY D 106 8.77 -14.64 37.42
N LEU D 107 8.77 -13.93 38.55
CA LEU D 107 7.99 -12.70 38.69
C LEU D 107 8.66 -11.49 38.07
N GLY D 108 9.86 -11.69 37.54
CA GLY D 108 10.57 -10.63 36.83
C GLY D 108 11.19 -9.58 37.73
N SER D 109 11.57 -8.46 37.13
CA SER D 109 12.23 -7.37 37.85
C SER D 109 11.28 -6.28 38.32
N GLU D 110 11.78 -5.46 39.24
CA GLU D 110 11.14 -4.20 39.60
C GLU D 110 12.18 -3.10 39.48
N PRO D 111 11.73 -1.85 39.30
CA PRO D 111 12.68 -0.74 39.20
C PRO D 111 13.53 -0.56 40.45
N GLU D 112 14.80 -0.24 40.26
CA GLU D 112 15.70 0.10 41.37
C GLU D 112 16.10 1.55 41.27
N THR D 113 15.66 2.37 42.22
CA THR D 113 15.91 3.81 42.16
C THR D 113 17.01 4.26 43.12
N PHE D 114 17.58 3.31 43.85
CA PHE D 114 18.74 3.57 44.73
C PHE D 114 18.46 4.66 45.77
N GLY D 115 17.20 4.79 46.16
CA GLY D 115 16.81 5.76 47.16
C GLY D 115 16.86 7.20 46.71
N ILE D 116 16.97 7.42 45.41
CA ILE D 116 16.98 8.77 44.86
C ILE D 116 15.62 9.44 45.02
N GLU D 117 15.61 10.59 45.68
CA GLU D 117 14.39 11.30 46.03
C GLU D 117 13.50 11.64 44.84
N GLY D 118 12.23 11.26 44.91
CA GLY D 118 11.25 11.64 43.91
C GLY D 118 11.23 10.80 42.65
N LEU D 119 12.19 9.90 42.52
CA LEU D 119 12.33 9.09 41.33
C LEU D 119 11.17 8.11 41.19
N ARG D 120 10.83 7.45 42.27
CA ARG D 120 9.75 6.46 42.27
C ARG D 120 8.41 7.10 41.93
N GLU D 121 8.19 8.32 42.40
CA GLU D 121 6.88 8.96 42.28
C GLU D 121 6.72 9.80 41.01
N HIS D 122 7.80 10.38 40.51
CA HIS D 122 7.69 11.35 39.43
C HIS D 122 8.34 10.92 38.10
N ALA D 123 9.04 9.78 38.11
CA ALA D 123 9.63 9.26 36.88
C ALA D 123 8.88 8.03 36.38
N PHE D 124 9.03 7.75 35.09
CA PHE D 124 8.35 6.62 34.46
C PHE D 124 9.31 5.47 34.20
N SER D 125 8.76 4.25 34.16
CA SER D 125 9.57 3.06 33.87
C SER D 125 9.02 2.31 32.67
N ILE D 126 9.93 1.65 31.93
CA ILE D 126 9.55 0.81 30.80
C ILE D 126 9.60 -0.66 31.21
N ASN D 127 8.48 -1.21 31.68
CA ASN D 127 8.49 -2.58 32.17
C ASN D 127 7.16 -3.33 32.06
N SER D 128 6.18 -2.74 31.37
CA SER D 128 4.92 -3.43 31.11
C SER D 128 4.17 -2.77 29.98
N ILE D 129 3.08 -3.40 29.53
CA ILE D 129 2.22 -2.82 28.51
C ILE D 129 1.51 -1.59 29.05
N ASN D 130 1.03 -1.68 30.28
CA ASN D 130 0.40 -0.54 30.94
C ASN D 130 1.35 0.64 31.08
N SER D 131 2.59 0.36 31.50
CA SER D 131 3.56 1.41 31.78
C SER D 131 4.00 2.15 30.52
N VAL D 132 4.12 1.45 29.39
CA VAL D 132 4.59 2.10 28.18
C VAL D 132 3.49 2.92 27.49
N ARG D 133 2.23 2.51 27.66
CA ARG D 133 1.11 3.30 27.15
C ARG D 133 0.99 4.61 27.92
N ILE D 134 1.25 4.55 29.21
CA ILE D 134 1.24 5.73 30.05
C ILE D 134 2.34 6.70 29.64
N ILE D 135 3.54 6.17 29.41
CA ILE D 135 4.67 6.98 28.93
C ILE D 135 4.36 7.63 27.58
N ARG D 136 3.87 6.81 26.65
CA ARG D 136 3.52 7.26 25.32
C ARG D 136 2.52 8.41 25.35
N GLN D 137 1.45 8.25 26.11
CA GLN D 137 0.38 9.25 26.15
C GLN D 137 0.77 10.46 26.99
N HIS D 138 1.64 10.25 27.96
CA HIS D 138 2.18 11.37 28.74
C HIS D 138 2.95 12.32 27.84
N ILE D 139 3.85 11.75 27.03
CA ILE D 139 4.68 12.53 26.12
C ILE D 139 3.85 13.29 25.08
N GLU D 140 2.87 12.61 24.50
CA GLU D 140 2.01 13.25 23.51
C GLU D 140 1.19 14.37 24.13
N TYR D 141 0.83 14.19 25.40
CA TYR D 141 0.08 15.20 26.14
C TYR D 141 0.92 16.46 26.35
N GLN D 142 2.20 16.28 26.67
CA GLN D 142 3.11 17.41 26.88
C GLN D 142 3.26 18.21 25.59
N PHE D 143 3.46 17.50 24.48
CA PHE D 143 3.62 18.14 23.18
C PHE D 143 2.35 18.87 22.76
N ALA D 144 1.20 18.30 23.10
CA ALA D 144 -0.09 18.92 22.80
C ALA D 144 -0.25 20.25 23.53
N LYS D 145 0.27 20.33 24.75
CA LYS D 145 0.16 21.54 25.55
C LYS D 145 1.11 22.64 25.09
N PHE D 146 2.18 22.27 24.39
CA PHE D 146 3.22 23.23 24.05
C PHE D 146 2.78 24.35 23.12
N ALA D 147 2.00 24.01 22.10
CA ALA D 147 1.62 25.00 21.08
C ALA D 147 0.83 26.17 21.69
N ALA D 148 0.06 25.89 22.72
CA ALA D 148 -0.72 26.93 23.40
C ALA D 148 0.17 27.76 24.31
N GLU D 149 1.28 27.17 24.75
CA GLU D 149 2.24 27.85 25.64
C GLU D 149 3.67 27.66 25.15
N PRO D 150 4.04 28.34 24.06
CA PRO D 150 5.33 28.08 23.39
C PRO D 150 6.53 28.49 24.26
N GLU D 151 6.29 29.12 25.39
CA GLU D 151 7.37 29.51 26.29
C GLU D 151 7.79 28.33 27.16
N ARG D 152 6.91 27.33 27.26
CA ARG D 152 7.15 26.17 28.09
C ARG D 152 7.93 25.09 27.33
N THR D 153 9.19 25.36 27.04
CA THR D 153 10.03 24.43 26.29
C THR D 153 10.32 23.16 27.10
N ASP D 154 10.10 23.21 28.41
CA ASP D 154 10.27 22.03 29.26
C ASP D 154 9.30 20.92 28.89
N TYR D 155 8.19 21.27 28.25
CA TYR D 155 7.28 20.28 27.69
C TYR D 155 7.97 19.42 26.64
N LEU D 156 8.95 20.00 25.96
CA LEU D 156 9.63 19.34 24.85
C LEU D 156 10.94 18.70 25.27
N THR D 157 11.21 18.69 26.57
CA THR D 157 12.44 18.09 27.09
C THR D 157 12.14 16.75 27.75
N ILE D 158 12.82 15.71 27.29
CA ILE D 158 12.65 14.39 27.86
C ILE D 158 13.97 13.90 28.45
N VAL D 159 13.98 13.65 29.75
CA VAL D 159 15.18 13.16 30.43
C VAL D 159 15.10 11.64 30.65
N VAL D 160 16.07 10.92 30.12
CA VAL D 160 16.16 9.49 30.31
C VAL D 160 17.34 9.15 31.19
N GLY D 161 17.06 8.67 32.40
CA GLY D 161 18.10 8.37 33.37
C GLY D 161 18.70 7.00 33.15
N GLY D 162 20.01 6.97 32.91
CA GLY D 162 20.72 5.72 32.69
C GLY D 162 21.00 5.47 31.22
N ALA D 163 22.28 5.40 30.86
CA ALA D 163 22.68 5.18 29.48
C ALA D 163 23.07 3.72 29.26
N GLY D 164 22.24 2.82 29.77
CA GLY D 164 22.47 1.40 29.56
C GLY D 164 21.76 0.91 28.31
N PHE D 165 21.61 -0.40 28.20
CA PHE D 165 21.00 -1.02 27.02
C PHE D 165 19.60 -0.47 26.75
N THR D 166 18.77 -0.46 27.79
CA THR D 166 17.39 -0.02 27.66
C THR D 166 17.27 1.47 27.35
N GLY D 167 18.04 2.29 28.06
CA GLY D 167 18.04 3.73 27.85
C GLY D 167 18.47 4.11 26.44
N ILE D 168 19.50 3.43 25.93
CA ILE D 168 19.99 3.72 24.59
C ILE D 168 18.96 3.38 23.52
N GLU D 169 18.33 2.22 23.64
CA GLU D 169 17.31 1.81 22.67
C GLU D 169 16.10 2.75 22.70
N PHE D 170 15.74 3.20 23.89
CA PHE D 170 14.59 4.09 24.05
C PHE D 170 14.82 5.45 23.40
N VAL D 171 15.96 6.07 23.68
CA VAL D 171 16.25 7.38 23.11
C VAL D 171 16.40 7.28 21.59
N GLY D 172 16.78 6.10 21.11
CA GLY D 172 16.84 5.84 19.68
C GLY D 172 15.45 5.89 19.05
N GLU D 173 14.49 5.25 19.71
CA GLU D 173 13.10 5.26 19.25
C GLU D 173 12.52 6.67 19.31
N LEU D 174 12.80 7.36 20.40
CA LEU D 174 12.34 8.74 20.58
C LEU D 174 12.82 9.65 19.47
N ALA D 175 14.07 9.47 19.07
CA ALA D 175 14.68 10.29 18.03
C ALA D 175 13.98 10.10 16.68
N ASP D 176 13.63 8.86 16.36
CA ASP D 176 12.89 8.58 15.12
C ASP D 176 11.47 9.12 15.17
N ARG D 177 10.90 9.14 16.37
CA ARG D 177 9.52 9.55 16.56
C ARG D 177 9.33 11.05 16.39
N MET D 178 10.34 11.82 16.78
CA MET D 178 10.22 13.28 16.87
C MET D 178 9.71 14.00 15.60
N PRO D 179 10.20 13.61 14.40
CA PRO D 179 9.65 14.31 13.23
C PRO D 179 8.13 14.21 13.09
N GLU D 180 7.58 13.00 13.23
CA GLU D 180 6.12 12.82 13.14
C GLU D 180 5.42 13.48 14.32
N LEU D 181 6.01 13.33 15.50
CA LEU D 181 5.43 13.89 16.71
C LEU D 181 5.36 15.42 16.65
N CYS D 182 6.41 16.05 16.15
CA CYS D 182 6.45 17.51 16.02
C CYS D 182 5.47 18.03 14.97
N ALA D 183 5.32 17.29 13.87
CA ALA D 183 4.39 17.70 12.82
C ALA D 183 2.95 17.60 13.30
N GLU D 184 2.69 16.60 14.14
CA GLU D 184 1.36 16.38 14.71
C GLU D 184 0.93 17.55 15.60
N TYR D 185 1.88 18.19 16.27
CA TYR D 185 1.55 19.22 17.26
C TYR D 185 2.16 20.58 16.96
N ASP D 186 2.51 20.81 15.70
CA ASP D 186 3.04 22.08 15.23
C ASP D 186 4.25 22.54 16.04
N VAL D 187 5.13 21.60 16.38
CA VAL D 187 6.29 21.91 17.20
C VAL D 187 7.56 22.02 16.36
N ASP D 188 8.32 23.08 16.57
CA ASP D 188 9.64 23.23 15.97
C ASP D 188 10.57 22.16 16.54
N PRO D 189 11.00 21.22 15.70
CA PRO D 189 11.83 20.08 16.12
C PRO D 189 13.14 20.49 16.79
N LYS D 190 13.63 21.68 16.45
CA LYS D 190 14.89 22.18 17.01
C LYS D 190 14.74 22.54 18.49
N LEU D 191 13.51 22.68 18.95
CA LEU D 191 13.25 23.02 20.36
C LEU D 191 13.17 21.78 21.24
N VAL D 192 13.12 20.61 20.61
CA VAL D 192 13.03 19.35 21.33
C VAL D 192 14.37 18.93 21.93
N ARG D 193 14.35 18.46 23.18
CA ARG D 193 15.57 17.95 23.81
C ARG D 193 15.37 16.54 24.36
N ILE D 194 16.19 15.62 23.88
CA ILE D 194 16.26 14.28 24.43
C ILE D 194 17.58 14.12 25.17
N ILE D 195 17.52 14.00 26.49
CA ILE D 195 18.74 14.00 27.30
C ILE D 195 18.93 12.68 28.03
N ASN D 196 20.02 11.99 27.69
CA ASN D 196 20.37 10.75 28.37
C ASN D 196 21.38 11.03 29.47
N VAL D 197 20.96 10.82 30.72
CA VAL D 197 21.80 11.14 31.87
C VAL D 197 22.30 9.89 32.57
N GLU D 198 23.61 9.77 32.72
CA GLU D 198 24.24 8.58 33.29
C GLU D 198 25.25 8.91 34.38
N ALA D 199 25.13 8.23 35.52
CA ALA D 199 26.02 8.45 36.65
C ALA D 199 27.44 7.93 36.38
N ALA D 200 27.52 6.77 35.73
CA ALA D 200 28.81 6.17 35.38
C ALA D 200 29.60 7.08 34.45
N PRO D 201 30.93 6.96 34.43
CA PRO D 201 31.72 7.87 33.60
C PRO D 201 31.80 7.47 32.12
N THR D 202 31.09 6.42 31.73
CA THR D 202 31.07 5.97 30.33
C THR D 202 29.68 5.54 29.87
N VAL D 203 29.34 5.90 28.63
CA VAL D 203 28.11 5.43 28.01
C VAL D 203 28.17 3.92 27.82
N LEU D 204 27.07 3.24 28.15
CA LEU D 204 26.98 1.79 28.08
C LEU D 204 28.19 1.13 28.73
N PRO D 205 28.37 1.34 30.05
CA PRO D 205 29.58 0.88 30.72
C PRO D 205 29.69 -0.65 30.77
N GLY D 206 30.80 -1.16 30.23
CA GLY D 206 31.05 -2.59 30.21
C GLY D 206 31.01 -3.18 28.81
N PHE D 207 30.52 -2.39 27.85
CA PHE D 207 30.47 -2.83 26.46
C PHE D 207 31.72 -2.41 25.69
N ASP D 208 31.92 -2.99 24.51
CA ASP D 208 33.06 -2.66 23.66
C ASP D 208 32.98 -1.22 23.16
N PRO D 209 34.03 -0.44 23.41
CA PRO D 209 34.10 0.99 23.07
C PRO D 209 33.74 1.32 21.61
N ALA D 210 34.10 0.42 20.69
CA ALA D 210 33.83 0.64 19.27
C ALA D 210 32.32 0.69 19.00
N LEU D 211 31.57 -0.22 19.62
CA LEU D 211 30.13 -0.25 19.49
C LEU D 211 29.51 0.96 20.18
N VAL D 212 30.08 1.32 21.33
CA VAL D 212 29.60 2.47 22.10
C VAL D 212 29.74 3.77 21.31
N ASN D 213 30.92 3.98 20.76
CA ASN D 213 31.21 5.20 19.99
C ASN D 213 30.29 5.36 18.78
N TYR D 214 30.02 4.24 18.10
CA TYR D 214 29.09 4.24 16.97
C TYR D 214 27.69 4.62 17.42
N ALA D 215 27.26 4.06 18.56
CA ALA D 215 25.93 4.36 19.09
C ALA D 215 25.78 5.84 19.43
N MET D 216 26.81 6.39 20.07
CA MET D 216 26.80 7.80 20.44
C MET D 216 26.82 8.69 19.20
N ASP D 217 27.59 8.29 18.20
CA ASP D 217 27.70 9.03 16.96
C ASP D 217 26.37 9.07 16.22
N VAL D 218 25.73 7.91 16.11
CA VAL D 218 24.43 7.82 15.45
C VAL D 218 23.38 8.63 16.18
N LEU D 219 23.26 8.43 17.50
CA LEU D 219 22.26 9.12 18.30
C LEU D 219 22.57 10.61 18.44
N GLY D 220 23.85 10.93 18.56
CA GLY D 220 24.29 12.32 18.62
C GLY D 220 23.87 13.07 17.36
N GLY D 221 24.02 12.39 16.22
CA GLY D 221 23.61 12.94 14.94
C GLY D 221 22.12 13.22 14.88
N LYS D 222 21.34 12.41 15.58
CA LYS D 222 19.88 12.59 15.60
C LYS D 222 19.42 13.58 16.68
N GLY D 223 20.37 14.26 17.31
CA GLY D 223 20.05 15.32 18.25
C GLY D 223 20.00 14.90 19.71
N VAL D 224 20.29 13.65 20.00
CA VAL D 224 20.30 13.18 21.38
C VAL D 224 21.53 13.69 22.12
N GLU D 225 21.30 14.28 23.29
CA GLU D 225 22.37 14.77 24.13
C GLU D 225 22.73 13.73 25.20
N PHE D 226 24.01 13.62 25.51
CA PHE D 226 24.46 12.72 26.57
C PHE D 226 25.15 13.48 27.68
N LYS D 227 24.68 13.28 28.91
CA LYS D 227 25.35 13.82 30.07
C LYS D 227 25.88 12.66 30.90
N ILE D 228 27.18 12.43 30.81
CA ILE D 228 27.81 11.27 31.42
C ILE D 228 28.66 11.69 32.61
N GLY D 229 28.83 10.79 33.57
CA GLY D 229 29.48 11.13 34.83
C GLY D 229 28.63 12.10 35.60
N THR D 230 27.32 12.01 35.38
CA THR D 230 26.36 12.96 35.94
C THR D 230 25.22 12.22 36.61
N PRO D 231 25.23 12.16 37.96
CA PRO D 231 24.18 11.46 38.69
C PRO D 231 22.93 12.32 38.92
N ILE D 232 21.76 11.69 38.85
CA ILE D 232 20.51 12.36 39.20
C ILE D 232 20.42 12.49 40.72
N LYS D 233 20.28 13.72 41.21
CA LYS D 233 20.24 13.97 42.64
C LYS D 233 18.81 13.95 43.19
N ARG D 234 17.87 14.46 42.42
CA ARG D 234 16.46 14.45 42.80
C ARG D 234 15.56 14.61 41.59
N CYS D 235 14.32 14.16 41.71
CA CYS D 235 13.37 14.23 40.60
C CYS D 235 12.06 14.84 41.05
N THR D 236 11.52 15.73 40.22
CA THR D 236 10.25 16.41 40.48
C THR D 236 9.39 16.35 39.22
N PRO D 237 8.09 16.71 39.33
CA PRO D 237 7.31 16.78 38.10
C PRO D 237 7.75 17.93 37.18
N GLU D 238 8.63 18.80 37.69
CA GLU D 238 9.15 19.90 36.91
C GLU D 238 10.47 19.52 36.21
N GLY D 239 11.10 18.44 36.69
CA GLY D 239 12.34 17.97 36.08
C GLY D 239 13.25 17.25 37.05
N VAL D 240 14.56 17.36 36.81
CA VAL D 240 15.56 16.72 37.66
C VAL D 240 16.67 17.67 38.06
N VAL D 241 17.30 17.40 39.20
CA VAL D 241 18.52 18.08 39.59
C VAL D 241 19.69 17.11 39.40
N ILE D 242 20.73 17.58 38.71
CA ILE D 242 21.88 16.73 38.44
C ILE D 242 23.16 17.30 39.03
N GLU D 243 24.18 16.46 39.17
CA GLU D 243 25.45 16.88 39.72
C GLU D 243 26.51 17.01 38.62
N VAL D 244 26.97 18.24 38.41
CA VAL D 244 27.97 18.51 37.39
C VAL D 244 29.18 19.21 38.01
N ASP D 245 30.33 18.52 37.98
CA ASP D 245 31.56 19.01 38.59
C ASP D 245 31.36 19.39 40.06
N GLY D 246 30.69 18.52 40.80
CA GLY D 246 30.46 18.74 42.22
C GLY D 246 29.47 19.86 42.50
N GLU D 247 28.71 20.25 41.49
CA GLU D 247 27.72 21.31 41.64
C GLU D 247 26.36 20.87 41.11
N GLU D 248 25.30 21.39 41.73
CA GLU D 248 23.95 21.06 41.31
C GLU D 248 23.49 21.89 40.13
N GLU D 249 22.90 21.22 39.14
CA GLU D 249 22.32 21.89 37.98
C GLU D 249 20.93 21.34 37.73
N GLU D 250 19.98 22.22 37.43
CA GLU D 250 18.61 21.81 37.23
C GLU D 250 18.26 21.67 35.75
N ILE D 251 17.60 20.57 35.41
CA ILE D 251 17.03 20.40 34.08
C ILE D 251 15.51 20.41 34.17
N LYS D 252 14.89 21.42 33.59
CA LYS D 252 13.44 21.48 33.57
C LYS D 252 12.91 20.55 32.47
N ALA D 253 12.13 19.56 32.86
CA ALA D 253 11.64 18.56 31.92
C ALA D 253 10.34 17.94 32.40
N ALA D 254 9.34 17.91 31.52
CA ALA D 254 8.01 17.43 31.87
C ALA D 254 7.94 15.91 31.84
N THR D 255 8.98 15.28 31.30
CA THR D 255 9.01 13.83 31.20
C THR D 255 10.36 13.27 31.66
N VAL D 256 10.33 12.43 32.68
CA VAL D 256 11.53 11.76 33.17
C VAL D 256 11.31 10.25 33.14
N VAL D 257 12.15 9.55 32.38
CA VAL D 257 12.05 8.09 32.29
C VAL D 257 13.28 7.43 32.91
N TRP D 258 13.04 6.54 33.88
CA TRP D 258 14.14 5.89 34.58
C TRP D 258 14.49 4.54 33.96
N THR D 259 15.70 4.43 33.44
CA THR D 259 16.21 3.16 32.93
C THR D 259 17.58 2.88 33.56
N GLY D 260 17.75 3.29 34.81
CA GLY D 260 19.05 3.25 35.44
C GLY D 260 19.29 2.10 36.40
N GLY D 261 18.36 1.15 36.48
CA GLY D 261 18.57 -0.01 37.32
C GLY D 261 17.33 -0.82 37.65
N VAL D 262 17.53 -2.13 37.81
CA VAL D 262 16.45 -3.03 38.18
C VAL D 262 16.90 -3.97 39.31
N ARG D 263 15.92 -4.58 39.97
CA ARG D 263 16.18 -5.55 41.02
C ARG D 263 15.16 -6.68 40.93
N GLY D 264 15.44 -7.79 41.61
CA GLY D 264 14.47 -8.87 41.69
C GLY D 264 13.18 -8.42 42.34
N ASN D 265 12.06 -8.97 41.88
CA ASN D 265 10.74 -8.67 42.43
C ASN D 265 10.75 -8.77 43.95
N SER D 266 10.27 -7.72 44.61
CA SER D 266 10.36 -7.60 46.07
C SER D 266 9.64 -8.71 46.83
N ILE D 267 8.67 -9.35 46.18
CA ILE D 267 7.94 -10.46 46.79
C ILE D 267 8.88 -11.57 47.23
N VAL D 268 9.92 -11.81 46.42
CA VAL D 268 10.91 -12.84 46.72
C VAL D 268 11.62 -12.56 48.05
N GLU D 269 12.13 -11.35 48.21
CA GLU D 269 12.81 -10.96 49.44
C GLU D 269 11.86 -10.91 50.63
N LYS D 270 10.67 -10.36 50.40
CA LYS D 270 9.67 -10.23 51.46
C LYS D 270 9.15 -11.59 51.95
N SER D 271 9.27 -12.61 51.10
CA SER D 271 8.80 -13.94 51.45
C SER D 271 9.81 -14.71 52.31
N GLY D 272 10.96 -14.09 52.56
CA GLY D 272 11.95 -14.65 53.46
C GLY D 272 13.15 -15.30 52.80
N PHE D 273 13.21 -15.26 51.47
CA PHE D 273 14.37 -15.78 50.76
C PHE D 273 15.59 -14.88 50.95
N GLU D 274 16.76 -15.51 51.10
CA GLU D 274 18.00 -14.75 51.18
C GLU D 274 18.35 -14.23 49.80
N THR D 275 18.43 -12.91 49.65
CA THR D 275 18.61 -12.32 48.33
C THR D 275 19.76 -11.31 48.26
N MET D 276 20.25 -11.11 47.05
CA MET D 276 21.24 -10.08 46.74
C MET D 276 20.71 -9.25 45.58
N ARG D 277 20.39 -7.99 45.88
CA ARG D 277 19.73 -7.10 44.91
C ARG D 277 18.41 -7.71 44.47
N GLY D 278 17.70 -8.33 45.41
CA GLY D 278 16.38 -8.90 45.15
C GLY D 278 16.41 -10.25 44.45
N ARG D 279 17.59 -10.69 44.04
CA ARG D 279 17.73 -11.92 43.30
C ARG D 279 18.31 -13.07 44.14
N ILE D 280 17.95 -14.30 43.78
CA ILE D 280 18.41 -15.48 44.49
C ILE D 280 19.58 -16.16 43.78
N LYS D 281 20.69 -16.34 44.50
CA LYS D 281 21.81 -17.10 43.96
C LYS D 281 21.50 -18.59 43.98
N VAL D 282 20.91 -19.08 42.89
CA VAL D 282 20.45 -20.46 42.83
C VAL D 282 21.58 -21.48 42.70
N ASP D 283 21.26 -22.73 43.00
CA ASP D 283 22.22 -23.83 42.85
C ASP D 283 22.37 -24.19 41.36
N PRO D 284 23.28 -25.12 41.01
CA PRO D 284 23.41 -25.48 39.59
C PRO D 284 22.15 -25.98 38.90
N TYR D 285 21.11 -26.35 39.65
CA TYR D 285 19.87 -26.80 39.04
C TYR D 285 18.79 -25.73 39.12
N LEU D 286 19.21 -24.48 39.29
CA LEU D 286 18.32 -23.32 39.35
C LEU D 286 17.32 -23.39 40.51
N ARG D 287 17.69 -24.12 41.56
CA ARG D 287 16.84 -24.20 42.75
C ARG D 287 17.28 -23.18 43.79
N ALA D 288 16.31 -22.68 44.55
CA ALA D 288 16.61 -21.82 45.69
C ALA D 288 17.27 -22.66 46.77
N PRO D 289 18.43 -22.20 47.28
CA PRO D 289 19.18 -22.94 48.32
C PRO D 289 18.32 -23.29 49.52
N GLY D 290 18.33 -24.56 49.90
CA GLY D 290 17.53 -25.05 51.00
C GLY D 290 16.13 -25.49 50.58
N HIS D 291 15.86 -25.43 49.28
CA HIS D 291 14.57 -25.85 48.74
C HIS D 291 14.74 -26.65 47.46
N GLU D 292 14.58 -27.96 47.56
CA GLU D 292 14.74 -28.85 46.42
C GLU D 292 13.52 -28.83 45.50
N ASN D 293 12.47 -28.13 45.92
CA ASN D 293 11.22 -28.12 45.17
C ASN D 293 10.84 -26.73 44.69
N ILE D 294 11.73 -25.77 44.90
CA ILE D 294 11.49 -24.41 44.44
C ILE D 294 12.55 -23.99 43.42
N PHE D 295 12.09 -23.69 42.21
CA PHE D 295 12.98 -23.25 41.14
C PHE D 295 12.80 -21.76 40.88
N ILE D 296 13.90 -21.08 40.59
CA ILE D 296 13.86 -19.65 40.30
C ILE D 296 14.33 -19.39 38.87
N VAL D 297 13.53 -18.65 38.10
CA VAL D 297 13.89 -18.36 36.71
C VAL D 297 13.88 -16.88 36.41
N GLY D 298 14.50 -16.52 35.28
CA GLY D 298 14.55 -15.16 34.81
C GLY D 298 15.25 -14.18 35.73
N ASP D 299 14.71 -12.97 35.80
CA ASP D 299 15.33 -11.85 36.50
C ASP D 299 15.37 -12.01 38.02
N CYS D 300 14.65 -13.01 38.54
CA CYS D 300 14.69 -13.28 39.97
C CYS D 300 15.88 -14.18 40.32
N ALA D 301 16.54 -14.71 39.30
CA ALA D 301 17.65 -15.63 39.51
C ALA D 301 19.00 -14.97 39.26
N LEU D 302 19.96 -15.27 40.13
CA LEU D 302 21.32 -14.75 40.00
C LEU D 302 22.27 -15.89 39.64
N ILE D 303 22.96 -15.76 38.52
CA ILE D 303 23.95 -16.76 38.10
C ILE D 303 25.34 -16.13 38.01
N ILE D 304 26.32 -16.79 38.62
CA ILE D 304 27.70 -16.33 38.54
C ILE D 304 28.47 -17.12 37.48
N ASN D 305 29.05 -16.41 36.53
CA ASN D 305 29.92 -17.04 35.54
C ASN D 305 31.21 -17.49 36.21
N GLU D 306 31.37 -18.80 36.34
CA GLU D 306 32.51 -19.37 37.07
C GLU D 306 33.82 -19.17 36.32
N GLU D 307 33.73 -18.77 35.06
CA GLU D 307 34.92 -18.54 34.24
C GLU D 307 35.64 -17.24 34.61
N ASN D 308 34.88 -16.26 35.10
CA ASN D 308 35.45 -14.95 35.43
C ASN D 308 34.88 -14.36 36.71
N ASN D 309 34.11 -15.15 37.43
CA ASN D 309 33.56 -14.79 38.73
C ASN D 309 32.70 -13.51 38.68
N ARG D 310 32.09 -13.26 37.52
CA ARG D 310 31.20 -12.12 37.37
C ARG D 310 29.77 -12.59 37.11
N PRO D 311 28.80 -11.88 37.71
CA PRO D 311 27.39 -12.26 37.57
C PRO D 311 26.86 -12.04 36.15
N TYR D 312 25.99 -12.94 35.68
CA TYR D 312 25.29 -12.70 34.43
C TYR D 312 24.26 -11.61 34.64
N PRO D 313 24.14 -10.69 33.68
CA PRO D 313 23.12 -9.63 33.75
C PRO D 313 21.72 -10.20 33.57
N PRO D 314 20.70 -9.53 34.12
CA PRO D 314 19.31 -9.98 33.97
C PRO D 314 18.79 -9.80 32.54
N THR D 315 18.77 -10.88 31.76
CA THR D 315 18.37 -10.81 30.36
C THR D 315 17.25 -11.78 30.02
N ALA D 316 16.53 -11.49 28.95
CA ALA D 316 15.51 -12.41 28.43
C ALA D 316 16.19 -13.65 27.88
N GLN D 317 17.37 -13.45 27.31
CA GLN D 317 18.15 -14.51 26.69
C GLN D 317 18.43 -15.63 27.68
N ILE D 318 18.89 -15.28 28.88
CA ILE D 318 19.17 -16.28 29.89
C ILE D 318 17.89 -16.76 30.59
N ALA D 319 16.86 -15.92 30.58
CA ALA D 319 15.56 -16.31 31.17
C ALA D 319 14.95 -17.46 30.38
N ILE D 320 15.04 -17.38 29.06
CA ILE D 320 14.53 -18.43 28.19
C ILE D 320 15.23 -19.76 28.49
N GLN D 321 16.55 -19.70 28.62
CA GLN D 321 17.35 -20.90 28.89
C GLN D 321 17.04 -21.46 30.27
N HIS D 322 16.74 -20.58 31.23
CA HIS D 322 16.29 -21.01 32.55
C HIS D 322 15.06 -21.89 32.45
N GLY D 323 14.06 -21.38 31.72
CA GLY D 323 12.79 -22.07 31.56
C GLY D 323 12.91 -23.43 30.92
N GLU D 324 13.76 -23.53 29.90
CA GLU D 324 13.99 -24.80 29.21
C GLU D 324 14.62 -25.82 30.16
N ASN D 325 15.57 -25.35 30.96
CA ASN D 325 16.28 -26.23 31.88
C ASN D 325 15.39 -26.70 33.03
N VAL D 326 14.58 -25.79 33.57
CA VAL D 326 13.67 -26.13 34.67
C VAL D 326 12.61 -27.13 34.23
N ALA D 327 12.07 -26.92 33.03
CA ALA D 327 11.06 -27.82 32.48
C ALA D 327 11.62 -29.24 32.31
N ALA D 328 12.84 -29.32 31.78
CA ALA D 328 13.52 -30.60 31.62
C ALA D 328 13.80 -31.25 32.97
N ASN D 329 14.27 -30.44 33.93
CA ASN D 329 14.63 -30.97 35.25
C ASN D 329 13.43 -31.34 36.10
N LEU D 330 12.34 -30.58 35.98
CA LEU D 330 11.11 -30.90 36.69
C LEU D 330 10.54 -32.22 36.19
N ALA D 331 10.53 -32.39 34.87
CA ALA D 331 10.08 -33.63 34.25
C ALA D 331 10.90 -34.82 34.75
N ALA D 332 12.20 -34.61 34.90
CA ALA D 332 13.10 -35.64 35.41
C ALA D 332 12.78 -35.97 36.86
N LEU D 333 12.54 -34.94 37.66
CA LEU D 333 12.18 -35.12 39.06
C LEU D 333 10.85 -35.85 39.20
N ILE D 334 9.88 -35.48 38.36
CA ILE D 334 8.58 -36.12 38.37
C ILE D 334 8.70 -37.61 38.03
N ARG D 335 9.62 -37.93 37.13
CA ARG D 335 9.79 -39.30 36.66
C ARG D 335 10.91 -40.02 37.40
N GLY D 336 11.47 -39.37 38.41
CA GLY D 336 12.50 -39.99 39.24
C GLY D 336 13.84 -40.08 38.57
N GLY D 337 14.01 -39.36 37.46
CA GLY D 337 15.27 -39.36 36.73
C GLY D 337 16.28 -38.41 37.32
N SER D 338 17.41 -38.24 36.64
CA SER D 338 18.44 -37.33 37.10
C SER D 338 18.33 -35.97 36.43
N MET D 339 18.64 -34.91 37.16
CA MET D 339 18.58 -33.57 36.63
C MET D 339 19.86 -33.18 35.91
N THR D 340 19.77 -32.17 35.05
CA THR D 340 20.93 -31.67 34.33
C THR D 340 21.27 -30.25 34.79
N PRO D 341 22.52 -30.04 35.21
CA PRO D 341 22.99 -28.72 35.64
C PRO D 341 22.82 -27.68 34.55
N PHE D 342 22.39 -26.47 34.92
CA PHE D 342 22.22 -25.40 33.96
C PHE D 342 23.55 -24.89 33.43
N LYS D 343 23.65 -24.76 32.11
CA LYS D 343 24.82 -24.16 31.47
C LYS D 343 24.37 -23.16 30.40
N PRO D 344 24.66 -21.87 30.62
CA PRO D 344 24.22 -20.80 29.72
C PRO D 344 24.95 -20.79 28.39
N HIS D 345 24.20 -20.51 27.33
CA HIS D 345 24.75 -20.34 25.99
C HIS D 345 24.49 -18.93 25.46
N ILE D 346 25.56 -18.22 25.14
CA ILE D 346 25.45 -16.82 24.75
C ILE D 346 25.04 -16.69 23.28
N ARG D 347 23.82 -16.23 23.07
CA ARG D 347 23.30 -15.97 21.74
C ARG D 347 23.74 -14.58 21.31
N GLY D 348 23.13 -14.06 20.24
CA GLY D 348 23.50 -12.74 19.77
C GLY D 348 22.71 -11.65 20.47
N THR D 349 23.35 -10.51 20.70
CA THR D 349 22.65 -9.38 21.29
C THR D 349 22.79 -8.15 20.41
N VAL D 350 21.66 -7.60 20.00
CA VAL D 350 21.65 -6.39 19.17
C VAL D 350 20.93 -5.24 19.87
N ALA D 351 21.58 -4.09 19.99
CA ALA D 351 20.91 -2.91 20.52
C ALA D 351 20.34 -2.10 19.37
N SER D 352 19.04 -1.86 19.36
CA SER D 352 18.44 -1.04 18.32
C SER D 352 18.80 0.43 18.50
N LEU D 353 18.98 1.12 17.38
CA LEU D 353 19.25 2.55 17.39
C LEU D 353 18.20 3.25 16.52
N GLY D 354 16.96 3.17 16.93
CA GLY D 354 15.85 3.57 16.09
C GLY D 354 15.43 2.39 15.22
N ARG D 355 14.52 2.64 14.28
CA ARG D 355 13.97 1.57 13.45
C ARG D 355 14.89 1.15 12.29
N ASN D 356 15.87 1.97 11.96
CA ASN D 356 16.70 1.71 10.78
C ASN D 356 18.19 1.60 11.07
N ASP D 357 18.55 1.47 12.34
CA ASP D 357 19.96 1.36 12.72
C ASP D 357 20.10 0.54 13.99
N ALA D 358 21.26 -0.07 14.19
CA ALA D 358 21.48 -0.93 15.35
C ALA D 358 22.95 -1.28 15.54
N ILE D 359 23.26 -1.83 16.70
CA ILE D 359 24.61 -2.32 17.03
C ILE D 359 24.53 -3.59 17.83
N GLY D 360 25.55 -4.43 17.71
CA GLY D 360 25.63 -5.62 18.54
C GLY D 360 26.68 -6.61 18.09
N ILE D 361 26.73 -7.73 18.79
CA ILE D 361 27.57 -8.85 18.39
C ILE D 361 26.67 -10.01 18.00
N VAL D 362 26.84 -10.49 16.77
CA VAL D 362 26.10 -11.65 16.29
C VAL D 362 27.07 -12.62 15.62
N GLY D 363 27.06 -13.87 16.08
CA GLY D 363 28.00 -14.85 15.58
C GLY D 363 29.44 -14.52 15.94
N GLY D 364 29.62 -13.76 17.01
CA GLY D 364 30.96 -13.38 17.45
C GLY D 364 31.53 -12.23 16.65
N ARG D 365 30.73 -11.68 15.73
CA ARG D 365 31.18 -10.61 14.86
C ARG D 365 30.39 -9.33 15.10
N LYS D 366 31.05 -8.19 14.99
CA LYS D 366 30.39 -6.89 15.11
C LYS D 366 29.44 -6.66 13.94
N VAL D 367 28.24 -6.17 14.22
CA VAL D 367 27.27 -5.87 13.17
C VAL D 367 26.76 -4.43 13.29
N TYR D 368 26.42 -3.84 12.16
CA TYR D 368 26.01 -2.43 12.11
C TYR D 368 24.83 -2.22 11.16
N GLY D 369 24.15 -1.09 11.35
CA GLY D 369 23.20 -0.59 10.36
C GLY D 369 22.02 -1.49 10.04
N HIS D 370 21.66 -1.52 8.77
CA HIS D 370 20.53 -2.32 8.30
C HIS D 370 20.73 -3.81 8.59
N ALA D 371 21.97 -4.26 8.46
CA ALA D 371 22.31 -5.64 8.75
C ALA D 371 21.97 -5.99 10.20
N ALA D 372 22.52 -5.21 11.13
CA ALA D 372 22.24 -5.40 12.56
C ALA D 372 20.75 -5.28 12.86
N SER D 373 20.08 -4.36 12.18
CA SER D 373 18.66 -4.12 12.38
C SER D 373 17.84 -5.36 11.99
N TRP D 374 18.19 -5.97 10.86
CA TRP D 374 17.51 -7.19 10.42
C TRP D 374 17.81 -8.36 11.34
N LEU D 375 19.04 -8.46 11.81
CA LEU D 375 19.43 -9.54 12.69
C LEU D 375 18.66 -9.52 14.00
N LYS D 376 18.45 -8.32 14.55
CA LYS D 376 17.69 -8.18 15.79
C LYS D 376 16.26 -8.68 15.61
N LYS D 377 15.65 -8.29 14.49
CA LYS D 377 14.28 -8.73 14.18
C LYS D 377 14.22 -10.24 14.05
N LEU D 378 15.22 -10.82 13.40
CA LEU D 378 15.28 -12.27 13.21
C LEU D 378 15.48 -13.02 14.53
N ILE D 379 16.35 -12.50 15.39
CA ILE D 379 16.58 -13.10 16.70
C ILE D 379 15.29 -13.07 17.53
N ASP D 380 14.59 -11.94 17.50
CA ASP D 380 13.34 -11.82 18.23
C ASP D 380 12.26 -12.76 17.69
N MET D 381 12.25 -12.93 16.37
CA MET D 381 11.30 -13.84 15.72
C MET D 381 11.51 -15.27 16.20
N ARG D 382 12.76 -15.63 16.49
CA ARG D 382 13.08 -16.96 16.99
C ARG D 382 12.37 -17.27 18.31
N TYR D 383 12.24 -16.26 19.17
CA TYR D 383 11.53 -16.44 20.43
C TYR D 383 10.04 -16.66 20.19
N LEU D 384 9.47 -15.91 19.26
CA LEU D 384 8.06 -16.06 18.93
C LEU D 384 7.76 -17.46 18.42
N TYR D 385 8.67 -18.01 17.61
CA TYR D 385 8.52 -19.37 17.12
C TYR D 385 8.58 -20.38 18.25
N LEU D 386 9.46 -20.12 19.22
CA LEU D 386 9.63 -21.01 20.36
C LEU D 386 8.34 -21.19 21.15
N ILE D 387 7.65 -20.10 21.42
CA ILE D 387 6.45 -20.14 22.26
C ILE D 387 5.15 -20.26 21.48
N GLY D 388 5.14 -19.86 20.21
CA GLY D 388 3.90 -19.83 19.46
C GLY D 388 3.94 -20.46 18.08
N GLY D 389 5.05 -21.12 17.76
CA GLY D 389 5.19 -21.78 16.47
C GLY D 389 5.16 -20.82 15.30
N LEU D 390 4.92 -21.36 14.11
CA LEU D 390 4.90 -20.55 12.90
C LEU D 390 3.70 -19.61 12.85
N SER D 391 2.60 -20.03 13.46
CA SER D 391 1.38 -19.23 13.49
C SER D 391 1.60 -17.88 14.15
N LEU D 392 2.27 -17.88 15.30
CA LEU D 392 2.56 -16.64 16.01
C LEU D 392 3.53 -15.76 15.22
N VAL D 393 4.48 -16.39 14.54
CA VAL D 393 5.42 -15.67 13.70
C VAL D 393 4.69 -14.94 12.57
N LEU D 394 3.79 -15.67 11.91
CA LEU D 394 3.00 -15.10 10.83
C LEU D 394 2.08 -13.97 11.31
N LYS D 395 1.68 -14.04 12.58
CA LYS D 395 0.83 -13.03 13.16
C LYS D 395 1.56 -11.70 13.26
N LYS D 396 2.80 -11.75 13.75
CA LYS D 396 3.63 -10.56 13.90
C LYS D 396 3.95 -9.91 12.55
PA FAD E . 23.12 -24.00 -16.37
O1A FAD E . 22.27 -23.88 -15.14
O2A FAD E . 22.24 -23.96 -17.56
O5B FAD E . 24.16 -22.76 -16.43
C5B FAD E . 24.72 -22.36 -17.68
C4B FAD E . 25.23 -20.89 -17.54
O4B FAD E . 26.14 -20.64 -18.41
C3B FAD E . 24.08 -19.93 -17.82
O3B FAD E . 24.14 -18.86 -16.94
C2B FAD E . 24.33 -19.49 -19.26
O2B FAD E . 23.74 -18.10 -19.47
C1B FAD E . 25.61 -19.48 -19.38
N9A FAD E . 26.04 -19.80 -20.70
C8A FAD E . 25.61 -20.80 -21.50
N7A FAD E . 26.29 -20.75 -22.67
C5A FAD E . 27.17 -19.72 -22.59
C6A FAD E . 28.10 -19.22 -23.48
N6A FAD E . 28.52 -19.60 -24.82
N1A FAD E . 28.87 -18.15 -23.13
C2A FAD E . 28.71 -17.57 -21.90
N3A FAD E . 27.78 -18.05 -21.03
C4A FAD E . 27.02 -19.13 -21.37
N1 FAD E . 17.70 -30.48 -11.60
C2 FAD E . 17.55 -31.03 -10.25
O2 FAD E . 18.49 -31.61 -9.70
N3 FAD E . 16.27 -30.90 -9.55
C4 FAD E . 15.19 -30.21 -10.19
O4 FAD E . 14.18 -30.10 -9.63
C4X FAD E . 15.36 -29.66 -11.56
N5 FAD E . 14.27 -28.99 -12.19
C5X FAD E . 14.45 -28.44 -13.55
C6 FAD E . 13.36 -27.76 -14.17
C7 FAD E . 13.52 -27.24 -15.46
C7M FAD E . 12.14 -26.60 -15.77
C8 FAD E . 14.75 -27.38 -16.13
C8M FAD E . 14.81 -26.75 -17.56
C9 FAD E . 15.82 -28.05 -15.50
C9A FAD E . 15.67 -28.57 -14.21
N10 FAD E . 16.77 -29.26 -13.56
C10 FAD E . 16.61 -29.81 -12.24
C1' FAD E . 18.08 -29.41 -14.28
C2' FAD E . 19.03 -28.29 -13.83
O2' FAD E . 18.43 -27.05 -14.01
C3' FAD E . 20.28 -28.36 -14.67
O3' FAD E . 20.86 -29.61 -14.53
C4' FAD E . 21.25 -27.28 -14.20
O4' FAD E . 20.84 -26.06 -14.66
C5' FAD E . 22.66 -27.60 -14.75
O5' FAD E . 23.59 -26.71 -14.18
P FAD E . 24.67 -26.02 -15.14
O1P FAD E . 25.44 -24.99 -14.39
O2P FAD E . 25.60 -27.11 -15.68
O3P FAD E . 23.91 -25.37 -16.37
PA FAD F . -19.20 1.78 -31.91
O1A FAD F . -18.81 2.44 -30.62
O2A FAD F . -17.98 1.18 -32.52
O5B FAD F . -20.28 0.62 -31.61
C5B FAD F . -20.48 -0.42 -32.57
C4B FAD F . -21.19 -1.62 -31.83
O4B FAD F . -21.78 -2.37 -32.69
C3B FAD F . -20.15 -2.49 -31.14
O3B FAD F . -20.64 -2.95 -29.93
C2B FAD F . -19.93 -3.62 -32.14
O2B FAD F . -19.42 -4.88 -31.41
C1B FAD F . -21.10 -3.82 -32.62
N9A FAD F . -21.03 -4.33 -33.95
C8A FAD F . -20.24 -3.88 -34.96
N7A FAD F . -20.48 -4.66 -36.05
C5A FAD F . -21.43 -5.57 -35.72
C6A FAD F . -22.04 -6.57 -36.45
N6A FAD F . -21.90 -7.03 -37.82
N1A FAD F . -22.96 -7.37 -35.86
C2A FAD F . -23.30 -7.17 -34.55
N3A FAD F . -22.70 -6.17 -33.83
C4A FAD F . -21.77 -5.37 -34.42
N1 FAD F . -15.03 10.28 -29.85
C2 FAD F . -15.30 11.46 -29.04
O2 FAD F . -16.31 12.13 -29.24
N3 FAD F . -14.36 11.84 -27.98
C4 FAD F . -13.19 11.05 -27.74
O4 FAD F . -12.46 11.35 -26.92
C4X FAD F . -12.94 9.84 -28.58
N5 FAD F . -11.78 9.05 -28.36
C5X FAD F . -11.52 7.85 -29.19
C6 FAD F . -10.37 7.05 -28.97
C7 FAD F . -10.15 5.91 -29.77
C7M FAD F . -8.81 5.34 -29.21
C8 FAD F . -11.07 5.58 -30.77
C8M FAD F . -10.71 4.28 -31.59
C9 FAD F . -12.21 6.36 -30.99
C9A FAD F . -12.43 7.50 -30.19
N10 FAD F . -13.62 8.31 -30.42
C10 FAD F . -13.86 9.48 -29.61
C1' FAD F . -14.57 7.94 -31.50
C2' FAD F . -15.73 7.12 -30.88
O2' FAD F . -15.19 6.03 -30.17
C3' FAD F . -16.61 6.61 -31.98
O3' FAD F . -17.10 7.69 -32.71
C4' FAD F . -17.78 5.83 -31.37
O4' FAD F . -17.34 4.58 -30.99
C5' FAD F . -18.90 5.69 -32.42
O5' FAD F . -20.05 5.15 -31.79
P FAD F . -20.85 3.96 -32.54
O1P FAD F . -21.93 3.43 -31.64
O2P FAD F . -21.46 4.49 -33.84
O3P FAD F . -19.82 2.84 -32.91
PA FAD G . -13.46 32.48 15.43
O1A FAD G . -13.94 31.48 14.44
O2A FAD G . -13.16 31.80 16.72
O5B FAD G . -12.11 33.18 14.87
C5B FAD G . -11.24 33.81 15.80
C4B FAD G . -9.86 34.02 15.08
O4B FAD G . -9.21 34.99 15.63
C3B FAD G . -9.01 32.76 15.25
O3B FAD G . -8.36 32.46 14.06
C2B FAD G . -8.02 33.13 16.35
O2B FAD G . -6.71 32.37 16.18
C1B FAD G . -7.83 34.40 16.18
N9A FAD G . -7.54 35.04 17.41
C8A FAD G . -8.21 34.91 18.59
N7A FAD G . -7.60 35.71 19.50
C5A FAD G . -6.56 36.33 18.89
C6A FAD G . -5.62 37.23 19.36
N6A FAD G . -5.39 37.85 20.64
N1A FAD G . -4.66 37.69 18.52
C2A FAD G . -4.63 37.28 17.21
N3A FAD G . -5.56 36.38 16.75
C4A FAD G . -6.52 35.91 17.60
N1 FAD G . -22.01 28.13 14.45
C2 FAD G . -23.01 27.88 13.41
O2 FAD G . -23.58 28.83 12.86
N3 FAD G . -23.32 26.52 13.01
C4 FAD G . -22.66 25.42 13.66
O4 FAD G . -22.89 24.34 13.35
C4X FAD G . -21.64 25.69 14.71
N5 FAD G . -20.98 24.61 15.36
C5X FAD G . -19.97 24.88 16.42
C6 FAD G . -19.30 23.81 17.05
C7 FAD G . -18.35 24.06 18.05
C7M FAD G . -17.86 22.66 18.48
C8 FAD G . -18.07 25.39 18.41
C8M FAD G . -16.99 25.53 19.53
C9 FAD G . -18.73 26.46 17.78
C9A FAD G . -19.68 26.19 16.77
N10 FAD G . -20.36 27.31 16.12
C10 FAD G . -21.35 27.04 15.09
C1' FAD G . -20.05 28.71 16.52
C2' FAD G . -19.02 29.29 15.53
O2' FAD G . -17.93 28.42 15.43
C3' FAD G . -18.53 30.62 16.01
O3' FAD G . -19.62 31.49 16.16
C4' FAD G . -17.55 31.19 14.99
O4' FAD G . -16.30 30.66 15.21
C5' FAD G . -17.47 32.73 15.12
O5' FAD G . -16.58 33.21 14.12
P FAD G . -15.44 34.27 14.56
O1P FAD G . -14.66 34.67 13.35
O2P FAD G . -16.10 35.50 15.18
O3P FAD G . -14.54 33.61 15.67
PA FAD H . 9.42 -10.54 32.91
O1A FAD H . 9.63 -10.63 31.43
O2A FAD H . 9.30 -9.11 33.32
O5B FAD H . 8.06 -11.34 33.30
C5B FAD H . 7.33 -10.93 34.45
C4B FAD H . 5.88 -11.52 34.34
O4B FAD H . 5.43 -11.81 35.51
C3B FAD H . 4.95 -10.47 33.75
O3B FAD H . 4.18 -11.02 32.73
C2B FAD H . 4.07 -10.00 34.90
O2B FAD H . 2.65 -9.77 34.39
C1B FAD H . 4.09 -10.97 35.75
N9A FAD H . 4.13 -10.46 37.07
C8A FAD H . 4.96 -9.51 37.57
N7A FAD H . 4.64 -9.34 38.89
C5A FAD H . 3.62 -10.18 39.19
C6A FAD H . 2.93 -10.40 40.36
N6A FAD H . 3.02 -9.85 41.70
N1A FAD H . 1.93 -11.32 40.38
C2A FAD H . 1.61 -12.02 39.26
N3A FAD H . 2.30 -11.80 38.09
C4A FAD H . 3.30 -10.88 38.06
N1 FAD H . 17.13 -8.90 27.30
C2 FAD H . 17.90 -9.56 26.24
O2 FAD H . 18.46 -10.64 26.47
N3 FAD H . 18.03 -8.95 24.93
C4 FAD H . 17.38 -7.70 24.67
O4 FAD H . 17.47 -7.20 23.64
C4X FAD H . 16.60 -7.05 25.75
N5 FAD H . 15.95 -5.81 25.50
C5X FAD H . 15.16 -5.14 26.57
C6 FAD H . 14.52 -3.90 26.31
C7 FAD H . 13.78 -3.29 27.31
C7M FAD H . 13.25 -1.99 26.64
C8 FAD H . 13.67 -3.89 28.57
C8M FAD H . 12.81 -3.09 29.60
C9 FAD H . 14.31 -5.12 28.82
C9A FAD H . 15.05 -5.74 27.82
N10 FAD H . 15.71 -7.01 28.08
C10 FAD H . 16.48 -7.66 27.04
C1' FAD H . 15.59 -7.65 29.42
C2' FAD H . 14.46 -8.69 29.39
O2' FAD H . 13.31 -8.08 28.89
C3' FAD H . 14.20 -9.16 30.79
O3' FAD H . 15.37 -9.74 31.29
C4' FAD H . 13.08 -10.20 30.78
O4' FAD H . 11.87 -9.56 30.68
C5' FAD H . 13.12 -11.02 32.09
O5' FAD H . 12.27 -12.14 31.97
P FAD H . 11.37 -12.51 33.24
O1P FAD H . 10.41 -13.60 32.90
O2P FAD H . 12.27 -12.96 34.40
O3P FAD H . 10.62 -11.21 33.70
#